data_4O2W
#
_entry.id   4O2W
#
_cell.length_a   53.383
_cell.length_b   70.902
_cell.length_c   105.549
_cell.angle_alpha   70.930
_cell.angle_beta   81.260
_cell.angle_gamma   90.840
#
_symmetry.space_group_name_H-M   'P 1'
#
loop_
_entity.id
_entity.type
_entity.pdbx_description
1 polymer 'E3 ubiquitin-protein ligase HERC1'
2 non-polymer 'MAGNESIUM ION'
3 non-polymer 'CHLORIDE ION'
4 non-polymer 'UNKNOWN ATOM OR ION'
5 water water
#
_entity_poly.entity_id   1
_entity_poly.type   'polypeptide(L)'
_entity_poly.pdbx_seq_one_letter_code
;MHHHHHHSSGRENLYFQGGMDEQIMSWATSRPEDWHLGGKCDVYLWGAGRHGQLAEAGRNVMVPAAAPSFSQAQQVICGQ
NCTFVIQANGTVLACGEGSYGRLGQGNSDDLHVLTVISALQGFVVTQLVTSCGSDGHSMALTESGEVFSWGDGDYGKLGH
GNSDRQRRPRQIEALQGEEVVQMSCGFKHSAVVTSDGKLFTFGNGDYGRLGLGNTSNKKLPERVTALEGYQIGQVACGLN
HTLAVSADGSMVWAFGDGDYGKLGLGNSTAKSSPQKIDVLCGIGIKKVACGTQFSVALTKDGHVYTFGQDRLIGLPEGRA
RNHNRPQQIPVLAGVIIEDVAVGAEHTLALASNGDVYAWGSNSEGQLGLGHTNHVREPTLVTGLQGKNVRQISAGRCHSA
AWTA
;
_entity_poly.pdbx_strand_id   A,B,C,D
#
loop_
_chem_comp.id
_chem_comp.type
_chem_comp.name
_chem_comp.formula
CL non-polymer 'CHLORIDE ION' 'Cl -1'
MG non-polymer 'MAGNESIUM ION' 'Mg 2'
UNX non-polymer 'UNKNOWN ATOM OR ION' ?
#
# COMPACT_ATOMS: atom_id res chain seq x y z
N LYS A 40 22.16 -12.83 -22.15
CA LYS A 40 23.29 -11.86 -21.99
C LYS A 40 22.98 -10.55 -22.70
N CYS A 41 23.64 -9.48 -22.30
CA CYS A 41 23.56 -8.20 -23.01
C CYS A 41 24.95 -7.57 -23.03
N ASP A 42 25.08 -6.41 -23.67
CA ASP A 42 26.35 -5.68 -23.72
C ASP A 42 26.22 -4.50 -22.79
N VAL A 43 27.24 -4.28 -21.98
CA VAL A 43 27.25 -3.20 -21.03
C VAL A 43 28.51 -2.39 -21.23
N TYR A 44 28.32 -1.07 -21.26
CA TYR A 44 29.41 -0.11 -21.39
C TYR A 44 29.40 0.83 -20.19
N LEU A 45 30.60 1.09 -19.66
CA LEU A 45 30.82 1.87 -18.48
C LEU A 45 31.92 2.86 -18.75
N TRP A 46 31.88 4.01 -18.08
CA TRP A 46 32.89 5.07 -18.27
C TRP A 46 32.81 6.08 -17.15
N GLY A 47 33.85 6.88 -17.01
CA GLY A 47 33.98 7.87 -15.96
C GLY A 47 35.03 7.42 -14.95
N ALA A 48 34.86 7.85 -13.70
CA ALA A 48 35.77 7.52 -12.61
C ALA A 48 35.66 6.04 -12.24
N GLY A 49 36.80 5.41 -11.98
CA GLY A 49 36.86 4.00 -11.71
C GLY A 49 37.92 3.64 -10.67
N ARG A 50 38.36 4.61 -9.88
CA ARG A 50 39.44 4.38 -8.91
C ARG A 50 39.08 3.52 -7.68
N HIS A 51 37.77 3.34 -7.42
CA HIS A 51 37.33 2.42 -6.36
C HIS A 51 36.86 1.07 -6.88
N GLY A 52 37.10 0.81 -8.17
CA GLY A 52 36.69 -0.43 -8.81
C GLY A 52 35.23 -0.48 -9.29
N GLN A 53 34.57 0.67 -9.29
CA GLN A 53 33.16 0.72 -9.69
C GLN A 53 32.89 0.40 -11.18
N LEU A 54 33.92 0.44 -12.03
CA LEU A 54 33.78 0.00 -13.42
C LEU A 54 34.37 -1.41 -13.64
N ALA A 55 34.76 -2.09 -12.57
CA ALA A 55 35.40 -3.41 -12.66
C ALA A 55 36.47 -3.42 -13.76
N GLU A 56 36.41 -4.37 -14.69
CA GLU A 56 37.50 -4.54 -15.67
C GLU A 56 37.53 -3.47 -16.76
N ALA A 57 36.48 -2.66 -16.89
CA ALA A 57 36.50 -1.56 -17.84
C ALA A 57 37.58 -0.51 -17.59
N GLY A 58 38.10 -0.41 -16.37
CA GLY A 58 39.27 0.42 -16.09
C GLY A 58 39.13 1.36 -14.90
N ARG A 59 40.18 2.17 -14.70
CA ARG A 59 40.26 3.07 -13.56
CA ARG A 59 40.27 3.08 -13.56
C ARG A 59 39.88 4.52 -13.88
N ASN A 60 40.21 4.98 -15.07
CA ASN A 60 39.84 6.33 -15.51
C ASN A 60 39.49 6.23 -16.98
N VAL A 61 38.20 6.27 -17.27
CA VAL A 61 37.69 5.92 -18.57
C VAL A 61 36.93 7.11 -19.19
N MET A 62 37.43 7.61 -20.32
CA MET A 62 36.87 8.80 -20.98
C MET A 62 35.90 8.48 -22.12
N VAL A 63 35.85 7.22 -22.53
CA VAL A 63 34.99 6.77 -23.63
C VAL A 63 34.34 5.47 -23.21
N PRO A 64 33.09 5.23 -23.60
CA PRO A 64 32.42 4.02 -23.17
C PRO A 64 33.26 2.77 -23.38
N ALA A 65 33.37 1.92 -22.36
CA ALA A 65 34.22 0.75 -22.48
C ALA A 65 33.44 -0.48 -22.15
N ALA A 66 33.61 -1.53 -22.93
CA ALA A 66 32.88 -2.79 -22.70
C ALA A 66 33.18 -3.39 -21.32
N ALA A 67 32.15 -3.93 -20.68
CA ALA A 67 32.32 -4.62 -19.39
C ALA A 67 31.70 -6.02 -19.47
N PRO A 68 32.45 -6.99 -20.03
CA PRO A 68 31.96 -8.36 -20.21
C PRO A 68 31.41 -9.01 -18.92
N SER A 69 32.00 -8.71 -17.77
CA SER A 69 31.56 -9.29 -16.48
C SER A 69 30.17 -8.86 -16.08
N PHE A 70 29.69 -7.76 -16.65
CA PHE A 70 28.35 -7.25 -16.39
C PHE A 70 27.28 -7.87 -17.31
N SER A 71 27.63 -8.87 -18.12
CA SER A 71 26.76 -9.29 -19.24
CA SER A 71 26.77 -9.31 -19.23
C SER A 71 25.43 -9.93 -18.83
N GLN A 72 25.30 -10.38 -17.58
CA GLN A 72 24.01 -10.88 -17.08
C GLN A 72 23.11 -9.79 -16.48
N ALA A 73 23.49 -8.51 -16.62
CA ALA A 73 22.66 -7.41 -16.10
C ALA A 73 21.36 -7.26 -16.88
N GLN A 74 20.24 -7.13 -16.18
CA GLN A 74 19.02 -6.58 -16.75
C GLN A 74 19.00 -5.07 -16.45
N GLN A 75 19.53 -4.67 -15.28
CA GLN A 75 19.69 -3.26 -14.93
C GLN A 75 21.08 -3.02 -14.33
N VAL A 76 21.59 -1.83 -14.54
CA VAL A 76 22.83 -1.35 -13.96
C VAL A 76 22.52 0.00 -13.33
N ILE A 77 22.97 0.19 -12.09
CA ILE A 77 22.67 1.41 -11.35
C ILE A 77 23.95 2.01 -10.80
N CYS A 78 24.30 3.17 -11.31
CA CYS A 78 25.52 3.86 -10.93
C CYS A 78 25.22 4.80 -9.78
N GLY A 79 26.10 4.79 -8.78
CA GLY A 79 25.87 5.56 -7.57
C GLY A 79 27.07 6.42 -7.19
N GLN A 80 27.32 6.50 -5.90
CA GLN A 80 28.45 7.28 -5.40
CA GLN A 80 28.42 7.28 -5.35
C GLN A 80 29.71 6.41 -5.38
N ASN A 81 30.47 6.48 -6.47
CA ASN A 81 31.66 5.65 -6.69
C ASN A 81 31.39 4.16 -6.54
N CYS A 82 30.15 3.76 -6.83
CA CYS A 82 29.75 2.36 -6.73
C CYS A 82 28.75 2.03 -7.84
N THR A 83 28.62 0.74 -8.13
CA THR A 83 27.74 0.29 -9.17
C THR A 83 27.02 -0.97 -8.70
N PHE A 84 25.70 -1.03 -8.94
CA PHE A 84 24.89 -2.24 -8.71
C PHE A 84 24.32 -2.79 -10.02
N VAL A 85 24.10 -4.11 -10.02
CA VAL A 85 23.46 -4.83 -11.10
C VAL A 85 22.29 -5.60 -10.55
N ILE A 86 21.17 -5.58 -11.27
CA ILE A 86 20.05 -6.47 -11.00
C ILE A 86 19.98 -7.48 -12.17
N GLN A 87 20.11 -8.78 -11.86
CA GLN A 87 19.87 -9.82 -12.86
C GLN A 87 18.37 -10.04 -13.09
N ALA A 88 18.04 -10.69 -14.20
CA ALA A 88 16.64 -10.95 -14.55
C ALA A 88 15.96 -11.85 -13.52
N ASN A 89 16.71 -12.66 -12.76
CA ASN A 89 16.13 -13.46 -11.68
C ASN A 89 16.00 -12.74 -10.32
N GLY A 90 16.35 -11.45 -10.23
CA GLY A 90 16.16 -10.72 -8.97
C GLY A 90 17.37 -10.64 -8.06
N THR A 91 18.44 -11.33 -8.41
CA THR A 91 19.71 -11.23 -7.70
C THR A 91 20.38 -9.90 -7.94
N VAL A 92 20.97 -9.34 -6.89
CA VAL A 92 21.63 -8.05 -6.99
C VAL A 92 23.13 -8.24 -6.68
N LEU A 93 24.00 -7.60 -7.48
CA LEU A 93 25.45 -7.60 -7.21
C LEU A 93 25.93 -6.17 -7.11
N ALA A 94 27.11 -5.97 -6.51
CA ALA A 94 27.66 -4.64 -6.29
C ALA A 94 29.19 -4.62 -6.44
N CYS A 95 29.73 -3.45 -6.80
CA CYS A 95 31.16 -3.24 -6.75
C CYS A 95 31.43 -1.77 -6.59
N GLY A 96 32.68 -1.44 -6.30
CA GLY A 96 33.08 -0.07 -6.12
C GLY A 96 33.36 0.27 -4.66
N GLU A 97 33.18 1.55 -4.31
CA GLU A 97 33.50 2.03 -2.98
C GLU A 97 32.51 1.47 -1.95
N GLY A 98 33.07 0.97 -0.86
CA GLY A 98 32.30 0.29 0.17
C GLY A 98 32.10 1.10 1.43
N SER A 99 32.65 2.31 1.46
CA SER A 99 32.52 3.19 2.63
C SER A 99 31.10 3.23 3.21
N TYR A 100 31.01 3.20 4.54
CA TYR A 100 29.75 3.30 5.27
C TYR A 100 28.68 2.26 4.85
N GLY A 101 29.12 1.02 4.65
CA GLY A 101 28.28 -0.09 4.22
C GLY A 101 27.65 0.01 2.85
N ARG A 102 28.28 0.73 1.92
CA ARG A 102 27.61 1.14 0.70
C ARG A 102 27.10 -0.03 -0.14
N LEU A 103 27.89 -1.09 -0.15
CA LEU A 103 27.64 -2.20 -1.04
C LEU A 103 26.75 -3.30 -0.42
N GLY A 104 26.34 -3.10 0.84
CA GLY A 104 25.38 -4.01 1.47
C GLY A 104 25.91 -5.39 1.79
N GLN A 105 27.23 -5.51 1.93
CA GLN A 105 27.92 -6.79 2.13
C GLN A 105 28.08 -7.15 3.60
N GLY A 106 27.64 -6.28 4.50
CA GLY A 106 27.84 -6.48 5.92
C GLY A 106 29.19 -5.97 6.39
N ASN A 107 29.91 -5.26 5.54
CA ASN A 107 31.19 -4.68 5.91
C ASN A 107 31.31 -3.40 5.12
N SER A 108 32.47 -2.74 5.16
CA SER A 108 32.70 -1.53 4.35
C SER A 108 33.87 -1.65 3.37
N ASP A 109 34.16 -2.86 2.92
CA ASP A 109 35.27 -3.10 2.01
C ASP A 109 34.98 -2.60 0.59
N ASP A 110 35.95 -1.97 -0.05
CA ASP A 110 35.88 -1.68 -1.50
C ASP A 110 35.97 -2.99 -2.29
N LEU A 111 35.20 -3.11 -3.37
CA LEU A 111 35.21 -4.32 -4.19
C LEU A 111 35.45 -4.00 -5.66
N HIS A 112 36.37 -4.73 -6.29
CA HIS A 112 36.73 -4.48 -7.69
C HIS A 112 36.06 -5.45 -8.67
N VAL A 113 35.31 -6.42 -8.16
CA VAL A 113 34.48 -7.28 -9.00
C VAL A 113 33.07 -7.29 -8.46
N LEU A 114 32.09 -7.49 -9.36
CA LEU A 114 30.70 -7.64 -8.96
C LEU A 114 30.56 -8.78 -7.99
N THR A 115 29.89 -8.51 -6.87
CA THR A 115 29.75 -9.45 -5.77
C THR A 115 28.29 -9.48 -5.33
N VAL A 116 27.74 -10.68 -5.21
CA VAL A 116 26.34 -10.85 -4.84
C VAL A 116 26.10 -10.22 -3.46
N ILE A 117 24.98 -9.48 -3.32
CA ILE A 117 24.51 -9.03 -2.04
C ILE A 117 23.71 -10.20 -1.42
N SER A 118 24.38 -11.02 -0.61
CA SER A 118 23.79 -12.21 -0.03
CA SER A 118 23.78 -12.22 -0.04
C SER A 118 22.59 -11.88 0.85
N ALA A 119 22.59 -10.73 1.49
CA ALA A 119 21.46 -10.33 2.33
C ALA A 119 20.15 -10.04 1.59
N LEU A 120 20.15 -10.00 0.25
CA LEU A 120 18.88 -9.93 -0.48
C LEU A 120 18.54 -11.24 -1.14
N GLN A 121 19.40 -12.25 -0.98
CA GLN A 121 19.10 -13.56 -1.54
C GLN A 121 17.86 -14.08 -0.87
N GLY A 122 16.94 -14.60 -1.69
N GLY A 122 16.91 -14.57 -1.67
CA GLY A 122 15.63 -15.06 -1.22
CA GLY A 122 15.61 -15.05 -1.16
C GLY A 122 14.54 -14.18 -1.81
C GLY A 122 14.54 -14.00 -1.43
N PHE A 123 14.83 -12.90 -1.90
N PHE A 123 14.93 -12.94 -2.11
CA PHE A 123 13.91 -11.91 -2.46
CA PHE A 123 14.02 -11.89 -2.48
C PHE A 123 14.24 -11.63 -3.92
C PHE A 123 14.28 -11.56 -3.95
N VAL A 124 13.21 -11.38 -4.73
CA VAL A 124 13.37 -10.98 -6.11
C VAL A 124 13.31 -9.44 -6.12
N VAL A 125 14.45 -8.82 -6.41
CA VAL A 125 14.55 -7.37 -6.46
C VAL A 125 14.18 -6.91 -7.85
N THR A 126 13.26 -5.95 -7.94
CA THR A 126 12.77 -5.43 -9.21
C THR A 126 13.33 -4.04 -9.55
N GLN A 127 13.65 -3.25 -8.52
CA GLN A 127 14.21 -1.92 -8.73
C GLN A 127 15.20 -1.57 -7.63
N LEU A 128 16.15 -0.72 -7.97
CA LEU A 128 17.15 -0.27 -7.00
C LEU A 128 17.56 1.16 -7.30
N VAL A 129 17.66 1.95 -6.25
CA VAL A 129 18.10 3.33 -6.35
C VAL A 129 19.20 3.59 -5.34
N THR A 130 20.09 4.50 -5.65
CA THR A 130 21.20 4.81 -4.78
C THR A 130 21.55 6.29 -4.90
N SER A 131 22.09 6.89 -3.85
CA SER A 131 22.38 8.32 -3.88
C SER A 131 23.63 8.62 -4.74
N CYS A 132 23.74 9.85 -5.21
CA CYS A 132 24.89 10.29 -5.98
C CYS A 132 25.79 11.25 -5.20
N GLY A 133 25.70 11.26 -3.89
CA GLY A 133 26.52 12.16 -3.09
C GLY A 133 26.37 11.95 -1.61
N SER A 134 27.05 12.82 -0.85
CA SER A 134 27.18 12.69 0.59
C SER A 134 27.76 11.28 0.85
N ASP A 135 27.40 10.64 1.96
CA ASP A 135 28.07 9.41 2.34
C ASP A 135 27.43 8.13 1.83
N GLY A 136 26.32 8.27 1.11
CA GLY A 136 25.87 7.16 0.27
C GLY A 136 24.83 6.32 0.96
N HIS A 137 23.72 6.08 0.26
CA HIS A 137 22.75 5.12 0.74
C HIS A 137 21.94 4.60 -0.42
N SER A 138 21.23 3.50 -0.20
CA SER A 138 20.56 2.76 -1.25
C SER A 138 19.21 2.20 -0.79
N MET A 139 18.31 1.98 -1.74
CA MET A 139 17.05 1.32 -1.47
C MET A 139 16.75 0.31 -2.57
N ALA A 140 16.30 -0.88 -2.18
CA ALA A 140 15.89 -1.89 -3.17
C ALA A 140 14.42 -2.27 -2.94
N LEU A 141 13.74 -2.56 -4.03
CA LEU A 141 12.32 -2.86 -4.00
C LEU A 141 12.12 -4.29 -4.42
N THR A 142 11.32 -5.04 -3.67
CA THR A 142 11.01 -6.42 -4.05
C THR A 142 9.75 -6.51 -4.93
N GLU A 143 9.51 -7.72 -5.45
CA GLU A 143 8.26 -8.06 -6.13
C GLU A 143 7.00 -7.84 -5.33
N SER A 144 7.07 -8.02 -4.02
CA SER A 144 5.91 -7.83 -3.18
C SER A 144 5.72 -6.35 -2.71
N GLY A 145 6.55 -5.42 -3.18
CA GLY A 145 6.40 -4.00 -2.87
C GLY A 145 7.08 -3.59 -1.57
N GLU A 146 8.06 -4.39 -1.14
CA GLU A 146 8.76 -4.11 0.13
C GLU A 146 10.07 -3.42 -0.18
N VAL A 147 10.49 -2.53 0.71
CA VAL A 147 11.69 -1.72 0.51
C VAL A 147 12.75 -2.06 1.53
N PHE A 148 13.96 -2.28 1.05
CA PHE A 148 15.11 -2.58 1.90
C PHE A 148 16.12 -1.46 1.73
N SER A 149 16.64 -0.92 2.84
CA SER A 149 17.62 0.16 2.72
C SER A 149 18.94 -0.17 3.41
N TRP A 150 20.01 0.48 2.96
CA TRP A 150 21.34 0.26 3.56
C TRP A 150 22.29 1.38 3.21
N GLY A 151 23.39 1.45 3.96
CA GLY A 151 24.40 2.48 3.76
C GLY A 151 24.51 3.37 5.00
N ASP A 152 24.88 4.61 4.76
CA ASP A 152 25.04 5.57 5.83
C ASP A 152 23.70 5.95 6.43
N GLY A 153 23.65 5.97 7.76
CA GLY A 153 22.42 6.17 8.51
C GLY A 153 22.11 7.59 8.93
N ASP A 154 23.04 8.51 8.70
CA ASP A 154 22.87 9.88 9.18
C ASP A 154 21.54 10.49 8.73
N TYR A 155 20.92 11.24 9.64
CA TYR A 155 19.73 12.03 9.37
C TYR A 155 18.45 11.21 9.32
N GLY A 156 18.56 9.91 9.48
CA GLY A 156 17.38 9.04 9.44
C GLY A 156 16.94 8.64 8.06
N LYS A 157 17.80 8.91 7.07
CA LYS A 157 17.47 8.67 5.69
C LYS A 157 17.23 7.21 5.31
N LEU A 158 17.58 6.26 6.16
CA LEU A 158 17.31 4.83 5.89
C LEU A 158 15.91 4.41 6.34
N GLY A 159 15.28 5.21 7.19
CA GLY A 159 13.88 5.00 7.61
C GLY A 159 13.59 3.96 8.70
N HIS A 160 14.59 3.61 9.51
CA HIS A 160 14.49 2.54 10.53
C HIS A 160 14.22 3.09 11.94
N GLY A 161 13.97 4.38 12.05
CA GLY A 161 13.71 5.03 13.33
C GLY A 161 14.94 5.20 14.20
N ASN A 162 16.10 5.28 13.55
CA ASN A 162 17.36 5.59 14.20
C ASN A 162 18.32 6.13 13.12
N SER A 163 19.53 6.48 13.50
CA SER A 163 20.48 6.99 12.52
C SER A 163 21.72 6.08 12.42
N ASP A 164 21.53 4.81 12.75
CA ASP A 164 22.59 3.80 12.65
C ASP A 164 22.91 3.39 11.23
N ARG A 165 24.19 3.24 10.95
CA ARG A 165 24.64 2.61 9.70
C ARG A 165 23.98 1.23 9.53
N GLN A 166 23.71 0.84 8.29
CA GLN A 166 23.23 -0.50 8.00
C GLN A 166 24.11 -1.04 6.91
N ARG A 167 24.97 -1.99 7.26
CA ARG A 167 25.95 -2.53 6.34
C ARG A 167 25.37 -3.65 5.48
N ARG A 168 24.16 -4.06 5.80
CA ARG A 168 23.36 -4.95 4.95
C ARG A 168 21.95 -4.39 4.76
N PRO A 169 21.31 -4.73 3.63
CA PRO A 169 19.93 -4.32 3.36
C PRO A 169 18.98 -4.72 4.48
N ARG A 170 18.23 -3.76 4.99
CA ARG A 170 17.26 -4.06 6.03
C ARG A 170 15.89 -3.54 5.61
N GLN A 171 14.86 -4.37 5.78
CA GLN A 171 13.50 -3.94 5.42
C GLN A 171 13.05 -2.73 6.22
N ILE A 172 12.46 -1.74 5.54
CA ILE A 172 11.88 -0.59 6.23
C ILE A 172 10.52 -1.02 6.77
N GLU A 173 10.49 -1.44 8.03
CA GLU A 173 9.30 -2.06 8.64
C GLU A 173 8.09 -1.13 8.65
N ALA A 174 8.33 0.16 8.83
CA ALA A 174 7.25 1.14 8.84
C ALA A 174 6.42 1.18 7.54
N LEU A 175 6.99 0.70 6.42
CA LEU A 175 6.26 0.59 5.16
C LEU A 175 5.58 -0.77 4.93
N GLN A 176 5.65 -1.65 5.91
CA GLN A 176 4.92 -2.91 5.92
C GLN A 176 3.46 -2.68 5.46
N GLY A 177 2.98 -3.48 4.52
CA GLY A 177 1.59 -3.32 4.08
C GLY A 177 1.40 -2.26 3.00
N GLU A 178 2.36 -1.34 2.85
CA GLU A 178 2.39 -0.46 1.68
C GLU A 178 3.03 -1.19 0.52
N GLU A 179 2.44 -1.02 -0.66
CA GLU A 179 2.98 -1.58 -1.87
C GLU A 179 3.72 -0.45 -2.58
N VAL A 180 5.03 -0.39 -2.36
CA VAL A 180 5.86 0.64 -2.96
C VAL A 180 6.10 0.27 -4.42
N VAL A 181 6.00 1.25 -5.29
CA VAL A 181 6.23 1.02 -6.72
C VAL A 181 7.36 1.87 -7.30
N GLN A 182 7.82 2.89 -6.59
CA GLN A 182 8.87 3.76 -7.15
C GLN A 182 9.58 4.42 -5.98
N MET A 183 10.85 4.77 -6.15
CA MET A 183 11.70 5.22 -5.03
C MET A 183 12.75 6.19 -5.54
N SER A 184 13.29 7.03 -4.66
CA SER A 184 14.43 7.89 -5.02
C SER A 184 15.30 8.13 -3.80
N CYS A 185 16.61 8.16 -4.01
CA CYS A 185 17.57 8.51 -2.98
C CYS A 185 18.19 9.87 -3.27
N GLY A 186 17.98 10.86 -2.41
CA GLY A 186 18.69 12.11 -2.49
C GLY A 186 20.04 11.96 -1.79
N PHE A 187 20.76 13.06 -1.62
CA PHE A 187 22.04 13.03 -0.93
C PHE A 187 21.84 12.69 0.54
N LYS A 188 20.85 13.31 1.16
CA LYS A 188 20.62 13.09 2.59
C LYS A 188 19.17 12.80 2.95
N HIS A 189 18.34 12.51 1.95
CA HIS A 189 16.96 12.12 2.20
C HIS A 189 16.53 11.11 1.18
N SER A 190 15.38 10.49 1.44
CA SER A 190 14.84 9.47 0.58
C SER A 190 13.31 9.65 0.42
N ALA A 191 12.75 8.98 -0.57
CA ALA A 191 11.32 9.09 -0.82
C ALA A 191 10.81 7.87 -1.56
N VAL A 192 9.55 7.52 -1.30
CA VAL A 192 8.92 6.35 -1.93
C VAL A 192 7.48 6.72 -2.33
N VAL A 193 7.02 6.09 -3.40
CA VAL A 193 5.69 6.26 -3.91
C VAL A 193 5.01 4.88 -3.86
N THR A 194 3.75 4.87 -3.45
CA THR A 194 2.96 3.65 -3.31
C THR A 194 2.04 3.45 -4.51
N SER A 195 1.58 2.22 -4.71
CA SER A 195 0.68 1.84 -5.79
C SER A 195 -0.65 2.60 -5.79
N ASP A 196 -1.09 3.03 -4.61
CA ASP A 196 -2.30 3.80 -4.50
C ASP A 196 -2.04 5.31 -4.48
N GLY A 197 -0.81 5.73 -4.83
CA GLY A 197 -0.53 7.12 -5.16
C GLY A 197 -0.16 8.05 -4.01
N LYS A 198 0.31 7.51 -2.91
CA LYS A 198 0.79 8.29 -1.79
C LYS A 198 2.30 8.43 -1.88
N LEU A 199 2.80 9.50 -1.28
CA LEU A 199 4.22 9.86 -1.29
C LEU A 199 4.71 9.98 0.16
N PHE A 200 5.79 9.29 0.47
CA PHE A 200 6.40 9.32 1.81
C PHE A 200 7.84 9.78 1.72
N THR A 201 8.25 10.63 2.66
CA THR A 201 9.61 11.16 2.68
C THR A 201 10.25 10.99 4.06
N PHE A 202 11.58 11.03 4.09
CA PHE A 202 12.32 10.82 5.33
C PHE A 202 13.80 11.16 5.15
N GLY A 203 14.46 11.47 6.24
CA GLY A 203 15.86 11.86 6.22
C GLY A 203 16.01 13.30 6.65
N ASN A 204 17.00 13.99 6.12
CA ASN A 204 17.30 15.35 6.52
C ASN A 204 16.20 16.31 6.07
N GLY A 205 15.77 17.16 6.99
CA GLY A 205 14.68 18.09 6.74
C GLY A 205 15.10 19.48 6.33
N ASP A 206 16.39 19.80 6.40
CA ASP A 206 16.85 21.15 6.04
C ASP A 206 16.30 21.66 4.70
N TYR A 207 15.88 22.93 4.74
CA TYR A 207 15.40 23.73 3.61
C TYR A 207 14.10 23.24 3.01
N GLY A 208 13.34 22.41 3.73
CA GLY A 208 12.01 21.97 3.30
C GLY A 208 11.94 20.75 2.38
N ARG A 209 13.02 20.00 2.27
CA ARG A 209 13.14 19.00 1.20
C ARG A 209 12.22 17.80 1.34
N LEU A 210 11.67 17.58 2.52
CA LEU A 210 10.73 16.47 2.74
C LEU A 210 9.30 16.85 2.39
N GLY A 211 9.03 18.14 2.17
CA GLY A 211 7.69 18.61 1.79
C GLY A 211 6.64 18.47 2.89
N LEU A 212 7.06 18.53 4.15
CA LEU A 212 6.13 18.38 5.27
C LEU A 212 5.76 19.73 5.93
N GLY A 213 6.16 20.85 5.35
CA GLY A 213 5.81 22.16 5.91
C GLY A 213 6.64 22.63 7.10
N ASN A 214 7.77 21.98 7.34
CA ASN A 214 8.72 22.39 8.38
C ASN A 214 10.11 21.88 7.94
N THR A 215 11.11 21.97 8.80
CA THR A 215 12.47 21.57 8.43
C THR A 215 13.11 20.55 9.39
N SER A 216 12.29 19.83 10.15
CA SER A 216 12.78 18.78 11.03
C SER A 216 13.23 17.53 10.25
N ASN A 217 14.25 16.85 10.79
CA ASN A 217 14.68 15.53 10.28
C ASN A 217 13.67 14.47 10.67
N LYS A 218 13.44 13.49 9.79
CA LYS A 218 12.51 12.41 10.05
C LYS A 218 13.21 11.07 9.87
N LYS A 219 13.24 10.25 10.92
CA LYS A 219 13.89 8.94 10.91
C LYS A 219 12.93 7.81 10.54
N LEU A 220 11.64 8.12 10.38
CA LEU A 220 10.64 7.18 9.88
C LEU A 220 9.92 7.83 8.68
N PRO A 221 9.49 7.03 7.70
CA PRO A 221 8.77 7.59 6.55
C PRO A 221 7.53 8.38 6.96
N GLU A 222 7.34 9.54 6.36
CA GLU A 222 6.26 10.47 6.70
C GLU A 222 5.45 10.73 5.44
N ARG A 223 4.12 10.65 5.53
CA ARG A 223 3.25 10.95 4.39
C ARG A 223 3.28 12.45 4.10
N VAL A 224 3.46 12.80 2.83
CA VAL A 224 3.39 14.17 2.38
C VAL A 224 1.90 14.51 2.26
N THR A 225 1.32 14.99 3.36
CA THR A 225 -0.14 15.19 3.45
C THR A 225 -0.62 16.24 2.47
N ALA A 226 0.24 17.18 2.12
CA ALA A 226 -0.16 18.19 1.15
C ALA A 226 -0.58 17.59 -0.20
N LEU A 227 -0.14 16.37 -0.52
CA LEU A 227 -0.42 15.78 -1.81
C LEU A 227 -1.42 14.65 -1.74
N GLU A 228 -1.94 14.44 -0.54
CA GLU A 228 -2.86 13.36 -0.25
C GLU A 228 -4.13 13.36 -1.11
N GLY A 229 -4.60 14.55 -1.51
CA GLY A 229 -5.74 14.65 -2.43
C GLY A 229 -5.45 14.27 -3.88
N TYR A 230 -4.18 14.04 -4.22
CA TYR A 230 -3.78 13.65 -5.56
C TYR A 230 -3.25 12.19 -5.55
N GLN A 231 -3.04 11.66 -6.76
CA GLN A 231 -2.37 10.37 -7.00
C GLN A 231 -0.96 10.63 -7.50
N ILE A 232 0.03 10.41 -6.65
CA ILE A 232 1.42 10.60 -7.02
C ILE A 232 1.94 9.34 -7.71
N GLY A 233 2.55 9.53 -8.88
CA GLY A 233 3.13 8.45 -9.67
C GLY A 233 4.65 8.33 -9.55
N GLN A 234 5.36 9.43 -9.33
CA GLN A 234 6.82 9.33 -9.16
C GLN A 234 7.45 10.49 -8.41
N VAL A 235 8.64 10.22 -7.88
CA VAL A 235 9.37 11.21 -7.09
C VAL A 235 10.84 11.15 -7.48
N ALA A 236 11.50 12.31 -7.46
CA ALA A 236 12.95 12.36 -7.65
C ALA A 236 13.56 13.31 -6.64
N CYS A 237 14.73 12.94 -6.14
CA CYS A 237 15.36 13.63 -5.04
C CYS A 237 16.77 14.04 -5.43
N GLY A 238 17.17 15.29 -5.12
CA GLY A 238 18.52 15.78 -5.43
C GLY A 238 19.41 15.95 -4.21
N LEU A 239 20.39 16.85 -4.33
CA LEU A 239 21.21 17.27 -3.20
C LEU A 239 20.31 17.74 -2.08
N ASN A 240 19.36 18.65 -2.38
CA ASN A 240 18.45 19.16 -1.37
C ASN A 240 17.09 19.69 -1.87
N HIS A 241 16.61 19.16 -2.98
CA HIS A 241 15.25 19.41 -3.40
C HIS A 241 14.65 18.12 -3.94
N THR A 242 13.35 18.16 -4.17
CA THR A 242 12.58 16.99 -4.52
C THR A 242 11.52 17.42 -5.51
N LEU A 243 11.28 16.58 -6.52
CA LEU A 243 10.17 16.79 -7.44
C LEU A 243 9.25 15.59 -7.38
N ALA A 244 7.95 15.82 -7.60
CA ALA A 244 6.98 14.75 -7.70
C ALA A 244 6.03 14.98 -8.87
N VAL A 245 5.67 13.89 -9.54
CA VAL A 245 4.76 13.91 -10.69
C VAL A 245 3.49 13.10 -10.37
N SER A 246 2.32 13.61 -10.78
CA SER A 246 1.04 12.91 -10.58
C SER A 246 1.03 11.68 -11.45
N ALA A 247 0.23 10.70 -11.08
CA ALA A 247 0.16 9.44 -11.84
C ALA A 247 -0.26 9.61 -13.31
N ASP A 248 -1.12 10.58 -13.60
CA ASP A 248 -1.55 10.79 -14.98
C ASP A 248 -0.59 11.69 -15.78
N GLY A 249 0.53 12.11 -15.17
CA GLY A 249 1.51 12.93 -15.88
C GLY A 249 1.10 14.38 -16.06
N SER A 250 -0.05 14.78 -15.51
CA SER A 250 -0.61 16.11 -15.76
C SER A 250 -0.12 17.18 -14.81
N MET A 251 0.50 16.80 -13.68
CA MET A 251 0.89 17.76 -12.66
C MET A 251 2.27 17.42 -12.10
N VAL A 252 3.07 18.46 -11.83
CA VAL A 252 4.39 18.31 -11.22
C VAL A 252 4.52 19.29 -10.07
N TRP A 253 5.11 18.85 -8.98
CA TRP A 253 5.37 19.71 -7.82
C TRP A 253 6.87 19.71 -7.48
N ALA A 254 7.34 20.81 -6.89
CA ALA A 254 8.71 20.93 -6.37
C ALA A 254 8.69 21.43 -4.93
N PHE A 255 9.71 21.04 -4.17
CA PHE A 255 9.93 21.57 -2.82
C PHE A 255 11.37 21.31 -2.41
N GLY A 256 11.83 22.05 -1.43
CA GLY A 256 13.21 21.96 -0.99
C GLY A 256 13.91 23.28 -1.20
N ASP A 257 15.24 23.21 -1.21
CA ASP A 257 16.05 24.40 -1.39
C ASP A 257 15.84 24.98 -2.79
N GLY A 258 15.88 26.30 -2.89
CA GLY A 258 15.53 27.00 -4.13
C GLY A 258 16.70 27.50 -4.97
N ASP A 259 17.93 27.25 -4.53
CA ASP A 259 19.11 27.81 -5.21
C ASP A 259 19.12 27.52 -6.69
N TYR A 260 19.57 28.54 -7.42
CA TYR A 260 19.73 28.48 -8.84
C TYR A 260 18.40 28.28 -9.57
N GLY A 261 17.26 28.51 -8.91
CA GLY A 261 15.95 28.39 -9.57
C GLY A 261 15.58 26.95 -9.91
N LYS A 262 16.23 25.99 -9.25
CA LYS A 262 16.02 24.57 -9.56
C LYS A 262 14.62 24.03 -9.19
N LEU A 263 13.83 24.81 -8.48
CA LEU A 263 12.43 24.46 -8.23
C LEU A 263 11.52 24.83 -9.39
N GLY A 264 12.02 25.69 -10.27
CA GLY A 264 11.31 26.03 -11.49
C GLY A 264 10.09 26.91 -11.24
N LEU A 265 10.10 27.66 -10.15
CA LEU A 265 8.98 28.51 -9.76
C LEU A 265 9.26 29.97 -10.04
N GLY A 266 10.38 30.27 -10.69
CA GLY A 266 10.70 31.63 -11.13
C GLY A 266 11.42 32.48 -10.11
N ASN A 267 12.03 31.86 -9.11
CA ASN A 267 12.88 32.59 -8.17
C ASN A 267 13.82 31.59 -7.52
N SER A 268 14.54 31.98 -6.47
CA SER A 268 15.43 31.06 -5.79
C SER A 268 15.10 30.82 -4.32
N THR A 269 13.81 30.93 -3.98
CA THR A 269 13.35 30.75 -2.60
C THR A 269 13.04 29.29 -2.28
N ALA A 270 13.52 28.81 -1.14
CA ALA A 270 13.22 27.46 -0.65
C ALA A 270 11.73 27.32 -0.31
N LYS A 271 11.15 26.13 -0.49
CA LYS A 271 9.74 25.88 -0.19
C LYS A 271 9.63 24.62 0.64
N SER A 272 8.94 24.70 1.78
CA SER A 272 8.77 23.51 2.60
C SER A 272 7.51 22.71 2.29
N SER A 273 6.61 23.23 1.46
CA SER A 273 5.46 22.47 0.98
C SER A 273 5.52 22.36 -0.54
N PRO A 274 4.90 21.30 -1.12
CA PRO A 274 4.98 21.13 -2.56
C PRO A 274 4.30 22.28 -3.25
N GLN A 275 4.92 22.77 -4.34
CA GLN A 275 4.39 23.88 -5.12
C GLN A 275 4.30 23.41 -6.56
N LYS A 276 3.13 23.60 -7.18
CA LYS A 276 2.95 23.28 -8.58
C LYS A 276 3.93 24.05 -9.48
N ILE A 277 4.53 23.33 -10.41
CA ILE A 277 5.35 23.94 -11.45
C ILE A 277 4.46 24.17 -12.67
N ASP A 278 3.91 25.37 -12.78
CA ASP A 278 2.85 25.62 -13.76
C ASP A 278 3.23 25.29 -15.19
N VAL A 279 4.46 25.62 -15.59
CA VAL A 279 4.94 25.35 -16.95
C VAL A 279 4.86 23.84 -17.29
N LEU A 280 5.00 22.97 -16.29
CA LEU A 280 4.98 21.53 -16.51
C LEU A 280 3.59 20.89 -16.29
N CYS A 281 2.57 21.68 -15.98
CA CYS A 281 1.27 21.09 -15.72
C CYS A 281 0.45 21.14 -17.01
N GLY A 282 -0.11 20.00 -17.38
CA GLY A 282 -0.97 19.92 -18.56
C GLY A 282 -0.25 19.51 -19.83
N ILE A 283 1.08 19.38 -19.78
CA ILE A 283 1.82 19.03 -20.98
C ILE A 283 2.09 17.53 -21.10
N GLY A 284 1.75 16.73 -20.09
CA GLY A 284 2.02 15.27 -20.15
C GLY A 284 3.47 14.88 -19.85
N ILE A 285 3.79 14.77 -18.56
CA ILE A 285 5.14 14.43 -18.09
C ILE A 285 5.31 12.91 -17.84
N LYS A 286 6.35 12.34 -18.45
CA LYS A 286 6.69 10.93 -18.31
C LYS A 286 7.63 10.69 -17.13
N LYS A 287 8.57 11.60 -16.91
CA LYS A 287 9.60 11.36 -15.92
C LYS A 287 10.28 12.65 -15.52
N VAL A 288 10.63 12.74 -14.25
CA VAL A 288 11.50 13.81 -13.76
C VAL A 288 12.77 13.25 -13.07
N ALA A 289 13.80 14.09 -12.97
CA ALA A 289 15.03 13.71 -12.31
C ALA A 289 15.71 14.95 -11.77
N CYS A 290 16.58 14.76 -10.76
CA CYS A 290 17.20 15.86 -10.02
C CYS A 290 18.69 15.65 -9.91
N GLY A 291 19.46 16.72 -10.07
CA GLY A 291 20.88 16.70 -9.78
C GLY A 291 21.16 17.59 -8.58
N THR A 292 22.41 18.01 -8.45
CA THR A 292 22.83 18.84 -7.36
C THR A 292 22.09 20.18 -7.38
N GLN A 293 22.07 20.84 -8.53
CA GLN A 293 21.54 22.21 -8.58
C GLN A 293 20.63 22.44 -9.78
N PHE A 294 19.96 21.39 -10.22
CA PHE A 294 19.13 21.45 -11.42
C PHE A 294 18.15 20.30 -11.48
N SER A 295 17.16 20.48 -12.36
CA SER A 295 16.09 19.56 -12.55
C SER A 295 15.90 19.31 -14.03
N VAL A 296 15.41 18.10 -14.34
CA VAL A 296 15.12 17.66 -15.68
C VAL A 296 13.72 17.03 -15.70
N ALA A 297 12.96 17.27 -16.75
CA ALA A 297 11.65 16.65 -16.96
C ALA A 297 11.55 16.16 -18.39
N LEU A 298 11.05 14.95 -18.58
CA LEU A 298 10.86 14.37 -19.88
C LEU A 298 9.34 14.30 -20.17
N THR A 299 8.92 14.81 -21.32
CA THR A 299 7.48 14.68 -21.67
C THR A 299 7.23 13.34 -22.31
N LYS A 300 5.95 12.97 -22.40
CA LYS A 300 5.60 11.71 -23.06
C LYS A 300 5.86 11.77 -24.57
N ASP A 301 5.89 12.97 -25.14
N ASP A 301 5.86 13.00 -25.09
CA ASP A 301 6.19 13.11 -26.57
CA ASP A 301 6.18 13.32 -26.48
C ASP A 301 7.68 13.35 -26.83
C ASP A 301 7.65 13.11 -26.82
N GLY A 302 8.52 13.12 -25.82
CA GLY A 302 9.96 12.97 -26.04
C GLY A 302 10.80 14.22 -25.93
N HIS A 303 10.23 15.28 -25.37
CA HIS A 303 10.93 16.54 -25.22
C HIS A 303 11.48 16.66 -23.80
N VAL A 304 12.60 17.38 -23.67
CA VAL A 304 13.26 17.55 -22.39
C VAL A 304 13.21 19.01 -21.97
N TYR A 305 12.77 19.27 -20.74
CA TYR A 305 12.84 20.58 -20.10
C TYR A 305 13.84 20.54 -18.95
N THR A 306 14.60 21.62 -18.80
CA THR A 306 15.54 21.76 -17.71
C THR A 306 15.39 23.10 -17.03
N PHE A 307 15.89 23.18 -15.80
CA PHE A 307 15.89 24.39 -15.00
C PHE A 307 16.80 24.25 -13.78
N GLY A 308 17.42 25.35 -13.37
CA GLY A 308 18.43 25.36 -12.34
C GLY A 308 19.70 26.01 -12.85
N GLN A 309 20.85 25.53 -12.35
CA GLN A 309 22.12 26.18 -12.60
C GLN A 309 22.48 26.16 -14.07
N ASP A 310 22.84 27.32 -14.63
CA ASP A 310 23.06 27.43 -16.08
C ASP A 310 24.01 26.42 -16.67
N ARG A 311 25.18 26.24 -16.07
CA ARG A 311 26.20 25.33 -16.60
C ARG A 311 25.74 23.86 -16.71
N LEU A 312 24.69 23.47 -16.00
CA LEU A 312 24.27 22.06 -15.93
C LEU A 312 22.94 21.76 -16.64
N ILE A 313 22.25 22.78 -17.16
CA ILE A 313 20.91 22.58 -17.77
C ILE A 313 20.87 22.42 -19.29
N GLY A 314 22.02 22.40 -19.96
CA GLY A 314 22.06 22.06 -21.38
C GLY A 314 21.47 23.03 -22.39
N LEU A 315 21.35 24.29 -22.00
CA LEU A 315 20.73 25.29 -22.87
C LEU A 315 21.76 26.21 -23.47
N PRO A 316 21.44 26.79 -24.64
CA PRO A 316 22.35 27.85 -25.10
C PRO A 316 22.33 29.02 -24.11
N GLU A 317 23.45 29.73 -24.07
CA GLU A 317 23.69 30.78 -23.11
C GLU A 317 22.64 31.88 -23.05
N GLY A 318 22.11 32.30 -24.18
CA GLY A 318 21.00 33.25 -24.15
C GLY A 318 19.82 32.78 -23.31
N ARG A 319 19.46 31.50 -23.40
CA ARG A 319 18.32 31.00 -22.65
C ARG A 319 18.50 30.92 -21.11
N ALA A 320 19.73 31.13 -20.59
CA ALA A 320 20.01 31.19 -19.12
C ALA A 320 19.29 32.31 -18.37
N ARG A 321 18.82 33.32 -19.11
CA ARG A 321 17.91 34.33 -18.56
C ARG A 321 16.87 33.68 -17.64
N ASN A 322 16.07 32.78 -18.20
CA ASN A 322 15.02 32.09 -17.46
C ASN A 322 15.43 30.72 -16.95
N HIS A 323 16.62 30.61 -16.37
CA HIS A 323 17.12 29.34 -15.83
C HIS A 323 16.28 28.87 -14.64
N ASN A 324 15.51 29.81 -14.07
CA ASN A 324 14.63 29.52 -12.95
C ASN A 324 13.20 29.14 -13.32
N ARG A 325 12.93 28.92 -14.61
CA ARG A 325 11.69 28.26 -14.99
C ARG A 325 12.03 27.19 -16.01
N PRO A 326 11.18 26.14 -16.12
CA PRO A 326 11.46 25.08 -17.08
C PRO A 326 11.49 25.57 -18.53
N GLN A 327 12.49 25.13 -19.29
CA GLN A 327 12.65 25.47 -20.71
C GLN A 327 13.05 24.24 -21.50
N GLN A 328 12.46 24.13 -22.68
CA GLN A 328 12.74 23.03 -23.58
C GLN A 328 14.19 23.16 -24.08
N ILE A 329 14.88 22.03 -24.22
CA ILE A 329 16.23 22.02 -24.76
C ILE A 329 16.22 22.09 -26.30
N PRO A 330 16.76 23.20 -26.87
CA PRO A 330 16.63 23.40 -28.33
C PRO A 330 17.37 22.38 -29.18
N VAL A 331 18.59 22.00 -28.79
N VAL A 331 18.59 22.02 -28.78
CA VAL A 331 19.38 21.09 -29.61
CA VAL A 331 19.40 21.08 -29.57
C VAL A 331 18.79 19.69 -29.71
C VAL A 331 18.76 19.71 -29.73
N LEU A 332 17.88 19.32 -28.81
CA LEU A 332 17.23 18.03 -28.91
C LEU A 332 15.82 18.09 -29.54
N ALA A 333 15.43 19.25 -30.07
CA ALA A 333 14.10 19.43 -30.65
C ALA A 333 13.77 18.37 -31.72
N GLY A 334 14.72 18.05 -32.60
CA GLY A 334 14.48 17.02 -33.63
C GLY A 334 14.79 15.59 -33.22
N VAL A 335 14.76 15.32 -31.90
CA VAL A 335 15.11 14.01 -31.35
C VAL A 335 14.02 13.56 -30.40
N ILE A 336 13.56 12.32 -30.52
CA ILE A 336 12.61 11.74 -29.56
C ILE A 336 13.42 11.07 -28.45
N ILE A 337 13.39 11.69 -27.27
CA ILE A 337 14.07 11.14 -26.09
C ILE A 337 13.17 10.17 -25.35
N GLU A 338 13.66 8.96 -25.14
CA GLU A 338 12.91 7.89 -24.47
C GLU A 338 13.18 7.86 -22.95
N ASP A 339 14.37 8.28 -22.54
CA ASP A 339 14.74 8.31 -21.12
C ASP A 339 15.86 9.30 -20.84
N VAL A 340 15.91 9.76 -19.61
CA VAL A 340 17.03 10.58 -19.16
C VAL A 340 17.56 9.97 -17.88
N ALA A 341 18.85 10.20 -17.62
CA ALA A 341 19.48 9.72 -16.41
C ALA A 341 20.33 10.86 -15.89
N VAL A 342 20.13 11.20 -14.63
CA VAL A 342 20.88 12.32 -14.06
C VAL A 342 21.79 11.83 -12.95
N GLY A 343 23.04 12.28 -13.00
CA GLY A 343 24.04 11.94 -11.98
C GLY A 343 24.08 13.08 -10.99
N ALA A 344 25.27 13.41 -10.51
CA ALA A 344 25.42 14.55 -9.61
C ALA A 344 25.36 15.83 -10.42
N GLU A 345 26.24 15.95 -11.42
CA GLU A 345 26.33 17.16 -12.21
C GLU A 345 26.40 16.87 -13.69
N HIS A 346 25.94 15.71 -14.13
CA HIS A 346 25.78 15.47 -15.55
C HIS A 346 24.47 14.77 -15.86
N THR A 347 24.12 14.85 -17.12
CA THR A 347 22.89 14.27 -17.66
C THR A 347 23.17 13.49 -18.92
N LEU A 348 22.53 12.32 -19.01
CA LEU A 348 22.52 11.53 -20.21
C LEU A 348 21.09 11.45 -20.72
N ALA A 349 20.95 11.43 -22.06
CA ALA A 349 19.65 11.28 -22.70
C ALA A 349 19.70 10.20 -23.77
N LEU A 350 18.70 9.32 -23.81
CA LEU A 350 18.63 8.23 -24.78
C LEU A 350 17.53 8.45 -25.79
N ALA A 351 17.89 8.47 -27.09
CA ALA A 351 16.91 8.71 -28.16
C ALA A 351 16.26 7.41 -28.59
N SER A 352 15.07 7.53 -29.20
CA SER A 352 14.31 6.36 -29.61
C SER A 352 15.06 5.49 -30.62
N ASN A 353 16.07 6.05 -31.29
CA ASN A 353 16.91 5.25 -32.19
C ASN A 353 18.14 4.63 -31.49
N GLY A 354 18.22 4.73 -30.16
CA GLY A 354 19.36 4.21 -29.40
C GLY A 354 20.56 5.14 -29.23
N ASP A 355 20.55 6.33 -29.82
CA ASP A 355 21.67 7.25 -29.63
C ASP A 355 21.63 7.86 -28.24
N VAL A 356 22.81 8.12 -27.68
CA VAL A 356 22.94 8.68 -26.36
C VAL A 356 23.59 10.06 -26.43
N TYR A 357 23.01 11.01 -25.69
CA TYR A 357 23.51 12.39 -25.60
C TYR A 357 23.97 12.69 -24.19
N ALA A 358 25.02 13.49 -24.06
CA ALA A 358 25.51 13.84 -22.74
C ALA A 358 25.89 15.30 -22.65
N TRP A 359 25.74 15.85 -21.44
CA TRP A 359 26.15 17.20 -21.14
C TRP A 359 26.30 17.43 -19.65
N GLY A 360 27.05 18.48 -19.33
CA GLY A 360 27.30 18.89 -17.96
C GLY A 360 28.77 18.76 -17.54
N SER A 361 29.00 18.46 -16.27
CA SER A 361 30.35 18.24 -15.74
C SER A 361 30.96 16.96 -16.28
N ASN A 362 32.28 16.93 -16.29
CA ASN A 362 33.04 15.98 -17.06
C ASN A 362 34.49 15.85 -16.62
N SER A 363 34.82 16.22 -15.38
CA SER A 363 36.22 16.19 -14.92
CA SER A 363 36.23 16.21 -14.96
C SER A 363 36.76 14.78 -14.79
N GLU A 364 35.87 13.79 -14.66
CA GLU A 364 36.26 12.39 -14.56
C GLU A 364 35.95 11.61 -15.83
N GLY A 365 35.60 12.31 -16.92
CA GLY A 365 35.18 11.70 -18.15
C GLY A 365 33.78 11.13 -18.15
N GLN A 366 32.93 11.56 -17.23
CA GLN A 366 31.60 10.96 -17.08
C GLN A 366 30.67 11.18 -18.30
N LEU A 367 31.00 12.11 -19.18
CA LEU A 367 30.22 12.32 -20.41
C LEU A 367 30.51 11.28 -21.50
N GLY A 368 31.70 10.67 -21.43
CA GLY A 368 32.04 9.60 -22.35
C GLY A 368 32.47 10.10 -23.74
N LEU A 369 32.92 11.35 -23.79
CA LEU A 369 33.16 12.02 -25.05
C LEU A 369 34.63 12.06 -25.44
N GLY A 370 35.50 11.49 -24.62
CA GLY A 370 36.92 11.37 -24.94
C GLY A 370 37.82 12.45 -24.37
N HIS A 371 37.26 13.34 -23.56
CA HIS A 371 38.01 14.41 -22.90
C HIS A 371 37.42 14.64 -21.51
N THR A 372 37.94 15.63 -20.78
CA THR A 372 37.49 15.95 -19.43
C THR A 372 37.08 17.43 -19.33
N ASN A 373 36.75 18.02 -20.46
CA ASN A 373 36.21 19.37 -20.49
C ASN A 373 34.70 19.44 -20.29
N HIS A 374 34.25 20.47 -19.57
CA HIS A 374 32.83 20.78 -19.38
C HIS A 374 32.13 20.90 -20.72
N VAL A 375 30.88 20.43 -20.81
CA VAL A 375 30.10 20.50 -22.05
C VAL A 375 28.74 21.12 -21.77
N ARG A 376 28.45 22.25 -22.42
CA ARG A 376 27.25 23.00 -22.07
C ARG A 376 26.02 22.32 -22.66
N GLU A 377 26.03 22.00 -23.94
CA GLU A 377 24.84 21.47 -24.59
C GLU A 377 24.93 19.97 -24.94
N PRO A 378 23.76 19.29 -25.03
CA PRO A 378 23.73 17.87 -25.29
C PRO A 378 24.57 17.53 -26.50
N THR A 379 25.49 16.58 -26.32
CA THR A 379 26.46 16.18 -27.32
C THR A 379 26.41 14.69 -27.54
N LEU A 380 26.51 14.27 -28.79
CA LEU A 380 26.39 12.89 -29.14
C LEU A 380 27.60 12.08 -28.67
N VAL A 381 27.31 10.98 -27.98
CA VAL A 381 28.32 10.04 -27.51
C VAL A 381 28.60 9.06 -28.64
N THR A 382 29.63 9.38 -29.45
CA THR A 382 29.90 8.62 -30.68
C THR A 382 30.36 7.19 -30.39
N GLY A 383 31.02 6.97 -29.24
CA GLY A 383 31.44 5.62 -28.82
C GLY A 383 30.31 4.62 -28.61
N LEU A 384 29.06 5.10 -28.51
CA LEU A 384 27.90 4.20 -28.42
C LEU A 384 27.11 4.06 -29.73
N GLN A 385 27.55 4.70 -30.81
CA GLN A 385 26.86 4.58 -32.10
C GLN A 385 26.97 3.17 -32.64
N GLY A 386 25.82 2.62 -33.01
CA GLY A 386 25.73 1.26 -33.49
C GLY A 386 25.71 0.20 -32.40
N LYS A 387 25.65 0.60 -31.14
CA LYS A 387 25.68 -0.38 -30.04
C LYS A 387 24.32 -0.88 -29.60
N ASN A 388 23.24 -0.29 -30.14
CA ASN A 388 21.87 -0.69 -29.82
C ASN A 388 21.56 -0.57 -28.33
N VAL A 389 22.00 0.54 -27.73
CA VAL A 389 21.74 0.85 -26.33
C VAL A 389 20.24 0.99 -26.10
N ARG A 390 19.74 0.37 -25.02
CA ARG A 390 18.34 0.48 -24.65
C ARG A 390 18.11 1.10 -23.28
N GLN A 391 19.15 1.18 -22.43
CA GLN A 391 19.02 1.75 -21.11
C GLN A 391 20.28 2.52 -20.70
N ILE A 392 20.11 3.51 -19.83
CA ILE A 392 21.23 4.35 -19.33
C ILE A 392 21.12 4.60 -17.83
N SER A 393 22.25 4.91 -17.19
CA SER A 393 22.31 5.25 -15.77
C SER A 393 23.49 6.20 -15.54
N ALA A 394 23.31 7.15 -14.62
CA ALA A 394 24.33 8.13 -14.27
C ALA A 394 24.51 8.24 -12.76
N GLY A 395 25.78 8.19 -12.33
CA GLY A 395 26.13 8.26 -10.93
C GLY A 395 26.82 9.56 -10.61
N ARG A 396 27.50 9.58 -9.47
CA ARG A 396 28.23 10.76 -9.03
C ARG A 396 29.19 11.25 -10.12
N CYS A 397 30.07 10.38 -10.56
CA CYS A 397 30.97 10.73 -11.66
C CYS A 397 31.40 9.52 -12.51
N HIS A 398 30.45 8.62 -12.74
CA HIS A 398 30.59 7.57 -13.72
C HIS A 398 29.20 7.26 -14.29
N SER A 399 29.17 6.50 -15.37
CA SER A 399 27.98 6.33 -16.20
C SER A 399 27.94 4.92 -16.75
N ALA A 400 26.79 4.54 -17.28
CA ALA A 400 26.63 3.24 -17.91
C ALA A 400 25.53 3.29 -18.96
N ALA A 401 25.66 2.44 -19.97
CA ALA A 401 24.61 2.24 -20.97
C ALA A 401 24.66 0.79 -21.35
N TRP A 402 23.51 0.18 -21.61
CA TRP A 402 23.52 -1.26 -21.90
C TRP A 402 22.33 -1.65 -22.79
N THR A 403 22.36 -2.90 -23.28
CA THR A 403 21.47 -3.31 -24.35
C THR A 403 20.27 -4.15 -23.92
N ALA A 404 20.15 -4.48 -22.64
CA ALA A 404 19.01 -5.24 -22.14
C ALA A 404 17.67 -4.51 -22.31
N LYS B 40 -21.41 -21.47 -46.96
CA LYS B 40 -20.18 -22.28 -47.23
C LYS B 40 -20.09 -23.54 -46.31
N CYS B 41 -20.18 -23.38 -44.98
CA CYS B 41 -20.10 -24.57 -44.08
C CYS B 41 -21.23 -24.57 -43.05
N ASP B 42 -21.41 -25.69 -42.35
CA ASP B 42 -22.35 -25.76 -41.22
C ASP B 42 -21.57 -25.72 -39.91
N VAL B 43 -22.05 -24.88 -38.98
CA VAL B 43 -21.48 -24.74 -37.64
C VAL B 43 -22.53 -25.13 -36.59
N TYR B 44 -22.11 -25.95 -35.62
CA TYR B 44 -22.94 -26.39 -34.49
C TYR B 44 -22.25 -25.90 -33.24
N LEU B 45 -23.03 -25.28 -32.37
CA LEU B 45 -22.55 -24.77 -31.09
C LEU B 45 -23.39 -25.39 -29.98
N TRP B 46 -22.78 -25.52 -28.80
CA TRP B 46 -23.51 -25.92 -27.59
C TRP B 46 -22.77 -25.49 -26.31
N GLY B 47 -23.45 -25.67 -25.19
CA GLY B 47 -22.95 -25.35 -23.87
C GLY B 47 -23.59 -24.06 -23.38
N ALA B 48 -22.82 -23.30 -22.61
CA ALA B 48 -23.29 -22.03 -22.04
C ALA B 48 -23.34 -20.93 -23.11
N GLY B 49 -24.40 -20.11 -23.08
CA GLY B 49 -24.62 -19.06 -24.06
C GLY B 49 -25.17 -17.76 -23.51
N ARG B 50 -25.00 -17.51 -22.21
CA ARG B 50 -25.63 -16.35 -21.54
C ARG B 50 -25.15 -14.99 -22.01
N HIS B 51 -23.92 -14.92 -22.49
CA HIS B 51 -23.31 -13.67 -22.92
C HIS B 51 -23.44 -13.43 -24.42
N GLY B 52 -24.12 -14.36 -25.10
CA GLY B 52 -24.32 -14.30 -26.54
C GLY B 52 -23.28 -15.08 -27.34
N GLN B 53 -22.48 -15.92 -26.69
CA GLN B 53 -21.36 -16.59 -27.35
C GLN B 53 -21.76 -17.72 -28.29
N LEU B 54 -23.03 -18.13 -28.28
CA LEU B 54 -23.54 -19.05 -29.29
C LEU B 54 -24.49 -18.37 -30.29
N ALA B 55 -24.55 -17.04 -30.25
CA ALA B 55 -25.46 -16.27 -31.06
C ALA B 55 -26.84 -16.91 -31.10
N GLU B 56 -27.37 -17.17 -32.29
CA GLU B 56 -28.76 -17.58 -32.42
C GLU B 56 -29.02 -19.02 -32.04
N ALA B 57 -27.98 -19.79 -31.72
CA ALA B 57 -28.17 -21.19 -31.36
C ALA B 57 -28.87 -21.29 -30.00
N GLY B 58 -28.75 -20.26 -29.17
CA GLY B 58 -29.49 -20.22 -27.94
C GLY B 58 -28.68 -19.76 -26.76
N ARG B 59 -29.30 -19.88 -25.60
CA ARG B 59 -28.78 -19.40 -24.34
C ARG B 59 -28.12 -20.48 -23.48
N ASN B 60 -28.73 -21.67 -23.44
CA ASN B 60 -28.21 -22.82 -22.73
C ASN B 60 -28.57 -24.04 -23.59
N VAL B 61 -27.56 -24.65 -24.19
CA VAL B 61 -27.76 -25.58 -25.27
C VAL B 61 -27.10 -26.91 -24.88
N MET B 62 -27.91 -27.94 -24.72
CA MET B 62 -27.46 -29.25 -24.23
CA MET B 62 -27.38 -29.21 -24.24
C MET B 62 -27.13 -30.22 -25.35
N VAL B 63 -27.58 -29.91 -26.56
CA VAL B 63 -27.29 -30.73 -27.72
C VAL B 63 -26.81 -29.82 -28.84
N PRO B 64 -25.87 -30.26 -29.69
CA PRO B 64 -25.35 -29.34 -30.69
C PRO B 64 -26.47 -28.69 -31.49
N ALA B 65 -26.44 -27.35 -31.61
CA ALA B 65 -27.46 -26.63 -32.38
C ALA B 65 -26.83 -25.86 -33.55
N ALA B 66 -27.53 -25.87 -34.68
CA ALA B 66 -27.09 -25.15 -35.88
C ALA B 66 -27.01 -23.64 -35.64
N ALA B 67 -25.98 -23.02 -36.18
CA ALA B 67 -25.83 -21.57 -36.13
C ALA B 67 -25.56 -21.02 -37.55
N PRO B 68 -26.62 -20.79 -38.35
CA PRO B 68 -26.52 -20.29 -39.73
C PRO B 68 -25.67 -19.05 -39.92
N SER B 69 -25.67 -18.13 -38.96
CA SER B 69 -24.88 -16.91 -39.08
C SER B 69 -23.37 -17.16 -39.03
N PHE B 70 -22.95 -18.38 -38.63
CA PHE B 70 -21.53 -18.77 -38.62
C PHE B 70 -21.04 -19.44 -39.94
N SER B 71 -21.90 -19.51 -40.95
CA SER B 71 -21.64 -20.32 -42.15
CA SER B 71 -21.66 -20.31 -42.16
C SER B 71 -20.47 -19.88 -43.02
N GLN B 72 -20.00 -18.64 -42.86
CA GLN B 72 -18.81 -18.19 -43.59
C GLN B 72 -17.49 -18.43 -42.81
N ALA B 73 -17.58 -19.11 -41.68
CA ALA B 73 -16.39 -19.45 -40.90
C ALA B 73 -15.50 -20.48 -41.61
N GLN B 74 -14.19 -20.28 -41.54
CA GLN B 74 -13.21 -21.31 -41.86
C GLN B 74 -12.73 -21.94 -40.53
N GLN B 75 -12.56 -21.09 -39.53
CA GLN B 75 -12.25 -21.52 -38.19
C GLN B 75 -13.21 -20.90 -37.16
N VAL B 76 -13.54 -21.68 -36.14
CA VAL B 76 -14.32 -21.20 -34.99
C VAL B 76 -13.45 -21.45 -33.76
N ILE B 77 -13.25 -20.42 -32.94
CA ILE B 77 -12.43 -20.58 -31.73
C ILE B 77 -13.22 -20.20 -30.50
N CYS B 78 -13.52 -21.20 -29.67
CA CYS B 78 -14.24 -21.01 -28.40
C CYS B 78 -13.32 -20.65 -27.26
N GLY B 79 -13.65 -19.59 -26.52
CA GLY B 79 -12.86 -19.10 -25.41
C GLY B 79 -13.61 -19.00 -24.10
N GLN B 80 -13.32 -17.93 -23.35
CA GLN B 80 -13.88 -17.65 -22.02
C GLN B 80 -15.22 -16.91 -22.22
N ASN B 81 -16.30 -17.65 -22.39
CA ASN B 81 -17.64 -17.11 -22.73
C ASN B 81 -17.71 -16.23 -23.95
N CYS B 82 -16.81 -16.49 -24.89
CA CYS B 82 -16.74 -15.76 -26.14
C CYS B 82 -16.40 -16.73 -27.23
N THR B 83 -16.71 -16.33 -28.46
CA THR B 83 -16.40 -17.13 -29.62
C THR B 83 -15.84 -16.19 -30.70
N PHE B 84 -14.81 -16.66 -31.39
CA PHE B 84 -14.27 -15.98 -32.55
C PHE B 84 -14.42 -16.83 -33.80
N VAL B 85 -14.41 -16.15 -34.94
CA VAL B 85 -14.51 -16.77 -36.25
C VAL B 85 -13.45 -16.15 -37.16
N ILE B 86 -12.76 -16.99 -37.91
CA ILE B 86 -11.89 -16.54 -38.95
C ILE B 86 -12.51 -16.98 -40.26
N GLN B 87 -12.76 -16.04 -41.15
CA GLN B 87 -13.21 -16.33 -42.52
C GLN B 87 -12.03 -16.78 -43.38
N ALA B 88 -12.32 -17.37 -44.55
CA ALA B 88 -11.27 -17.73 -45.51
C ALA B 88 -10.47 -16.54 -46.02
N ASN B 89 -11.06 -15.35 -46.04
CA ASN B 89 -10.33 -14.15 -46.44
C ASN B 89 -9.48 -13.49 -45.33
N GLY B 90 -9.46 -14.05 -44.13
CA GLY B 90 -8.63 -13.53 -43.04
C GLY B 90 -9.33 -12.51 -42.14
N THR B 91 -10.59 -12.21 -42.43
CA THR B 91 -11.41 -11.38 -41.55
C THR B 91 -11.74 -12.13 -40.23
N VAL B 92 -11.69 -11.41 -39.13
CA VAL B 92 -12.04 -11.96 -37.82
C VAL B 92 -13.30 -11.32 -37.27
N LEU B 93 -14.19 -12.17 -36.77
CA LEU B 93 -15.39 -11.73 -36.05
C LEU B 93 -15.46 -12.35 -34.64
N ALA B 94 -16.27 -11.74 -33.79
CA ALA B 94 -16.32 -12.08 -32.39
C ALA B 94 -17.74 -11.91 -31.83
N CYS B 95 -18.09 -12.76 -30.87
CA CYS B 95 -19.32 -12.56 -30.12
C CYS B 95 -19.13 -13.12 -28.71
N GLY B 96 -20.04 -12.75 -27.81
CA GLY B 96 -20.05 -13.22 -26.43
C GLY B 96 -19.61 -12.18 -25.40
N GLU B 97 -18.95 -12.65 -24.34
CA GLU B 97 -18.63 -11.77 -23.21
C GLU B 97 -17.54 -10.77 -23.61
N GLY B 98 -17.73 -9.50 -23.27
CA GLY B 98 -16.82 -8.45 -23.72
C GLY B 98 -15.91 -7.84 -22.65
N SER B 99 -15.99 -8.34 -21.41
CA SER B 99 -15.24 -7.78 -20.29
C SER B 99 -13.75 -7.60 -20.60
N TYR B 100 -13.19 -6.46 -20.17
CA TYR B 100 -11.76 -6.12 -20.37
C TYR B 100 -11.34 -6.03 -21.85
N GLY B 101 -12.29 -5.74 -22.71
CA GLY B 101 -12.05 -5.66 -24.16
C GLY B 101 -11.86 -7.01 -24.85
N ARG B 102 -12.47 -8.06 -24.31
CA ARG B 102 -12.21 -9.45 -24.75
C ARG B 102 -12.38 -9.63 -26.25
N LEU B 103 -13.35 -8.91 -26.83
CA LEU B 103 -13.72 -9.10 -28.22
C LEU B 103 -12.98 -8.13 -29.17
N GLY B 104 -11.98 -7.41 -28.66
CA GLY B 104 -11.16 -6.57 -29.51
C GLY B 104 -11.84 -5.36 -30.14
N GLN B 105 -12.99 -4.93 -29.60
CA GLN B 105 -13.86 -3.93 -30.23
C GLN B 105 -13.60 -2.48 -29.83
N GLY B 106 -12.68 -2.25 -28.89
CA GLY B 106 -12.47 -0.90 -28.36
C GLY B 106 -13.44 -0.54 -27.25
N ASN B 107 -14.22 -1.51 -26.77
CA ASN B 107 -15.17 -1.31 -25.67
C ASN B 107 -15.30 -2.64 -24.93
N SER B 108 -16.10 -2.67 -23.88
CA SER B 108 -16.32 -3.89 -23.12
C SER B 108 -17.74 -4.47 -23.19
N ASP B 109 -18.50 -4.15 -24.24
CA ASP B 109 -19.88 -4.65 -24.41
C ASP B 109 -19.95 -6.14 -24.77
N ASP B 110 -20.93 -6.86 -24.22
CA ASP B 110 -21.22 -8.22 -24.66
C ASP B 110 -21.92 -8.09 -26.02
N LEU B 111 -21.66 -9.03 -26.92
CA LEU B 111 -22.24 -9.00 -28.25
C LEU B 111 -22.98 -10.27 -28.57
N HIS B 112 -24.20 -10.17 -29.07
CA HIS B 112 -24.98 -11.36 -29.35
C HIS B 112 -24.97 -11.79 -30.79
N VAL B 113 -24.29 -11.05 -31.65
CA VAL B 113 -24.09 -11.41 -33.08
C VAL B 113 -22.61 -11.21 -33.40
N LEU B 114 -22.09 -12.05 -34.29
CA LEU B 114 -20.70 -11.94 -34.74
C LEU B 114 -20.45 -10.54 -35.28
N THR B 115 -19.39 -9.92 -34.78
CA THR B 115 -19.08 -8.56 -35.14
C THR B 115 -17.61 -8.50 -35.55
N VAL B 116 -17.35 -7.86 -36.70
CA VAL B 116 -16.02 -7.82 -37.24
C VAL B 116 -15.07 -7.12 -36.24
N ILE B 117 -13.86 -7.67 -36.06
CA ILE B 117 -12.82 -6.95 -35.34
C ILE B 117 -12.16 -6.03 -36.37
N SER B 118 -12.64 -4.78 -36.37
CA SER B 118 -12.22 -3.82 -37.39
CA SER B 118 -12.22 -3.80 -37.38
C SER B 118 -10.75 -3.46 -37.25
N ALA B 119 -10.21 -3.50 -36.05
CA ALA B 119 -8.78 -3.24 -35.89
C ALA B 119 -7.83 -4.29 -36.49
N LEU B 120 -8.34 -5.42 -36.96
CA LEU B 120 -7.51 -6.41 -37.69
C LEU B 120 -7.76 -6.39 -39.19
N GLN B 121 -8.75 -5.60 -39.64
CA GLN B 121 -9.03 -5.44 -41.04
C GLN B 121 -7.80 -4.87 -41.74
N GLY B 122 -7.53 -5.38 -42.93
CA GLY B 122 -6.29 -5.07 -43.64
C GLY B 122 -5.22 -6.13 -43.44
N PHE B 123 -5.36 -6.96 -42.41
CA PHE B 123 -4.43 -8.08 -42.21
C PHE B 123 -5.16 -9.36 -42.51
N VAL B 124 -4.43 -10.36 -43.00
CA VAL B 124 -4.98 -11.70 -43.19
C VAL B 124 -4.60 -12.52 -41.98
N VAL B 125 -5.56 -12.76 -41.08
CA VAL B 125 -5.34 -13.63 -39.91
C VAL B 125 -5.45 -15.12 -40.28
N THR B 126 -4.42 -15.89 -39.95
CA THR B 126 -4.38 -17.33 -40.25
C THR B 126 -4.68 -18.21 -39.03
N GLN B 127 -4.42 -17.71 -37.83
CA GLN B 127 -4.65 -18.46 -36.61
CA GLN B 127 -4.58 -18.46 -36.59
C GLN B 127 -5.04 -17.51 -35.49
N LEU B 128 -5.85 -18.01 -34.57
CA LEU B 128 -6.25 -17.23 -33.42
C LEU B 128 -6.45 -18.18 -32.25
N VAL B 129 -5.90 -17.78 -31.09
CA VAL B 129 -6.05 -18.52 -29.86
C VAL B 129 -6.55 -17.60 -28.77
N THR B 130 -7.26 -18.18 -27.81
CA THR B 130 -7.87 -17.40 -26.74
C THR B 130 -7.92 -18.24 -25.46
N SER B 131 -7.91 -17.61 -24.29
CA SER B 131 -7.92 -18.39 -23.04
C SER B 131 -9.28 -19.01 -22.70
N CYS B 132 -9.23 -20.07 -21.90
CA CYS B 132 -10.41 -20.80 -21.44
C CYS B 132 -10.68 -20.52 -19.98
N GLY B 133 -10.12 -19.43 -19.48
CA GLY B 133 -10.39 -19.05 -18.13
C GLY B 133 -9.72 -17.78 -17.70
N SER B 134 -9.87 -17.51 -16.40
CA SER B 134 -9.43 -16.27 -15.77
C SER B 134 -10.13 -15.08 -16.45
N ASP B 135 -9.47 -13.94 -16.56
CA ASP B 135 -10.08 -12.72 -17.07
C ASP B 135 -10.08 -12.54 -18.61
N GLY B 136 -9.43 -13.44 -19.32
CA GLY B 136 -9.57 -13.56 -20.77
C GLY B 136 -8.57 -12.72 -21.56
N HIS B 137 -7.88 -13.37 -22.50
CA HIS B 137 -7.02 -12.70 -23.47
C HIS B 137 -6.86 -13.60 -24.66
N SER B 138 -6.45 -12.98 -25.77
CA SER B 138 -6.37 -13.64 -27.08
C SER B 138 -5.15 -13.21 -27.84
N MET B 139 -4.73 -14.06 -28.77
CA MET B 139 -3.68 -13.72 -29.72
C MET B 139 -4.07 -14.15 -31.11
N ALA B 140 -3.72 -13.30 -32.08
CA ALA B 140 -4.00 -13.58 -33.46
C ALA B 140 -2.73 -13.49 -34.27
N LEU B 141 -2.58 -14.41 -35.23
CA LEU B 141 -1.37 -14.49 -36.07
C LEU B 141 -1.71 -14.11 -37.50
N THR B 142 -0.90 -13.24 -38.11
CA THR B 142 -1.08 -12.88 -39.51
C THR B 142 -0.24 -13.73 -40.48
N GLU B 143 -0.54 -13.57 -41.77
CA GLU B 143 0.23 -14.23 -42.85
C GLU B 143 1.73 -14.02 -42.81
N SER B 144 2.17 -12.85 -42.34
CA SER B 144 3.59 -12.54 -42.28
C SER B 144 4.29 -12.92 -40.97
N GLY B 145 3.57 -13.54 -40.03
CA GLY B 145 4.18 -14.04 -38.81
C GLY B 145 4.14 -13.09 -37.63
N GLU B 146 3.35 -12.03 -37.78
CA GLU B 146 3.16 -11.02 -36.74
C GLU B 146 2.01 -11.43 -35.81
N VAL B 147 2.13 -11.05 -34.55
CA VAL B 147 1.19 -11.47 -33.50
C VAL B 147 0.57 -10.24 -32.86
N PHE B 148 -0.76 -10.24 -32.81
CA PHE B 148 -1.53 -9.21 -32.12
C PHE B 148 -2.19 -9.80 -30.86
N SER B 149 -2.15 -9.09 -29.76
CA SER B 149 -2.77 -9.54 -28.49
C SER B 149 -3.78 -8.54 -27.94
N TRP B 150 -4.81 -9.04 -27.28
CA TRP B 150 -5.78 -8.16 -26.66
C TRP B 150 -6.57 -8.84 -25.56
N GLY B 151 -7.21 -8.00 -24.75
CA GLY B 151 -8.00 -8.45 -23.64
C GLY B 151 -7.39 -7.95 -22.34
N ASP B 152 -7.58 -8.74 -21.28
CA ASP B 152 -7.07 -8.35 -19.95
C ASP B 152 -5.54 -8.42 -19.93
N GLY B 153 -4.90 -7.47 -19.27
CA GLY B 153 -3.43 -7.38 -19.31
C GLY B 153 -2.67 -7.74 -18.05
N ASP B 154 -3.37 -8.22 -17.03
CA ASP B 154 -2.70 -8.59 -15.78
C ASP B 154 -1.53 -9.56 -16.03
N TYR B 155 -0.46 -9.37 -15.24
CA TYR B 155 0.73 -10.23 -15.26
C TYR B 155 1.64 -10.13 -16.49
N GLY B 156 1.34 -9.21 -17.42
CA GLY B 156 2.10 -9.11 -18.67
C GLY B 156 1.80 -10.14 -19.77
N LYS B 157 0.65 -10.81 -19.69
CA LYS B 157 0.31 -11.90 -20.62
CA LYS B 157 0.33 -11.90 -20.62
C LYS B 157 0.06 -11.47 -22.07
N LEU B 158 -0.16 -10.16 -22.28
CA LEU B 158 -0.31 -9.61 -23.62
C LEU B 158 1.02 -9.30 -24.25
N GLY B 159 2.09 -9.20 -23.45
CA GLY B 159 3.44 -9.13 -23.98
C GLY B 159 3.91 -7.77 -24.47
N HIS B 160 3.30 -6.70 -23.95
CA HIS B 160 3.65 -5.33 -24.34
C HIS B 160 4.55 -4.59 -23.35
N GLY B 161 5.03 -5.25 -22.31
CA GLY B 161 5.98 -4.65 -21.36
C GLY B 161 5.35 -3.88 -20.21
N ASN B 162 4.03 -3.94 -20.10
CA ASN B 162 3.29 -3.41 -18.96
C ASN B 162 2.08 -4.32 -18.64
N SER B 163 1.27 -3.95 -17.66
CA SER B 163 0.09 -4.74 -17.27
C SER B 163 -1.26 -4.16 -17.72
N ASP B 164 -1.23 -3.27 -18.72
CA ASP B 164 -2.46 -2.55 -19.12
C ASP B 164 -3.31 -3.45 -20.00
N ARG B 165 -4.62 -3.36 -19.85
CA ARG B 165 -5.52 -4.06 -20.74
C ARG B 165 -5.42 -3.44 -22.13
N GLN B 166 -5.82 -4.20 -23.16
CA GLN B 166 -5.82 -3.72 -24.53
C GLN B 166 -7.14 -4.10 -25.15
N ARG B 167 -8.02 -3.13 -25.33
CA ARG B 167 -9.37 -3.44 -25.83
C ARG B 167 -9.46 -3.51 -27.35
N ARG B 168 -8.36 -3.19 -28.03
CA ARG B 168 -8.19 -3.50 -29.46
C ARG B 168 -6.91 -4.33 -29.66
N PRO B 169 -6.88 -5.15 -30.68
CA PRO B 169 -5.67 -5.95 -30.94
C PRO B 169 -4.43 -5.04 -31.12
N ARG B 170 -3.32 -5.41 -30.52
CA ARG B 170 -2.10 -4.60 -30.55
C ARG B 170 -0.92 -5.53 -30.86
N GLN B 171 -0.09 -5.14 -31.82
CA GLN B 171 1.04 -5.98 -32.22
C GLN B 171 2.03 -6.11 -31.08
N ILE B 172 2.47 -7.34 -30.84
CA ILE B 172 3.53 -7.60 -29.89
C ILE B 172 4.85 -7.22 -30.58
N GLU B 173 5.33 -6.01 -30.28
CA GLU B 173 6.50 -5.41 -30.95
C GLU B 173 7.82 -6.15 -30.69
N ALA B 174 7.96 -6.74 -29.52
CA ALA B 174 9.14 -7.54 -29.21
C ALA B 174 9.28 -8.79 -30.09
N LEU B 175 8.21 -9.21 -30.77
CA LEU B 175 8.28 -10.36 -31.66
C LEU B 175 8.46 -9.97 -33.15
N GLN B 176 8.69 -8.69 -33.43
CA GLN B 176 9.03 -8.27 -34.80
C GLN B 176 10.32 -8.97 -35.21
N GLY B 177 10.35 -9.51 -36.41
CA GLY B 177 11.56 -10.19 -36.87
C GLY B 177 11.69 -11.61 -36.33
N GLU B 178 10.70 -12.07 -35.57
CA GLU B 178 10.51 -13.51 -35.35
C GLU B 178 9.31 -13.91 -36.20
N GLU B 179 9.44 -15.04 -36.87
CA GLU B 179 8.37 -15.56 -37.68
C GLU B 179 7.59 -16.57 -36.84
N VAL B 180 6.47 -16.14 -36.27
CA VAL B 180 5.68 -17.00 -35.38
C VAL B 180 4.80 -17.92 -36.22
N VAL B 181 4.74 -19.21 -35.85
CA VAL B 181 3.86 -20.16 -36.58
C VAL B 181 2.78 -20.82 -35.72
N GLN B 182 2.89 -20.72 -34.41
CA GLN B 182 1.95 -21.40 -33.52
C GLN B 182 1.94 -20.73 -32.15
N MET B 183 0.77 -20.69 -31.53
CA MET B 183 0.59 -19.91 -30.30
C MET B 183 -0.34 -20.64 -29.34
N SER B 184 -0.31 -20.21 -28.08
CA SER B 184 -1.24 -20.71 -27.08
C SER B 184 -1.47 -19.70 -25.97
N CYS B 185 -2.73 -19.58 -25.55
CA CYS B 185 -3.09 -18.79 -24.37
C CYS B 185 -3.51 -19.68 -23.21
N GLY B 186 -2.79 -19.59 -22.11
CA GLY B 186 -3.24 -20.15 -20.85
C GLY B 186 -4.12 -19.16 -20.14
N PHE B 187 -4.43 -19.43 -18.88
CA PHE B 187 -5.33 -18.57 -18.14
C PHE B 187 -4.68 -17.23 -17.83
N LYS B 188 -3.40 -17.26 -17.46
CA LYS B 188 -2.64 -16.05 -17.05
C LYS B 188 -1.30 -15.93 -17.74
N HIS B 189 -1.04 -16.79 -18.71
CA HIS B 189 0.21 -16.75 -19.44
C HIS B 189 -0.01 -17.08 -20.90
N SER B 190 1.02 -16.82 -21.68
CA SER B 190 1.00 -16.97 -23.10
C SER B 190 2.29 -17.60 -23.59
N ALA B 191 2.23 -18.25 -24.75
CA ALA B 191 3.44 -18.73 -25.40
C ALA B 191 3.32 -18.73 -26.93
N VAL B 192 4.47 -18.60 -27.59
CA VAL B 192 4.55 -18.70 -29.03
C VAL B 192 5.76 -19.51 -29.46
N VAL B 193 5.61 -20.13 -30.63
CA VAL B 193 6.66 -20.91 -31.26
C VAL B 193 6.98 -20.28 -32.62
N THR B 194 8.28 -20.17 -32.94
CA THR B 194 8.76 -19.62 -34.25
C THR B 194 9.10 -20.70 -35.27
N SER B 195 9.23 -20.31 -36.55
CA SER B 195 9.44 -21.28 -37.61
C SER B 195 10.80 -21.98 -37.49
N ASP B 196 11.77 -21.31 -36.87
CA ASP B 196 13.05 -21.95 -36.58
C ASP B 196 13.14 -22.55 -35.17
N GLY B 197 12.00 -22.82 -34.54
CA GLY B 197 11.96 -23.63 -33.32
C GLY B 197 12.22 -22.97 -31.99
N LYS B 198 12.17 -21.65 -31.92
CA LYS B 198 12.26 -20.94 -30.66
C LYS B 198 10.93 -21.03 -29.92
N LEU B 199 11.02 -21.17 -28.60
CA LEU B 199 9.86 -21.05 -27.71
C LEU B 199 10.00 -19.78 -26.90
N PHE B 200 8.96 -18.95 -26.91
CA PHE B 200 8.94 -17.75 -26.06
C PHE B 200 7.71 -17.83 -25.15
N THR B 201 7.87 -17.40 -23.91
CA THR B 201 6.77 -17.38 -22.93
C THR B 201 6.71 -16.02 -22.24
N PHE B 202 5.50 -15.67 -21.78
CA PHE B 202 5.26 -14.41 -21.08
C PHE B 202 3.99 -14.49 -20.25
N GLY B 203 3.91 -13.65 -19.22
CA GLY B 203 2.76 -13.58 -18.34
C GLY B 203 3.10 -13.97 -16.93
N ASN B 204 2.14 -14.55 -16.23
CA ASN B 204 2.29 -14.94 -14.84
C ASN B 204 3.36 -16.01 -14.66
N GLY B 205 4.31 -15.80 -13.76
CA GLY B 205 5.40 -16.76 -13.54
C GLY B 205 5.21 -17.79 -12.43
N ASP B 206 4.17 -17.63 -11.63
CA ASP B 206 3.97 -18.50 -10.47
C ASP B 206 3.95 -19.98 -10.84
N TYR B 207 4.62 -20.76 -9.99
CA TYR B 207 4.71 -22.22 -10.09
C TYR B 207 5.55 -22.69 -11.28
N GLY B 208 6.26 -21.76 -11.92
CA GLY B 208 7.23 -22.10 -12.96
C GLY B 208 6.70 -22.27 -14.36
N ARG B 209 5.48 -21.80 -14.64
CA ARG B 209 4.77 -22.06 -15.90
C ARG B 209 5.38 -21.46 -17.20
N LEU B 210 6.32 -20.53 -17.06
CA LEU B 210 7.04 -19.93 -18.19
C LEU B 210 8.31 -20.70 -18.54
N GLY B 211 8.75 -21.58 -17.65
CA GLY B 211 9.85 -22.49 -18.02
C GLY B 211 11.22 -21.82 -18.00
N LEU B 212 11.35 -20.78 -17.20
CA LEU B 212 12.54 -19.92 -17.22
C LEU B 212 13.51 -20.11 -16.05
N GLY B 213 13.20 -21.01 -15.12
CA GLY B 213 14.09 -21.24 -13.99
C GLY B 213 13.74 -20.48 -12.72
N ASN B 214 12.72 -19.65 -12.78
CA ASN B 214 12.25 -18.94 -11.59
C ASN B 214 10.71 -18.83 -11.65
N THR B 215 10.11 -18.05 -10.76
CA THR B 215 8.66 -17.89 -10.73
C THR B 215 8.21 -16.44 -10.94
N SER B 216 9.07 -15.58 -11.48
CA SER B 216 8.72 -14.16 -11.67
C SER B 216 7.86 -13.94 -12.91
N ASN B 217 7.00 -12.94 -12.88
CA ASN B 217 6.23 -12.58 -14.07
C ASN B 217 7.16 -11.95 -15.11
N LYS B 218 6.80 -12.10 -16.38
CA LYS B 218 7.55 -11.50 -17.48
C LYS B 218 6.55 -10.81 -18.38
N LYS B 219 6.75 -9.52 -18.59
CA LYS B 219 5.81 -8.67 -19.35
CA LYS B 219 5.80 -8.71 -19.34
C LYS B 219 6.19 -8.56 -20.81
N LEU B 220 7.34 -9.14 -21.17
CA LEU B 220 7.79 -9.20 -22.55
C LEU B 220 8.04 -10.67 -22.84
N PRO B 221 7.92 -11.09 -24.12
CA PRO B 221 8.21 -12.48 -24.46
C PRO B 221 9.65 -12.86 -24.15
N GLU B 222 9.85 -14.02 -23.53
CA GLU B 222 11.18 -14.45 -23.07
C GLU B 222 11.52 -15.77 -23.71
N ARG B 223 12.74 -15.89 -24.19
CA ARG B 223 13.18 -17.12 -24.82
C ARG B 223 13.33 -18.18 -23.73
N VAL B 224 12.75 -19.35 -23.97
CA VAL B 224 12.94 -20.50 -23.10
C VAL B 224 14.33 -21.11 -23.42
N THR B 225 15.35 -20.55 -22.80
CA THR B 225 16.75 -20.90 -23.11
C THR B 225 17.09 -22.34 -22.79
N ALA B 226 16.48 -22.89 -21.74
CA ALA B 226 16.67 -24.30 -21.41
C ALA B 226 16.35 -25.24 -22.58
N LEU B 227 15.63 -24.77 -23.60
CA LEU B 227 15.40 -25.55 -24.83
C LEU B 227 16.16 -25.05 -26.07
N GLU B 228 17.14 -24.18 -25.88
CA GLU B 228 17.93 -23.64 -27.01
C GLU B 228 18.52 -24.75 -27.90
N GLY B 229 18.86 -25.89 -27.33
CA GLY B 229 19.35 -27.01 -28.13
C GLY B 229 18.33 -27.68 -29.07
N TYR B 230 17.04 -27.39 -28.92
CA TYR B 230 15.99 -28.14 -29.61
C TYR B 230 15.08 -27.27 -30.48
N GLN B 231 14.51 -27.90 -31.51
CA GLN B 231 13.54 -27.27 -32.39
C GLN B 231 12.13 -27.58 -31.89
N ILE B 232 11.48 -26.56 -31.34
CA ILE B 232 10.12 -26.72 -30.80
C ILE B 232 9.11 -26.55 -31.90
N GLY B 233 8.14 -27.45 -31.93
CA GLY B 233 7.06 -27.40 -32.92
C GLY B 233 5.74 -26.88 -32.40
N GLN B 234 5.46 -27.07 -31.11
CA GLN B 234 4.13 -26.77 -30.58
C GLN B 234 4.24 -26.48 -29.11
N VAL B 235 3.39 -25.57 -28.63
CA VAL B 235 3.26 -25.30 -27.24
C VAL B 235 1.78 -25.30 -26.88
N ALA B 236 1.47 -25.69 -25.65
CA ALA B 236 0.11 -25.67 -25.12
C ALA B 236 0.16 -25.20 -23.66
N CYS B 237 -0.71 -24.24 -23.33
CA CYS B 237 -0.77 -23.67 -22.00
C CYS B 237 -2.14 -23.95 -21.35
N GLY B 238 -2.15 -24.34 -20.08
CA GLY B 238 -3.38 -24.61 -19.31
C GLY B 238 -3.59 -23.53 -18.23
N LEU B 239 -4.25 -23.89 -17.14
CA LEU B 239 -4.42 -22.95 -16.01
C LEU B 239 -3.07 -22.49 -15.46
N ASN B 240 -2.16 -23.41 -15.23
CA ASN B 240 -0.82 -23.02 -14.71
C ASN B 240 0.29 -24.02 -15.00
N HIS B 241 0.13 -24.79 -16.06
CA HIS B 241 1.22 -25.57 -16.59
C HIS B 241 1.28 -25.43 -18.11
N THR B 242 2.38 -25.90 -18.65
CA THR B 242 2.73 -25.74 -20.03
C THR B 242 3.33 -27.06 -20.52
N LEU B 243 2.95 -27.47 -21.73
CA LEU B 243 3.59 -28.57 -22.45
C LEU B 243 4.19 -28.04 -23.74
N ALA B 244 5.30 -28.65 -24.17
CA ALA B 244 5.93 -28.31 -25.45
C ALA B 244 6.37 -29.56 -26.15
N VAL B 245 6.23 -29.57 -27.48
CA VAL B 245 6.56 -30.73 -28.30
C VAL B 245 7.62 -30.29 -29.28
N SER B 246 8.61 -31.15 -29.48
CA SER B 246 9.64 -30.91 -30.48
C SER B 246 9.05 -30.94 -31.90
N ALA B 247 9.71 -30.24 -32.80
CA ALA B 247 9.25 -30.14 -34.19
C ALA B 247 9.06 -31.49 -34.88
N ASP B 248 9.93 -32.46 -34.57
CA ASP B 248 9.80 -33.81 -35.12
C ASP B 248 8.85 -34.73 -34.36
N GLY B 249 8.24 -34.23 -33.27
CA GLY B 249 7.27 -35.03 -32.52
C GLY B 249 7.85 -36.11 -31.61
N SER B 250 9.17 -36.14 -31.43
CA SER B 250 9.82 -37.24 -30.70
C SER B 250 10.03 -36.94 -29.22
N MET B 251 9.84 -35.68 -28.81
CA MET B 251 10.08 -35.26 -27.44
C MET B 251 8.99 -34.33 -26.96
N VAL B 252 8.57 -34.52 -25.71
CA VAL B 252 7.60 -33.66 -25.09
C VAL B 252 8.14 -33.29 -23.73
N TRP B 253 8.08 -32.01 -23.41
CA TRP B 253 8.42 -31.48 -22.10
C TRP B 253 7.22 -30.83 -21.40
N ALA B 254 7.30 -30.80 -20.07
CA ALA B 254 6.29 -30.18 -19.26
C ALA B 254 6.96 -29.26 -18.23
N PHE B 255 6.26 -28.20 -17.83
CA PHE B 255 6.67 -27.35 -16.73
C PHE B 255 5.51 -26.52 -16.16
N GLY B 256 5.71 -26.00 -14.97
CA GLY B 256 4.65 -25.31 -14.24
C GLY B 256 4.12 -26.16 -13.10
N ASP B 257 2.92 -25.85 -12.63
CA ASP B 257 2.33 -26.50 -11.46
C ASP B 257 2.16 -28.01 -11.62
N GLY B 258 2.41 -28.76 -10.53
CA GLY B 258 2.35 -30.26 -10.57
C GLY B 258 1.07 -30.93 -10.06
N ASP B 259 0.10 -30.15 -9.63
CA ASP B 259 -1.13 -30.69 -9.04
C ASP B 259 -1.73 -31.77 -9.94
N TYR B 260 -2.25 -32.81 -9.30
CA TYR B 260 -2.93 -33.94 -9.92
C TYR B 260 -2.11 -34.75 -10.88
N GLY B 261 -0.80 -34.56 -10.89
CA GLY B 261 0.07 -35.27 -11.84
C GLY B 261 0.00 -34.83 -13.30
N LYS B 262 -0.49 -33.61 -13.55
CA LYS B 262 -0.69 -33.08 -14.90
C LYS B 262 0.60 -32.80 -15.70
N LEU B 263 1.74 -32.75 -15.06
CA LEU B 263 3.01 -32.70 -15.79
C LEU B 263 3.36 -34.08 -16.39
N GLY B 264 2.76 -35.15 -15.87
CA GLY B 264 3.03 -36.51 -16.36
C GLY B 264 4.41 -37.06 -15.96
N LEU B 265 4.99 -36.52 -14.87
CA LEU B 265 6.33 -36.90 -14.40
C LEU B 265 6.28 -37.87 -13.23
N GLY B 266 5.11 -38.40 -12.90
CA GLY B 266 4.97 -39.31 -11.80
C GLY B 266 4.87 -38.69 -10.41
N ASN B 267 4.31 -37.48 -10.31
CA ASN B 267 3.99 -36.92 -8.97
C ASN B 267 3.31 -35.54 -9.05
N SER B 268 3.29 -34.79 -7.94
CA SER B 268 2.55 -33.51 -7.90
C SER B 268 3.40 -32.23 -7.67
N THR B 269 4.73 -32.34 -7.80
CA THR B 269 5.62 -31.16 -7.57
C THR B 269 5.83 -30.24 -8.80
N ALA B 270 5.73 -28.93 -8.58
CA ALA B 270 5.89 -27.96 -9.64
C ALA B 270 7.34 -27.89 -10.18
N LYS B 271 7.48 -27.60 -11.48
CA LYS B 271 8.79 -27.51 -12.12
C LYS B 271 8.93 -26.20 -12.86
N SER B 272 10.03 -25.48 -12.59
CA SER B 272 10.28 -24.19 -13.23
C SER B 272 11.17 -24.29 -14.46
N SER B 273 11.74 -25.47 -14.71
CA SER B 273 12.43 -25.73 -15.96
C SER B 273 11.74 -26.87 -16.68
N PRO B 274 11.83 -26.91 -18.02
CA PRO B 274 11.15 -27.99 -18.76
C PRO B 274 11.72 -29.39 -18.45
N GLN B 275 10.84 -30.35 -18.24
CA GLN B 275 11.20 -31.74 -17.93
C GLN B 275 10.64 -32.68 -18.99
N LYS B 276 11.49 -33.55 -19.55
CA LYS B 276 11.01 -34.54 -20.49
C LYS B 276 9.96 -35.41 -19.85
N ILE B 277 8.91 -35.70 -20.61
CA ILE B 277 7.92 -36.68 -20.25
C ILE B 277 8.33 -38.00 -20.91
N ASP B 278 8.98 -38.87 -20.16
CA ASP B 278 9.58 -40.05 -20.78
C ASP B 278 8.58 -40.90 -21.54
N VAL B 279 7.41 -41.13 -20.96
CA VAL B 279 6.38 -41.96 -21.61
C VAL B 279 6.06 -41.46 -23.04
N LEU B 280 6.07 -40.15 -23.24
CA LEU B 280 5.74 -39.57 -24.54
C LEU B 280 6.92 -39.33 -25.47
N CYS B 281 8.11 -39.77 -25.10
CA CYS B 281 9.27 -39.57 -25.95
C CYS B 281 9.46 -40.83 -26.85
N GLY B 282 9.67 -40.57 -28.15
CA GLY B 282 9.93 -41.61 -29.12
C GLY B 282 8.68 -42.29 -29.67
N ILE B 283 7.49 -41.80 -29.34
CA ILE B 283 6.27 -42.49 -29.84
C ILE B 283 5.56 -41.74 -30.97
N GLY B 284 5.99 -40.53 -31.31
CA GLY B 284 5.40 -39.80 -32.41
C GLY B 284 4.16 -39.05 -31.95
N ILE B 285 4.37 -37.78 -31.57
CA ILE B 285 3.31 -36.97 -31.01
C ILE B 285 2.84 -35.98 -32.05
N LYS B 286 1.55 -36.00 -32.34
CA LYS B 286 0.95 -35.06 -33.31
C LYS B 286 0.61 -33.74 -32.62
N LYS B 287 -0.03 -33.78 -31.45
CA LYS B 287 -0.27 -32.57 -30.68
C LYS B 287 -0.58 -32.83 -29.20
N VAL B 288 -0.38 -31.80 -28.40
CA VAL B 288 -0.75 -31.78 -26.98
C VAL B 288 -1.73 -30.64 -26.71
N ALA B 289 -2.51 -30.80 -25.64
CA ALA B 289 -3.39 -29.78 -25.14
C ALA B 289 -3.48 -29.85 -23.60
N CYS B 290 -3.73 -28.70 -22.97
CA CYS B 290 -3.89 -28.59 -21.52
C CYS B 290 -5.22 -27.99 -21.13
N GLY B 291 -5.81 -28.51 -20.05
CA GLY B 291 -6.90 -27.84 -19.35
C GLY B 291 -6.48 -27.41 -17.95
N THR B 292 -7.46 -27.25 -17.07
CA THR B 292 -7.18 -26.77 -15.73
C THR B 292 -6.20 -27.66 -14.96
N GLN B 293 -6.51 -28.95 -14.90
CA GLN B 293 -5.80 -29.86 -14.05
C GLN B 293 -5.41 -31.16 -14.77
N PHE B 294 -5.24 -31.11 -16.10
CA PHE B 294 -4.92 -32.29 -16.90
C PHE B 294 -4.29 -31.92 -18.22
N SER B 295 -3.82 -32.96 -18.91
CA SER B 295 -3.09 -32.87 -20.14
C SER B 295 -3.55 -33.98 -21.08
N VAL B 296 -3.47 -33.70 -22.38
CA VAL B 296 -3.91 -34.62 -23.41
C VAL B 296 -2.84 -34.59 -24.48
N ALA B 297 -2.45 -35.77 -24.96
CA ALA B 297 -1.51 -35.89 -26.03
C ALA B 297 -2.09 -36.84 -27.07
N LEU B 298 -1.94 -36.47 -28.34
CA LEU B 298 -2.45 -37.23 -29.46
C LEU B 298 -1.27 -37.67 -30.30
N THR B 299 -1.15 -38.99 -30.49
CA THR B 299 -0.06 -39.51 -31.29
C THR B 299 -0.39 -39.39 -32.78
N LYS B 300 0.66 -39.46 -33.58
CA LYS B 300 0.53 -39.43 -35.04
C LYS B 300 -0.31 -40.58 -35.61
N ASP B 301 -0.36 -41.72 -34.93
CA ASP B 301 -1.23 -42.80 -35.40
C ASP B 301 -2.57 -42.88 -34.67
N GLY B 302 -2.95 -41.82 -33.97
CA GLY B 302 -4.34 -41.62 -33.56
C GLY B 302 -4.72 -42.13 -32.19
N HIS B 303 -3.73 -42.38 -31.32
CA HIS B 303 -3.99 -42.76 -29.93
C HIS B 303 -3.96 -41.53 -29.04
N VAL B 304 -4.80 -41.55 -28.00
CA VAL B 304 -4.91 -40.46 -27.02
C VAL B 304 -4.39 -40.91 -25.68
N TYR B 305 -3.45 -40.14 -25.13
CA TYR B 305 -2.92 -40.31 -23.79
C TYR B 305 -3.37 -39.14 -22.90
N THR B 306 -3.81 -39.45 -21.67
CA THR B 306 -4.16 -38.42 -20.73
C THR B 306 -3.42 -38.62 -19.42
N PHE B 307 -3.34 -37.54 -18.64
CA PHE B 307 -2.76 -37.53 -17.31
C PHE B 307 -3.21 -36.25 -16.62
N GLY B 308 -3.41 -36.36 -15.31
CA GLY B 308 -3.88 -35.27 -14.48
C GLY B 308 -5.01 -35.77 -13.61
N GLN B 309 -5.95 -34.89 -13.34
CA GLN B 309 -7.02 -35.15 -12.37
C GLN B 309 -7.96 -36.24 -12.85
N ASP B 310 -8.24 -37.17 -11.95
CA ASP B 310 -8.95 -38.41 -12.25
C ASP B 310 -10.28 -38.19 -12.97
N ARG B 311 -11.08 -37.21 -12.52
CA ARG B 311 -12.41 -37.05 -13.08
C ARG B 311 -12.38 -36.40 -14.48
N LEU B 312 -11.23 -35.88 -14.90
CA LEU B 312 -11.11 -35.18 -16.18
C LEU B 312 -10.33 -35.87 -17.28
N ILE B 313 -9.80 -37.07 -17.03
CA ILE B 313 -8.83 -37.66 -17.93
C ILE B 313 -9.40 -38.80 -18.79
N GLY B 314 -10.70 -39.06 -18.66
CA GLY B 314 -11.35 -40.03 -19.54
C GLY B 314 -10.98 -41.49 -19.32
N LEU B 315 -10.46 -41.85 -18.14
CA LEU B 315 -10.02 -43.24 -17.89
C LEU B 315 -11.02 -43.93 -16.97
N PRO B 316 -11.12 -45.27 -17.07
CA PRO B 316 -11.88 -45.95 -16.02
C PRO B 316 -11.23 -45.74 -14.64
N GLU B 317 -12.05 -45.83 -13.60
CA GLU B 317 -11.64 -45.42 -12.26
C GLU B 317 -10.37 -46.12 -11.79
N GLY B 318 -10.24 -47.41 -12.08
CA GLY B 318 -9.05 -48.14 -11.69
C GLY B 318 -7.75 -47.59 -12.26
N ARG B 319 -7.73 -47.36 -13.56
CA ARG B 319 -6.55 -46.85 -14.25
C ARG B 319 -6.22 -45.45 -13.80
N ALA B 320 -7.25 -44.69 -13.43
CA ALA B 320 -7.04 -43.33 -12.98
C ALA B 320 -6.15 -43.26 -11.72
N ARG B 321 -5.83 -44.42 -11.13
CA ARG B 321 -4.75 -44.54 -10.12
C ARG B 321 -3.32 -44.25 -10.63
N ASN B 322 -3.05 -44.46 -11.91
CA ASN B 322 -1.77 -44.03 -12.48
C ASN B 322 -1.88 -42.69 -13.20
N HIS B 323 -2.75 -41.83 -12.68
CA HIS B 323 -3.10 -40.56 -13.30
C HIS B 323 -1.93 -39.59 -13.44
N ASN B 324 -0.88 -39.78 -12.63
CA ASN B 324 0.29 -38.91 -12.66
C ASN B 324 1.34 -39.24 -13.75
N ARG B 325 1.07 -40.29 -14.54
CA ARG B 325 1.84 -40.61 -15.76
C ARG B 325 0.89 -40.79 -16.94
N PRO B 326 1.35 -40.48 -18.16
CA PRO B 326 0.51 -40.57 -19.33
C PRO B 326 0.04 -41.99 -19.62
N GLN B 327 -1.22 -42.13 -19.99
CA GLN B 327 -1.78 -43.43 -20.30
C GLN B 327 -2.80 -43.28 -21.40
N GLN B 328 -2.82 -44.28 -22.28
CA GLN B 328 -3.76 -44.37 -23.36
C GLN B 328 -5.18 -44.53 -22.87
N ILE B 329 -6.11 -43.81 -23.48
CA ILE B 329 -7.53 -43.98 -23.16
C ILE B 329 -8.06 -45.30 -23.72
N PRO B 330 -8.49 -46.21 -22.86
CA PRO B 330 -8.89 -47.53 -23.38
C PRO B 330 -10.19 -47.56 -24.19
N VAL B 331 -11.22 -46.75 -23.88
CA VAL B 331 -12.45 -46.84 -24.71
C VAL B 331 -12.20 -46.39 -26.15
N LEU B 332 -11.14 -45.60 -26.38
CA LEU B 332 -10.80 -45.16 -27.74
C LEU B 332 -9.70 -45.96 -28.40
N ALA B 333 -9.27 -47.05 -27.76
CA ALA B 333 -8.14 -47.82 -28.26
C ALA B 333 -8.43 -48.37 -29.67
N GLY B 334 -9.69 -48.67 -29.93
CA GLY B 334 -10.12 -49.13 -31.26
C GLY B 334 -10.34 -48.04 -32.29
N VAL B 335 -10.14 -46.77 -31.94
CA VAL B 335 -10.63 -45.65 -32.76
C VAL B 335 -9.46 -44.75 -33.15
N ILE B 336 -9.38 -44.41 -34.43
CA ILE B 336 -8.33 -43.51 -34.91
C ILE B 336 -8.81 -42.08 -34.69
N ILE B 337 -8.10 -41.34 -33.84
CA ILE B 337 -8.48 -39.95 -33.52
C ILE B 337 -7.63 -38.99 -34.34
N GLU B 338 -8.32 -38.08 -35.02
CA GLU B 338 -7.72 -37.07 -35.92
C GLU B 338 -7.38 -35.77 -35.18
N ASP B 339 -8.20 -35.36 -34.21
CA ASP B 339 -7.92 -34.17 -33.40
C ASP B 339 -8.56 -34.22 -32.01
N VAL B 340 -8.01 -33.42 -31.10
CA VAL B 340 -8.58 -33.24 -29.78
C VAL B 340 -8.69 -31.74 -29.53
N ALA B 341 -9.66 -31.35 -28.71
CA ALA B 341 -9.81 -29.97 -28.30
C ALA B 341 -10.17 -30.01 -26.83
N VAL B 342 -9.47 -29.19 -26.06
CA VAL B 342 -9.65 -29.17 -24.63
C VAL B 342 -10.13 -27.79 -24.27
N GLY B 343 -11.13 -27.72 -23.40
CA GLY B 343 -11.59 -26.46 -22.83
C GLY B 343 -10.97 -26.26 -21.47
N ALA B 344 -11.77 -25.76 -20.53
CA ALA B 344 -11.33 -25.62 -19.16
C ALA B 344 -11.34 -27.00 -18.51
N GLU B 345 -12.52 -27.64 -18.52
CA GLU B 345 -12.69 -28.92 -17.83
C GLU B 345 -13.27 -30.06 -18.68
N HIS B 346 -13.23 -29.94 -20.00
CA HIS B 346 -13.79 -30.97 -20.88
C HIS B 346 -12.94 -31.16 -22.10
N THR B 347 -13.10 -32.35 -22.70
CA THR B 347 -12.34 -32.74 -23.85
C THR B 347 -13.29 -33.23 -24.92
N LEU B 348 -13.00 -32.83 -26.16
CA LEU B 348 -13.64 -33.33 -27.36
C LEU B 348 -12.60 -34.04 -28.21
N ALA B 349 -13.01 -35.12 -28.87
CA ALA B 349 -12.12 -35.85 -29.78
C ALA B 349 -12.85 -36.12 -31.06
N LEU B 350 -12.21 -35.78 -32.18
CA LEU B 350 -12.77 -36.00 -33.52
C LEU B 350 -12.14 -37.26 -34.12
N ALA B 351 -12.95 -38.24 -34.45
CA ALA B 351 -12.43 -39.48 -35.02
C ALA B 351 -12.23 -39.33 -36.51
N SER B 352 -11.43 -40.26 -37.04
CA SER B 352 -11.18 -40.39 -38.47
C SER B 352 -12.44 -40.26 -39.35
N ASN B 353 -13.56 -40.81 -38.91
CA ASN B 353 -14.80 -40.79 -39.71
C ASN B 353 -15.74 -39.60 -39.43
N GLY B 354 -15.30 -38.66 -38.59
CA GLY B 354 -16.10 -37.48 -38.24
C GLY B 354 -16.95 -37.62 -37.00
N ASP B 355 -16.96 -38.80 -36.39
CA ASP B 355 -17.58 -39.01 -35.07
C ASP B 355 -16.89 -38.14 -34.02
N VAL B 356 -17.68 -37.58 -33.10
CA VAL B 356 -17.15 -36.76 -32.04
C VAL B 356 -17.44 -37.39 -30.68
N TYR B 357 -16.40 -37.50 -29.87
CA TYR B 357 -16.48 -38.00 -28.51
C TYR B 357 -16.25 -36.89 -27.49
N ALA B 358 -16.89 -36.98 -26.32
CA ALA B 358 -16.75 -35.98 -25.29
C ALA B 358 -16.73 -36.59 -23.89
N TRP B 359 -16.01 -35.91 -22.99
CA TRP B 359 -15.90 -36.34 -21.61
C TRP B 359 -15.39 -35.22 -20.72
N GLY B 360 -15.70 -35.33 -19.42
CA GLY B 360 -15.28 -34.36 -18.42
C GLY B 360 -16.45 -33.59 -17.83
N SER B 361 -16.22 -32.33 -17.47
CA SER B 361 -17.26 -31.52 -16.81
C SER B 361 -18.36 -31.16 -17.79
N ASN B 362 -19.57 -31.02 -17.28
CA ASN B 362 -20.75 -30.91 -18.12
C ASN B 362 -21.86 -30.10 -17.46
N SER B 363 -21.53 -29.23 -16.51
CA SER B 363 -22.57 -28.55 -15.74
C SER B 363 -23.34 -27.54 -16.60
N GLU B 364 -22.71 -27.09 -17.69
CA GLU B 364 -23.36 -26.18 -18.62
C GLU B 364 -23.79 -26.85 -19.92
N GLY B 365 -23.72 -28.19 -19.99
CA GLY B 365 -24.07 -28.92 -21.18
C GLY B 365 -23.00 -28.89 -22.26
N GLN B 366 -21.78 -28.56 -21.86
CA GLN B 366 -20.70 -28.39 -22.84
C GLN B 366 -20.26 -29.69 -23.49
N LEU B 367 -20.71 -30.85 -22.98
CA LEU B 367 -20.44 -32.11 -23.67
C LEU B 367 -21.36 -32.40 -24.85
N GLY B 368 -22.49 -31.69 -24.93
CA GLY B 368 -23.44 -31.86 -26.02
C GLY B 368 -24.19 -33.17 -26.03
N LEU B 369 -24.43 -33.74 -24.85
CA LEU B 369 -25.04 -35.06 -24.72
C LEU B 369 -26.50 -35.03 -24.29
N GLY B 370 -27.09 -33.84 -24.20
CA GLY B 370 -28.50 -33.70 -23.82
C GLY B 370 -28.76 -33.76 -22.32
N HIS B 371 -27.73 -33.58 -21.50
CA HIS B 371 -27.89 -33.56 -20.04
C HIS B 371 -26.74 -32.73 -19.41
N THR B 372 -26.75 -32.51 -18.10
CA THR B 372 -25.67 -31.78 -17.43
C THR B 372 -24.94 -32.56 -16.34
N ASN B 373 -24.96 -33.88 -16.45
CA ASN B 373 -24.13 -34.77 -15.62
C ASN B 373 -22.69 -34.99 -16.11
N HIS B 374 -21.79 -35.14 -15.15
CA HIS B 374 -20.39 -35.35 -15.42
C HIS B 374 -20.26 -36.66 -16.13
N VAL B 375 -19.37 -36.73 -17.11
CA VAL B 375 -19.13 -37.94 -17.86
C VAL B 375 -17.66 -38.32 -17.72
N ARG B 376 -17.38 -39.49 -17.14
CA ARG B 376 -16.01 -39.94 -16.92
C ARG B 376 -15.27 -40.33 -18.21
N GLU B 377 -15.86 -41.24 -19.01
CA GLU B 377 -15.19 -41.81 -20.19
C GLU B 377 -15.79 -41.29 -21.50
N PRO B 378 -14.96 -41.23 -22.58
CA PRO B 378 -15.40 -40.66 -23.85
C PRO B 378 -16.70 -41.26 -24.34
N THR B 379 -17.65 -40.39 -24.61
CA THR B 379 -19.00 -40.78 -25.02
C THR B 379 -19.33 -40.14 -26.38
N LEU B 380 -19.95 -40.93 -27.27
CA LEU B 380 -20.32 -40.44 -28.58
C LEU B 380 -21.35 -39.31 -28.49
N VAL B 381 -21.09 -38.20 -29.18
CA VAL B 381 -22.05 -37.11 -29.29
C VAL B 381 -22.99 -37.45 -30.47
N THR B 382 -24.12 -38.08 -30.17
CA THR B 382 -25.00 -38.62 -31.22
C THR B 382 -25.64 -37.51 -32.02
N GLY B 383 -25.82 -36.34 -31.41
CA GLY B 383 -26.33 -35.18 -32.16
C GLY B 383 -25.44 -34.69 -33.29
N LEU B 384 -24.19 -35.17 -33.39
CA LEU B 384 -23.34 -34.81 -34.54
C LEU B 384 -23.21 -35.95 -35.54
N GLN B 385 -23.85 -37.08 -35.26
CA GLN B 385 -23.85 -38.19 -36.23
C GLN B 385 -24.44 -37.73 -37.56
N GLY B 386 -23.74 -38.01 -38.66
CA GLY B 386 -24.19 -37.61 -39.99
C GLY B 386 -24.02 -36.15 -40.37
N LYS B 387 -23.40 -35.33 -39.52
CA LYS B 387 -23.21 -33.90 -39.83
C LYS B 387 -21.87 -33.59 -40.49
N ASN B 388 -21.05 -34.61 -40.69
CA ASN B 388 -19.79 -34.45 -41.41
C ASN B 388 -18.85 -33.40 -40.81
N VAL B 389 -18.72 -33.45 -39.50
CA VAL B 389 -17.81 -32.55 -38.75
C VAL B 389 -16.39 -32.73 -39.19
N ARG B 390 -15.67 -31.62 -39.40
CA ARG B 390 -14.26 -31.64 -39.76
C ARG B 390 -13.35 -31.00 -38.73
N GLN B 391 -13.88 -30.09 -37.93
CA GLN B 391 -13.06 -29.40 -36.93
C GLN B 391 -13.85 -29.22 -35.68
N ILE B 392 -13.15 -29.09 -34.55
CA ILE B 392 -13.77 -28.93 -33.25
C ILE B 392 -13.00 -27.90 -32.41
N SER B 393 -13.72 -27.26 -31.49
CA SER B 393 -13.15 -26.29 -30.59
C SER B 393 -13.87 -26.36 -29.26
N ALA B 394 -13.13 -26.19 -28.17
CA ALA B 394 -13.72 -26.20 -26.83
C ALA B 394 -13.27 -25.00 -26.04
N GLY B 395 -14.21 -24.33 -25.39
CA GLY B 395 -13.90 -23.17 -24.55
C GLY B 395 -14.09 -23.49 -23.08
N ARG B 396 -14.30 -22.45 -22.26
CA ARG B 396 -14.49 -22.66 -20.82
C ARG B 396 -15.66 -23.59 -20.55
N CYS B 397 -16.81 -23.26 -21.10
CA CYS B 397 -17.98 -24.13 -20.97
C CYS B 397 -18.93 -24.02 -22.15
N HIS B 398 -18.34 -23.87 -23.33
CA HIS B 398 -19.07 -24.11 -24.55
C HIS B 398 -18.17 -24.73 -25.59
N SER B 399 -18.79 -25.19 -26.66
CA SER B 399 -18.14 -26.03 -27.64
C SER B 399 -18.65 -25.75 -29.03
N ALA B 400 -17.83 -26.09 -30.01
CA ALA B 400 -18.17 -25.91 -31.42
C ALA B 400 -17.67 -27.06 -32.26
N ALA B 401 -18.46 -27.43 -33.27
CA ALA B 401 -18.02 -28.32 -34.32
C ALA B 401 -18.47 -27.78 -35.69
N TRP B 402 -17.59 -27.86 -36.68
CA TRP B 402 -17.97 -27.33 -37.99
C TRP B 402 -17.37 -28.12 -39.15
N THR B 403 -17.92 -27.85 -40.33
CA THR B 403 -17.65 -28.64 -41.54
C THR B 403 -16.67 -28.01 -42.53
N ALA B 404 -16.03 -26.91 -42.16
CA ALA B 404 -15.06 -26.25 -43.04
C ALA B 404 -13.69 -26.89 -42.86
N LYS C 40 -11.75 18.83 40.50
CA LYS C 40 -12.23 19.01 39.10
C LYS C 40 -12.00 20.45 38.60
N CYS C 41 -11.40 20.57 37.44
CA CYS C 41 -11.18 21.86 36.79
C CYS C 41 -11.70 21.78 35.36
N ASP C 42 -11.69 22.91 34.68
CA ASP C 42 -11.99 22.93 33.27
C ASP C 42 -10.68 23.02 32.51
N VAL C 43 -10.52 22.15 31.51
CA VAL C 43 -9.36 22.18 30.63
C VAL C 43 -9.79 22.42 29.19
N TYR C 44 -9.07 23.33 28.53
CA TYR C 44 -9.31 23.67 27.13
C TYR C 44 -8.08 23.37 26.32
N LEU C 45 -8.28 22.67 25.19
CA LEU C 45 -7.19 22.26 24.32
C LEU C 45 -7.49 22.75 22.91
N TRP C 46 -6.44 23.06 22.15
CA TRP C 46 -6.59 23.41 20.75
C TRP C 46 -5.30 23.24 19.97
N GLY C 47 -5.43 23.30 18.64
CA GLY C 47 -4.33 23.08 17.70
C GLY C 47 -4.40 21.71 17.01
N ALA C 48 -3.23 21.15 16.74
CA ALA C 48 -3.13 19.86 16.07
C ALA C 48 -3.51 18.76 17.07
N GLY C 49 -4.28 17.77 16.59
CA GLY C 49 -4.74 16.69 17.44
C GLY C 49 -4.79 15.33 16.76
N ARG C 50 -4.02 15.17 15.69
CA ARG C 50 -4.18 14.01 14.81
C ARG C 50 -3.64 12.70 15.39
N HIS C 51 -2.80 12.79 16.44
CA HIS C 51 -2.32 11.61 17.18
C HIS C 51 -3.07 11.30 18.48
N GLY C 52 -4.15 12.02 18.74
CA GLY C 52 -4.95 11.81 19.96
C GLY C 52 -4.58 12.73 21.13
N GLN C 53 -3.76 13.74 20.86
CA GLN C 53 -3.18 14.56 21.97
C GLN C 53 -4.17 15.56 22.57
N LEU C 54 -5.33 15.74 21.94
CA LEU C 54 -6.41 16.53 22.50
C LEU C 54 -7.59 15.64 22.90
N ALA C 55 -7.35 14.34 22.90
CA ALA C 55 -8.38 13.38 23.23
C ALA C 55 -9.70 13.79 22.57
N GLU C 56 -10.80 13.74 23.32
CA GLU C 56 -12.11 13.93 22.72
C GLU C 56 -12.39 15.34 22.18
N ALA C 57 -11.54 16.33 22.46
CA ALA C 57 -11.75 17.68 21.88
C ALA C 57 -11.59 17.71 20.35
N GLY C 58 -10.90 16.74 19.75
CA GLY C 58 -10.87 16.62 18.28
C GLY C 58 -9.49 16.48 17.69
N ARG C 59 -9.46 16.38 16.37
CA ARG C 59 -8.24 16.12 15.62
C ARG C 59 -7.59 17.38 15.06
N ASN C 60 -8.41 18.40 14.77
CA ASN C 60 -7.89 19.69 14.29
C ASN C 60 -8.76 20.77 14.89
N VAL C 61 -8.22 21.54 15.80
CA VAL C 61 -9.03 22.43 16.62
C VAL C 61 -8.46 23.85 16.53
N MET C 62 -9.26 24.78 16.05
CA MET C 62 -8.82 26.16 15.82
C MET C 62 -9.26 27.15 16.90
N VAL C 63 -10.15 26.71 17.79
CA VAL C 63 -10.58 27.53 18.92
C VAL C 63 -10.55 26.64 20.17
N PRO C 64 -10.33 27.24 21.34
CA PRO C 64 -10.24 26.42 22.55
C PRO C 64 -11.48 25.54 22.70
N ALA C 65 -11.26 24.24 22.87
CA ALA C 65 -12.33 23.29 23.03
C ALA C 65 -12.17 22.55 24.35
N ALA C 66 -13.29 22.37 25.04
CA ALA C 66 -13.30 21.69 26.33
C ALA C 66 -12.98 20.21 26.20
N ALA C 67 -12.16 19.74 27.13
CA ALA C 67 -11.83 18.34 27.22
C ALA C 67 -12.24 17.80 28.60
N PRO C 68 -13.51 17.35 28.74
CA PRO C 68 -14.00 16.85 30.05
C PRO C 68 -13.21 15.72 30.65
N SER C 69 -12.61 14.84 29.83
CA SER C 69 -11.71 13.79 30.35
C SER C 69 -10.40 14.32 30.98
N PHE C 70 -10.12 15.61 30.86
CA PHE C 70 -8.93 16.20 31.51
C PHE C 70 -9.22 16.83 32.89
N SER C 71 -10.46 16.70 33.36
CA SER C 71 -10.96 17.45 34.53
C SER C 71 -10.26 17.17 35.84
N GLN C 72 -9.59 16.03 35.95
CA GLN C 72 -8.81 15.69 37.14
C GLN C 72 -7.36 16.22 37.09
N ALA C 73 -7.03 17.07 36.13
CA ALA C 73 -5.64 17.52 36.03
C ALA C 73 -5.34 18.65 37.02
N GLN C 74 -4.16 18.62 37.63
CA GLN C 74 -3.64 19.79 38.32
C GLN C 74 -2.70 20.53 37.35
N GLN C 75 -1.97 19.78 36.55
CA GLN C 75 -1.10 20.32 35.52
C GLN C 75 -1.34 19.59 34.21
N VAL C 76 -1.23 20.35 33.13
CA VAL C 76 -1.28 19.84 31.79
C VAL C 76 -0.01 20.32 31.06
N ILE C 77 0.71 19.40 30.42
CA ILE C 77 1.98 19.71 29.77
C ILE C 77 1.91 19.26 28.31
N CYS C 78 1.95 20.24 27.40
CA CYS C 78 1.91 19.97 25.96
C CYS C 78 3.31 19.78 25.41
N GLY C 79 3.50 18.71 24.65
CA GLY C 79 4.78 18.44 24.02
C GLY C 79 4.74 18.30 22.50
N GLN C 80 5.47 17.29 22.04
CA GLN C 80 5.70 16.99 20.64
C GLN C 80 4.54 16.05 20.22
N ASN C 81 3.42 16.64 19.82
CA ASN C 81 2.18 15.91 19.50
C ASN C 81 1.69 14.97 20.58
N CYS C 82 1.99 15.31 21.82
CA CYS C 82 1.58 14.54 22.97
C CYS C 82 1.23 15.52 24.11
N THR C 83 0.54 14.98 25.11
CA THR C 83 0.03 15.77 26.21
C THR C 83 0.10 14.92 27.46
N PHE C 84 0.68 15.49 28.50
CA PHE C 84 0.81 14.81 29.79
C PHE C 84 -0.05 15.55 30.78
N VAL C 85 -0.53 14.81 31.76
CA VAL C 85 -1.32 15.37 32.85
C VAL C 85 -0.73 14.90 34.16
N ILE C 86 -0.67 15.79 35.13
CA ILE C 86 -0.28 15.44 36.48
C ILE C 86 -1.48 15.69 37.35
N GLN C 87 -1.91 14.68 38.09
CA GLN C 87 -3.02 14.85 39.04
C GLN C 87 -2.53 15.47 40.36
N ALA C 88 -3.46 15.98 41.14
CA ALA C 88 -3.15 16.47 42.50
C ALA C 88 -2.39 15.43 43.34
N ASN C 89 -2.75 14.16 43.22
CA ASN C 89 -2.09 13.09 43.96
C ASN C 89 -0.75 12.59 43.39
N GLY C 90 -0.25 13.25 42.37
CA GLY C 90 1.07 12.92 41.86
C GLY C 90 1.04 11.92 40.72
N THR C 91 -0.16 11.46 40.34
CA THR C 91 -0.29 10.49 39.25
C THR C 91 -0.10 11.24 37.93
N VAL C 92 0.58 10.61 36.99
CA VAL C 92 0.85 11.16 35.66
C VAL C 92 0.14 10.31 34.61
N LEU C 93 -0.54 10.99 33.69
CA LEU C 93 -1.18 10.31 32.55
C LEU C 93 -0.65 10.90 31.25
N ALA C 94 -0.81 10.15 30.15
CA ALA C 94 -0.31 10.52 28.82
C ALA C 94 -1.31 10.22 27.71
N CYS C 95 -1.33 11.08 26.69
CA CYS C 95 -1.97 10.74 25.41
C CYS C 95 -1.24 11.41 24.25
N GLY C 96 -1.50 10.95 23.03
CA GLY C 96 -0.88 11.49 21.83
C GLY C 96 0.08 10.56 21.11
N GLU C 97 1.01 11.16 20.38
CA GLU C 97 1.95 10.40 19.55
C GLU C 97 2.86 9.55 20.44
N GLY C 98 3.05 8.28 20.08
CA GLY C 98 3.82 7.35 20.89
C GLY C 98 5.24 7.01 20.44
N SER C 99 5.68 7.61 19.35
CA SER C 99 6.91 7.22 18.67
C SER C 99 8.12 7.32 19.58
N TYR C 100 8.98 6.32 19.49
CA TYR C 100 10.23 6.27 20.26
C TYR C 100 10.00 6.27 21.78
N GLY C 101 8.86 5.71 22.20
CA GLY C 101 8.58 5.53 23.62
C GLY C 101 8.18 6.81 24.34
N ARG C 102 7.63 7.75 23.58
CA ARG C 102 7.38 9.11 24.08
C ARG C 102 6.53 9.14 25.34
N LEU C 103 5.51 8.29 25.38
CA LEU C 103 4.50 8.32 26.41
C LEU C 103 4.83 7.47 27.62
N GLY C 104 6.00 6.83 27.61
CA GLY C 104 6.47 6.08 28.75
C GLY C 104 5.72 4.80 29.08
N GLN C 105 5.07 4.19 28.09
CA GLN C 105 4.22 3.01 28.32
C GLN C 105 4.95 1.69 28.08
N GLY C 106 6.22 1.73 27.70
CA GLY C 106 6.94 0.50 27.29
C GLY C 106 6.68 0.07 25.84
N ASN C 107 6.11 0.96 25.02
CA ASN C 107 5.84 0.66 23.60
C ASN C 107 5.82 1.97 22.81
N SER C 108 5.44 1.90 21.53
CA SER C 108 5.43 3.07 20.66
C SER C 108 4.05 3.43 20.10
N ASP C 109 2.98 2.90 20.69
CA ASP C 109 1.63 3.17 20.23
C ASP C 109 1.13 4.58 20.58
N ASP C 110 0.29 5.14 19.71
CA ASP C 110 -0.38 6.39 20.02
C ASP C 110 -1.53 6.09 20.99
N LEU C 111 -1.82 7.00 21.91
CA LEU C 111 -2.92 6.81 22.84
C LEU C 111 -3.94 7.91 22.64
N HIS C 112 -5.20 7.55 22.54
CA HIS C 112 -6.22 8.55 22.25
C HIS C 112 -7.04 8.98 23.45
N VAL C 113 -6.79 8.35 24.59
CA VAL C 113 -7.36 8.70 25.88
C VAL C 113 -6.21 8.81 26.86
N LEU C 114 -6.36 9.66 27.86
CA LEU C 114 -5.37 9.75 28.94
C LEU C 114 -5.15 8.40 29.61
N THR C 115 -3.90 8.00 29.68
CA THR C 115 -3.53 6.68 30.12
C THR C 115 -2.39 6.82 31.12
N VAL C 116 -2.56 6.18 32.27
CA VAL C 116 -1.61 6.30 33.37
C VAL C 116 -0.23 5.83 32.93
N ILE C 117 0.80 6.55 33.37
CA ILE C 117 2.14 6.05 33.25
C ILE C 117 2.40 5.19 34.49
N SER C 118 2.17 3.88 34.35
CA SER C 118 2.22 2.99 35.50
C SER C 118 3.63 2.88 36.07
N ALA C 119 4.68 3.10 35.27
CA ALA C 119 6.05 3.11 35.80
C ALA C 119 6.39 4.29 36.75
N LEU C 120 5.50 5.28 36.86
CA LEU C 120 5.65 6.30 37.87
C LEU C 120 4.72 6.10 39.08
N GLN C 121 3.77 5.17 38.99
CA GLN C 121 2.84 4.93 40.10
C GLN C 121 3.63 4.53 41.35
N GLY C 122 3.22 5.11 42.49
CA GLY C 122 3.94 4.96 43.75
C GLY C 122 4.83 6.16 44.07
N PHE C 123 5.13 6.96 43.05
CA PHE C 123 5.88 8.21 43.24
C PHE C 123 4.93 9.39 43.13
N VAL C 124 5.22 10.43 43.90
CA VAL C 124 4.44 11.68 43.81
C VAL C 124 5.22 12.59 42.86
N VAL C 125 4.74 12.66 41.63
CA VAL C 125 5.33 13.54 40.64
C VAL C 125 4.81 14.97 40.83
N THR C 126 5.75 15.91 40.99
CA THR C 126 5.43 17.33 41.19
C THR C 126 5.65 18.22 39.95
N GLN C 127 6.56 17.83 39.06
CA GLN C 127 6.83 18.58 37.83
CA GLN C 127 6.80 18.58 37.82
C GLN C 127 7.15 17.63 36.68
N LEU C 128 6.80 18.05 35.46
CA LEU C 128 7.11 17.30 34.25
C LEU C 128 7.36 18.27 33.10
N VAL C 129 8.42 18.00 32.35
CA VAL C 129 8.76 18.80 31.17
C VAL C 129 8.99 17.86 30.00
N THR C 130 8.80 18.37 28.81
CA THR C 130 8.93 17.54 27.64
C THR C 130 9.35 18.43 26.47
N SER C 131 9.96 17.85 25.45
CA SER C 131 10.43 18.64 24.30
C SER C 131 9.29 19.01 23.36
N CYS C 132 9.50 20.12 22.65
CA CYS C 132 8.57 20.63 21.65
C CYS C 132 9.10 20.39 20.24
N GLY C 133 10.01 19.44 20.08
CA GLY C 133 10.58 19.15 18.77
C GLY C 133 11.53 17.98 18.71
N SER C 134 12.04 17.71 17.51
CA SER C 134 12.88 16.56 17.25
C SER C 134 12.08 15.29 17.59
N ASP C 135 12.74 14.25 18.06
CA ASP C 135 12.10 12.94 18.20
C ASP C 135 11.48 12.71 19.57
N GLY C 136 11.68 13.66 20.49
CA GLY C 136 10.91 13.71 21.73
C GLY C 136 11.54 13.02 22.91
N HIS C 137 11.57 13.72 24.03
CA HIS C 137 11.90 13.15 25.32
C HIS C 137 11.31 14.00 26.45
N SER C 138 11.23 13.42 27.63
CA SER C 138 10.57 14.03 28.79
C SER C 138 11.32 13.71 30.06
N MET C 139 11.15 14.57 31.06
CA MET C 139 11.65 14.34 32.40
C MET C 139 10.53 14.58 33.42
N ALA C 140 10.46 13.74 34.45
CA ALA C 140 9.56 13.95 35.58
C ALA C 140 10.38 14.08 36.87
N LEU C 141 9.92 14.97 37.75
CA LEU C 141 10.52 15.22 39.08
C LEU C 141 9.57 14.73 40.18
N THR C 142 10.09 13.93 41.10
CA THR C 142 9.32 13.46 42.28
C THR C 142 9.41 14.44 43.46
N GLU C 143 8.60 14.18 44.49
CA GLU C 143 8.67 14.91 45.77
C GLU C 143 10.08 14.86 46.37
N SER C 144 10.76 13.73 46.20
CA SER C 144 12.14 13.55 46.66
C SER C 144 13.21 14.35 45.90
N GLY C 145 12.85 15.08 44.84
CA GLY C 145 13.86 15.74 44.00
C GLY C 145 14.60 14.79 43.04
N GLU C 146 14.09 13.57 42.89
CA GLU C 146 14.63 12.60 41.92
C GLU C 146 13.99 12.79 40.54
N VAL C 147 14.79 12.58 39.50
CA VAL C 147 14.41 12.84 38.11
C VAL C 147 14.35 11.53 37.31
N PHE C 148 13.25 11.34 36.58
CA PHE C 148 13.11 10.22 35.63
C PHE C 148 13.00 10.76 34.21
N SER C 149 13.73 10.19 33.27
CA SER C 149 13.64 10.58 31.85
C SER C 149 13.21 9.41 30.96
N TRP C 150 12.60 9.73 29.83
CA TRP C 150 12.21 8.69 28.86
C TRP C 150 11.94 9.32 27.51
N GLY C 151 11.90 8.46 26.49
CA GLY C 151 11.69 8.88 25.11
C GLY C 151 12.87 8.52 24.26
N ASP C 152 13.14 9.34 23.25
CA ASP C 152 14.23 9.10 22.33
C ASP C 152 15.58 9.36 22.99
N GLY C 153 16.50 8.43 22.81
CA GLY C 153 17.79 8.50 23.50
C GLY C 153 18.96 9.12 22.77
N ASP C 154 18.75 9.65 21.55
CA ASP C 154 19.86 10.19 20.79
C ASP C 154 20.65 11.27 21.55
N TYR C 155 21.98 11.22 21.39
CA TYR C 155 22.93 12.22 21.89
C TYR C 155 23.11 12.23 23.40
N GLY C 156 22.55 11.25 24.11
CA GLY C 156 22.64 11.19 25.58
C GLY C 156 21.72 12.12 26.38
N LYS C 157 20.73 12.70 25.69
CA LYS C 157 19.84 13.70 26.29
C LYS C 157 18.95 13.17 27.42
N LEU C 158 18.84 11.84 27.55
CA LEU C 158 18.15 11.23 28.71
C LEU C 158 19.06 11.12 29.94
N GLY C 159 20.37 11.18 29.73
CA GLY C 159 21.32 11.29 30.85
C GLY C 159 21.77 9.99 31.52
N HIS C 160 21.69 8.87 30.80
CA HIS C 160 21.99 7.53 31.36
C HIS C 160 23.35 6.95 30.96
N GLY C 161 24.22 7.74 30.34
CA GLY C 161 25.54 7.28 29.97
C GLY C 161 25.61 6.48 28.68
N ASN C 162 24.54 6.50 27.90
CA ASN C 162 24.53 5.87 26.58
C ASN C 162 23.48 6.60 25.72
N SER C 163 23.19 6.08 24.54
CA SER C 163 22.23 6.71 23.64
C SER C 163 21.02 5.81 23.39
N ASP C 164 20.74 4.93 24.34
CA ASP C 164 19.61 4.02 24.22
C ASP C 164 18.27 4.75 24.42
N ARG C 165 17.32 4.38 23.58
CA ARG C 165 15.92 4.68 23.79
C ARG C 165 15.46 4.13 25.15
N GLN C 166 14.56 4.87 25.82
CA GLN C 166 13.92 4.43 27.06
C GLN C 166 12.39 4.57 26.94
N ARG C 167 11.68 3.45 26.76
CA ARG C 167 10.22 3.49 26.52
C ARG C 167 9.43 3.55 27.83
N ARG C 168 10.15 3.42 28.94
CA ARG C 168 9.58 3.59 30.29
CA ARG C 168 9.57 3.61 30.27
C ARG C 168 10.42 4.60 31.06
N PRO C 169 9.78 5.38 31.94
CA PRO C 169 10.59 6.32 32.72
C PRO C 169 11.72 5.60 33.42
N ARG C 170 12.93 6.14 33.32
CA ARG C 170 14.11 5.60 34.02
C ARG C 170 14.76 6.68 34.89
N GLN C 171 15.06 6.39 36.15
CA GLN C 171 15.72 7.38 37.01
C GLN C 171 17.10 7.73 36.47
N ILE C 172 17.45 9.01 36.50
CA ILE C 172 18.79 9.42 36.15
C ILE C 172 19.67 9.23 37.40
N GLU C 173 20.37 8.10 37.43
CA GLU C 173 21.19 7.71 38.60
C GLU C 173 22.24 8.76 38.96
N ALA C 174 22.88 9.33 37.95
CA ALA C 174 23.94 10.33 38.17
C ALA C 174 23.53 11.51 39.04
N LEU C 175 22.23 11.81 39.12
CA LEU C 175 21.72 12.91 39.93
C LEU C 175 21.25 12.49 41.32
N GLN C 176 21.54 11.26 41.72
CA GLN C 176 21.03 10.68 42.98
C GLN C 176 21.30 11.54 44.23
N GLY C 177 22.51 12.08 44.35
CA GLY C 177 22.86 12.98 45.46
C GLY C 177 22.23 14.37 45.40
N GLU C 178 21.88 14.82 44.19
CA GLU C 178 21.40 16.17 43.99
C GLU C 178 19.89 16.25 44.17
N GLU C 179 19.43 17.34 44.77
CA GLU C 179 18.01 17.63 44.85
C GLU C 179 17.67 18.59 43.72
N VAL C 180 16.97 18.09 42.71
CA VAL C 180 16.54 18.88 41.56
C VAL C 180 15.25 19.63 41.90
N VAL C 181 15.15 20.89 41.48
CA VAL C 181 13.93 21.68 41.69
C VAL C 181 13.28 22.19 40.41
N GLN C 182 14.00 22.20 39.29
CA GLN C 182 13.49 22.76 38.03
C GLN C 182 14.23 22.11 36.88
N MET C 183 13.51 21.88 35.79
CA MET C 183 14.03 21.09 34.66
C MET C 183 13.60 21.70 33.34
N SER C 184 14.36 21.38 32.30
CA SER C 184 14.01 21.79 30.95
C SER C 184 14.47 20.77 29.91
N CYS C 185 13.57 20.50 28.96
CA CYS C 185 13.87 19.68 27.78
C CYS C 185 13.97 20.53 26.53
N GLY C 186 15.15 20.58 25.91
CA GLY C 186 15.33 21.20 24.58
C GLY C 186 14.96 20.18 23.50
N PHE C 187 15.26 20.49 22.23
CA PHE C 187 14.97 19.55 21.14
C PHE C 187 15.90 18.32 21.22
N LYS C 188 17.18 18.58 21.48
CA LYS C 188 18.19 17.53 21.56
C LYS C 188 19.08 17.60 22.77
N HIS C 189 18.68 18.40 23.77
CA HIS C 189 19.42 18.50 25.02
C HIS C 189 18.49 18.71 26.24
N SER C 190 19.06 18.58 27.44
CA SER C 190 18.30 18.64 28.70
C SER C 190 19.09 19.42 29.73
N ALA C 191 18.39 20.07 30.65
CA ALA C 191 19.06 20.71 31.78
C ALA C 191 18.22 20.61 33.06
N VAL C 192 18.91 20.59 34.19
CA VAL C 192 18.27 20.63 35.50
C VAL C 192 19.00 21.59 36.42
N VAL C 193 18.22 22.16 37.33
CA VAL C 193 18.71 23.08 38.36
C VAL C 193 18.37 22.51 39.73
N THR C 194 19.33 22.60 40.66
CA THR C 194 19.17 22.08 42.01
C THR C 194 18.75 23.14 43.04
N SER C 195 18.47 22.67 44.26
CA SER C 195 18.06 23.54 45.36
C SER C 195 19.17 24.51 45.76
N ASP C 196 20.43 24.08 45.68
CA ASP C 196 21.57 24.93 46.03
C ASP C 196 22.21 25.63 44.82
N GLY C 197 21.48 25.75 43.72
CA GLY C 197 21.88 26.64 42.63
C GLY C 197 22.83 26.09 41.58
N LYS C 198 23.02 24.79 41.57
CA LYS C 198 23.82 24.17 40.54
C LYS C 198 22.97 23.98 39.29
N LEU C 199 23.62 24.12 38.14
CA LEU C 199 23.03 23.82 36.86
C LEU C 199 23.77 22.59 36.31
N PHE C 200 23.03 21.64 35.76
CA PHE C 200 23.60 20.52 35.01
C PHE C 200 22.96 20.44 33.62
N THR C 201 23.78 20.21 32.61
CA THR C 201 23.29 20.06 31.24
C THR C 201 23.77 18.73 30.65
N PHE C 202 23.02 18.24 29.66
CA PHE C 202 23.38 17.00 28.95
C PHE C 202 22.69 16.84 27.60
N GLY C 203 23.26 15.99 26.75
CA GLY C 203 22.75 15.74 25.40
C GLY C 203 23.65 16.29 24.32
N ASN C 204 23.05 16.70 23.21
CA ASN C 204 23.78 17.18 22.03
C ASN C 204 24.63 18.40 22.36
N GLY C 205 25.92 18.36 22.02
CA GLY C 205 26.87 19.43 22.31
C GLY C 205 27.06 20.50 21.24
N ASP C 206 26.57 20.26 20.02
CA ASP C 206 26.78 21.19 18.91
C ASP C 206 26.40 22.64 19.20
N TYR C 207 27.17 23.54 18.60
CA TYR C 207 27.03 25.01 18.75
C TYR C 207 27.14 25.54 20.18
N GLY C 208 27.57 24.71 21.13
CA GLY C 208 27.78 25.15 22.51
C GLY C 208 26.60 25.16 23.50
N ARG C 209 25.49 24.52 23.14
CA ARG C 209 24.21 24.63 23.90
C ARG C 209 24.26 24.12 25.34
N LEU C 210 25.31 23.35 25.66
CA LEU C 210 25.49 22.83 27.02
C LEU C 210 26.27 23.78 27.92
N GLY C 211 26.91 24.78 27.32
CA GLY C 211 27.55 25.86 28.04
C GLY C 211 28.83 25.44 28.75
N LEU C 212 29.49 24.40 28.25
CA LEU C 212 30.62 23.76 28.92
C LEU C 212 31.99 24.15 28.34
N GLY C 213 32.03 25.07 27.39
CA GLY C 213 33.28 25.43 26.74
C GLY C 213 33.53 24.60 25.50
N ASN C 214 33.76 23.29 25.67
CA ASN C 214 33.86 22.38 24.51
C ASN C 214 32.47 22.19 23.89
N THR C 215 32.41 21.54 22.73
CA THR C 215 31.11 21.34 22.05
C THR C 215 30.83 19.87 21.77
N SER C 216 31.31 19.02 22.67
CA SER C 216 31.11 17.59 22.58
C SER C 216 29.80 17.20 23.26
N ASN C 217 29.13 16.20 22.71
CA ASN C 217 27.92 15.66 23.31
C ASN C 217 28.21 15.10 24.69
N LYS C 218 27.25 15.17 25.60
CA LYS C 218 27.43 14.66 26.96
C LYS C 218 26.28 13.74 27.34
N LYS C 219 26.61 12.51 27.72
CA LYS C 219 25.61 11.49 28.01
C LYS C 219 25.29 11.38 29.49
N LEU C 220 26.05 12.07 30.33
CA LEU C 220 25.75 12.18 31.76
C LEU C 220 25.51 13.66 32.08
N PRO C 221 24.75 13.96 33.14
CA PRO C 221 24.58 15.38 33.52
C PRO C 221 25.91 16.03 33.87
N GLU C 222 26.27 17.10 33.17
CA GLU C 222 27.55 17.77 33.37
C GLU C 222 27.38 19.13 34.03
N ARG C 223 28.17 19.36 35.07
CA ARG C 223 28.05 20.59 35.85
C ARG C 223 28.53 21.76 35.01
N VAL C 224 27.77 22.84 35.03
CA VAL C 224 28.12 24.05 34.28
C VAL C 224 29.07 24.91 35.13
N THR C 225 30.33 24.51 35.15
CA THR C 225 31.35 25.10 36.01
C THR C 225 31.52 26.62 35.86
N ALA C 226 31.31 27.14 34.67
CA ALA C 226 31.39 28.59 34.44
C ALA C 226 30.45 29.41 35.34
N LEU C 227 29.42 28.77 35.90
CA LEU C 227 28.50 29.44 36.83
C LEU C 227 28.64 28.94 38.26
N GLU C 228 29.82 28.39 38.59
CA GLU C 228 30.11 27.85 39.94
C GLU C 228 29.82 28.88 41.04
N GLY C 229 30.28 30.11 40.85
CA GLY C 229 30.13 31.14 41.88
C GLY C 229 28.73 31.73 42.01
N TYR C 230 27.80 31.30 41.15
CA TYR C 230 26.45 31.89 41.11
C TYR C 230 25.39 30.87 41.48
N GLN C 231 24.27 31.36 41.98
CA GLN C 231 23.16 30.48 42.28
C GLN C 231 22.12 30.54 41.19
N ILE C 232 22.05 29.49 40.38
CA ILE C 232 21.08 29.41 39.31
C ILE C 232 19.73 28.93 39.86
N GLY C 233 18.65 29.58 39.41
CA GLY C 233 17.30 29.25 39.85
C GLY C 233 16.39 28.71 38.76
N GLN C 234 16.71 29.00 37.50
CA GLN C 234 15.91 28.52 36.37
C GLN C 234 16.76 28.34 35.12
N VAL C 235 16.38 27.33 34.32
CA VAL C 235 16.94 27.07 32.99
C VAL C 235 15.80 26.84 31.99
N ALA C 236 16.02 27.28 30.75
CA ALA C 236 15.11 27.00 29.64
C ALA C 236 15.94 26.58 28.45
N CYS C 237 15.44 25.62 27.69
CA CYS C 237 16.18 25.04 26.57
C CYS C 237 15.34 25.10 25.32
N GLY C 238 15.94 25.53 24.20
CA GLY C 238 15.23 25.64 22.93
C GLY C 238 15.70 24.58 21.94
N LEU C 239 15.60 24.89 20.63
CA LEU C 239 16.11 24.02 19.57
C LEU C 239 17.61 23.71 19.77
N ASN C 240 18.41 24.76 19.92
CA ASN C 240 19.85 24.60 20.10
C ASN C 240 20.52 25.74 20.90
N HIS C 241 19.72 26.46 21.69
CA HIS C 241 20.24 27.37 22.73
C HIS C 241 19.57 27.16 24.09
N THR C 242 20.14 27.83 25.08
CA THR C 242 19.81 27.66 26.49
C THR C 242 19.82 29.05 27.18
N LEU C 243 18.97 29.22 28.17
CA LEU C 243 19.00 30.39 29.05
C LEU C 243 18.99 29.94 30.50
N ALA C 244 19.68 30.70 31.36
CA ALA C 244 19.69 30.44 32.78
C ALA C 244 19.49 31.76 33.50
N VAL C 245 18.73 31.72 34.58
CA VAL C 245 18.44 32.91 35.41
C VAL C 245 18.98 32.63 36.78
N SER C 246 19.60 33.63 37.39
CA SER C 246 20.07 33.50 38.77
C SER C 246 18.84 33.35 39.70
N ALA C 247 19.03 32.70 40.84
CA ALA C 247 17.93 32.47 41.79
C ALA C 247 17.29 33.78 42.26
N ASP C 248 18.10 34.83 42.39
CA ASP C 248 17.57 36.14 42.78
C ASP C 248 16.93 36.92 41.64
N GLY C 249 17.01 36.38 40.41
CA GLY C 249 16.43 37.03 39.22
C GLY C 249 17.19 38.26 38.72
N SER C 250 18.41 38.48 39.22
CA SER C 250 19.17 39.70 38.87
C SER C 250 20.10 39.49 37.66
N MET C 251 20.38 38.23 37.32
CA MET C 251 21.23 37.92 36.17
C MET C 251 20.63 36.83 35.29
N VAL C 252 20.86 36.97 33.99
CA VAL C 252 20.45 35.99 33.00
C VAL C 252 21.62 35.73 32.06
N TRP C 253 21.88 34.47 31.78
CA TRP C 253 22.90 34.09 30.81
C TRP C 253 22.31 33.31 29.62
N ALA C 254 22.99 33.43 28.48
CA ALA C 254 22.64 32.71 27.29
C ALA C 254 23.85 31.91 26.83
N PHE C 255 23.57 30.78 26.18
CA PHE C 255 24.58 30.07 25.42
C PHE C 255 23.95 29.12 24.41
N GLY C 256 24.76 28.72 23.42
CA GLY C 256 24.30 27.86 22.31
C GLY C 256 24.39 28.61 20.99
N ASP C 257 23.57 28.18 20.03
CA ASP C 257 23.55 28.80 18.71
C ASP C 257 23.01 30.22 18.74
N GLY C 258 23.54 31.06 17.85
CA GLY C 258 23.24 32.50 17.83
C GLY C 258 22.33 32.98 16.71
N ASP C 259 21.83 32.05 15.90
CA ASP C 259 21.01 32.42 14.75
C ASP C 259 19.89 33.38 15.17
N TYR C 260 19.59 34.36 14.34
CA TYR C 260 18.50 35.32 14.57
C TYR C 260 18.64 36.20 15.79
N GLY C 261 19.82 36.22 16.42
CA GLY C 261 20.02 37.01 17.61
C GLY C 261 19.29 36.53 18.86
N LYS C 262 18.94 35.24 18.91
CA LYS C 262 18.19 34.66 20.03
C LYS C 262 18.95 34.53 21.36
N LEU C 263 20.27 34.70 21.33
CA LEU C 263 21.05 34.82 22.57
C LEU C 263 20.94 36.21 23.21
N GLY C 264 20.53 37.21 22.43
CA GLY C 264 20.25 38.55 22.97
C GLY C 264 21.52 39.31 23.32
N LEU C 265 22.62 38.95 22.65
CA LEU C 265 23.94 39.55 22.89
C LEU C 265 24.31 40.58 21.82
N GLY C 266 23.38 40.90 20.92
CA GLY C 266 23.65 41.88 19.87
C GLY C 266 24.37 41.35 18.63
N ASN C 267 24.32 40.04 18.41
CA ASN C 267 24.90 39.44 17.21
C ASN C 267 24.29 38.05 16.94
N SER C 268 24.77 37.36 15.90
CA SER C 268 24.26 36.02 15.59
C SER C 268 25.26 34.92 15.88
N THR C 269 26.35 35.26 16.56
CA THR C 269 27.43 34.31 16.84
C THR C 269 27.07 33.37 17.98
N ALA C 270 27.36 32.07 17.77
CA ALA C 270 27.10 31.05 18.76
C ALA C 270 28.14 31.16 19.86
N LYS C 271 27.76 30.73 21.05
CA LYS C 271 28.62 30.81 22.23
C LYS C 271 28.59 29.49 22.99
N SER C 272 29.77 28.97 23.32
CA SER C 272 29.85 27.70 24.06
C SER C 272 30.07 27.90 25.55
N SER C 273 30.21 29.16 25.96
CA SER C 273 30.31 29.53 27.37
C SER C 273 29.15 30.49 27.70
N PRO C 274 28.55 30.35 28.90
CA PRO C 274 27.45 31.25 29.25
C PRO C 274 27.86 32.73 29.26
N GLN C 275 27.02 33.57 28.67
CA GLN C 275 27.28 34.99 28.53
C GLN C 275 26.12 35.75 29.14
N LYS C 276 26.46 36.77 29.93
CA LYS C 276 25.46 37.64 30.57
C LYS C 276 24.72 38.47 29.55
N ILE C 277 23.39 38.50 29.64
CA ILE C 277 22.56 39.36 28.81
C ILE C 277 22.35 40.65 29.58
N ASP C 278 23.04 41.72 29.19
CA ASP C 278 23.09 42.94 30.00
C ASP C 278 21.73 43.59 30.22
N VAL C 279 20.93 43.68 29.16
CA VAL C 279 19.59 44.28 29.24
C VAL C 279 18.74 43.64 30.34
N LEU C 280 18.92 42.34 30.54
CA LEU C 280 18.08 41.60 31.47
C LEU C 280 18.72 41.47 32.85
N CYS C 281 19.79 42.21 33.11
CA CYS C 281 20.50 42.11 34.37
C CYS C 281 20.11 43.30 35.27
N GLY C 282 19.70 43.00 36.50
CA GLY C 282 19.21 44.00 37.42
C GLY C 282 17.77 44.47 37.26
N ILE C 283 16.96 43.81 36.43
CA ILE C 283 15.55 44.23 36.26
C ILE C 283 14.52 43.30 36.91
N GLY C 284 14.99 42.24 37.57
CA GLY C 284 14.11 41.34 38.31
C GLY C 284 13.35 40.41 37.37
N ILE C 285 14.02 39.34 36.95
CA ILE C 285 13.42 38.38 36.03
C ILE C 285 12.72 37.28 36.81
N LYS C 286 11.46 37.04 36.47
CA LYS C 286 10.67 35.93 37.01
C LYS C 286 10.92 34.61 36.29
N LYS C 287 10.87 34.64 34.96
CA LYS C 287 10.94 33.45 34.15
C LYS C 287 11.50 33.74 32.75
N VAL C 288 12.18 32.74 32.18
CA VAL C 288 12.58 32.75 30.79
C VAL C 288 12.00 31.51 30.09
N ALA C 289 11.91 31.56 28.76
CA ALA C 289 11.45 30.44 27.92
C ALA C 289 12.12 30.58 26.55
N CYS C 290 12.29 29.45 25.86
CA CYS C 290 12.97 29.38 24.57
C CYS C 290 12.10 28.67 23.56
N GLY C 291 12.22 29.07 22.29
CA GLY C 291 11.58 28.40 21.17
C GLY C 291 12.62 27.96 20.16
N THR C 292 12.18 27.69 18.94
CA THR C 292 13.11 27.26 17.89
C THR C 292 14.21 28.31 17.67
N GLN C 293 13.79 29.53 17.39
CA GLN C 293 14.70 30.60 17.01
C GLN C 293 14.49 31.90 17.80
N PHE C 294 13.96 31.80 19.02
CA PHE C 294 13.70 32.98 19.81
C PHE C 294 13.67 32.67 21.30
N SER C 295 13.60 33.75 22.07
CA SER C 295 13.72 33.72 23.50
C SER C 295 12.68 34.68 24.07
N VAL C 296 12.15 34.35 25.24
CA VAL C 296 11.18 35.17 25.94
C VAL C 296 11.58 35.31 27.40
N ALA C 297 11.49 36.52 27.92
CA ALA C 297 11.77 36.80 29.34
C ALA C 297 10.60 37.56 29.94
N LEU C 298 10.17 37.15 31.13
CA LEU C 298 9.09 37.78 31.89
C LEU C 298 9.68 38.39 33.16
N THR C 299 9.41 39.67 33.38
CA THR C 299 9.88 40.36 34.58
C THR C 299 8.90 40.14 35.73
N LYS C 300 9.41 40.32 36.95
CA LYS C 300 8.61 40.19 38.16
C LYS C 300 7.48 41.21 38.24
N ASP C 301 7.61 42.35 37.55
CA ASP C 301 6.50 43.32 37.50
C ASP C 301 5.62 43.17 36.25
N GLY C 302 5.75 42.06 35.54
CA GLY C 302 4.79 41.67 34.53
C GLY C 302 5.06 42.17 33.12
N HIS C 303 6.31 42.53 32.82
CA HIS C 303 6.67 42.96 31.47
C HIS C 303 7.29 41.78 30.71
N VAL C 304 7.08 41.74 29.40
CA VAL C 304 7.60 40.68 28.53
C VAL C 304 8.66 41.25 27.59
N TYR C 305 9.84 40.63 27.62
CA TYR C 305 10.95 40.94 26.70
C TYR C 305 11.14 39.78 25.73
N THR C 306 11.36 40.08 24.44
CA THR C 306 11.64 39.06 23.41
C THR C 306 12.85 39.43 22.54
N PHE C 307 13.46 38.40 21.97
CA PHE C 307 14.61 38.54 21.07
C PHE C 307 14.78 37.25 20.27
N GLY C 308 15.27 37.38 19.04
CA GLY C 308 15.34 36.28 18.09
C GLY C 308 14.62 36.63 16.79
N GLN C 309 14.12 35.62 16.11
CA GLN C 309 13.55 35.77 14.78
C GLN C 309 12.31 36.66 14.76
N ASP C 310 12.36 37.70 13.92
CA ASP C 310 11.32 38.74 13.89
C ASP C 310 9.89 38.22 13.74
N ARG C 311 9.69 37.17 12.95
CA ARG C 311 8.35 36.60 12.76
C ARG C 311 7.73 36.05 14.07
N LEU C 312 8.58 35.69 15.02
CA LEU C 312 8.15 34.97 16.24
C LEU C 312 8.21 35.74 17.58
N ILE C 313 8.70 36.99 17.56
CA ILE C 313 9.03 37.71 18.80
C ILE C 313 7.99 38.77 19.21
N GLY C 314 6.85 38.80 18.52
CA GLY C 314 5.75 39.64 18.94
C GLY C 314 5.94 41.13 18.79
N LEU C 315 6.91 41.56 17.98
CA LEU C 315 7.25 42.98 17.86
C LEU C 315 6.69 43.60 16.58
N PRO C 316 6.40 44.93 16.62
CA PRO C 316 6.20 45.65 15.36
C PRO C 316 7.41 45.46 14.44
N GLU C 317 7.18 45.55 13.14
CA GLU C 317 8.23 45.17 12.19
C GLU C 317 9.49 46.05 12.29
N GLY C 318 9.34 47.34 12.52
CA GLY C 318 10.52 48.21 12.63
C GLY C 318 11.42 47.94 13.83
N ARG C 319 10.81 47.71 14.99
CA ARG C 319 11.53 47.37 16.22
C ARG C 319 12.23 46.04 16.06
N ALA C 320 11.64 45.14 15.29
CA ALA C 320 12.27 43.86 15.00
C ALA C 320 13.63 43.97 14.27
N ARG C 321 14.06 45.18 13.89
CA ARG C 321 15.46 45.41 13.46
C ARG C 321 16.48 45.21 14.60
N ASN C 322 16.08 45.55 15.83
CA ASN C 322 16.93 45.32 17.01
C ASN C 322 16.67 43.96 17.68
N HIS C 323 16.32 42.97 16.87
CA HIS C 323 15.91 41.63 17.32
C HIS C 323 16.97 40.76 17.99
N ASN C 324 18.23 41.21 17.99
CA ASN C 324 19.29 40.45 18.66
C ASN C 324 19.64 41.02 20.02
N ARG C 325 18.79 41.93 20.50
CA ARG C 325 18.85 42.46 21.85
C ARG C 325 17.41 42.39 22.42
N PRO C 326 17.27 41.99 23.70
CA PRO C 326 15.95 41.93 24.35
C PRO C 326 15.20 43.27 24.38
N GLN C 327 13.93 43.24 24.00
CA GLN C 327 13.09 44.43 23.95
C GLN C 327 11.71 44.10 24.50
N GLN C 328 11.11 45.09 25.15
CA GLN C 328 9.74 44.96 25.61
C GLN C 328 8.78 44.90 24.45
N ILE C 329 7.75 44.08 24.59
CA ILE C 329 6.69 44.00 23.60
C ILE C 329 5.73 45.17 23.86
N PRO C 330 5.59 46.08 22.89
CA PRO C 330 4.76 47.27 23.17
C PRO C 330 3.24 47.06 23.25
N VAL C 331 2.66 46.11 22.52
N VAL C 331 2.69 46.09 22.52
CA VAL C 331 1.20 45.91 22.61
CA VAL C 331 1.24 45.84 22.58
C VAL C 331 0.76 45.40 23.99
C VAL C 331 0.77 45.38 23.97
N LEU C 332 1.69 44.88 24.77
CA LEU C 332 1.41 44.43 26.14
C LEU C 332 1.99 45.39 27.16
N ALA C 333 2.48 46.55 26.73
CA ALA C 333 3.10 47.50 27.67
C ALA C 333 2.14 47.94 28.80
N GLY C 334 0.84 47.96 28.52
CA GLY C 334 -0.16 48.27 29.55
C GLY C 334 -0.67 47.08 30.35
N VAL C 335 -0.22 45.86 30.03
CA VAL C 335 -0.81 44.63 30.55
C VAL C 335 0.17 43.94 31.49
N ILE C 336 -0.31 43.57 32.68
CA ILE C 336 0.51 42.85 33.64
C ILE C 336 0.41 41.37 33.27
N ILE C 337 1.57 40.77 32.95
CA ILE C 337 1.61 39.36 32.53
C ILE C 337 2.13 38.51 33.67
N GLU C 338 1.37 37.46 33.99
CA GLU C 338 1.64 36.55 35.10
C GLU C 338 2.45 35.32 34.72
N ASP C 339 2.17 34.77 33.54
CA ASP C 339 3.00 33.70 32.96
C ASP C 339 3.04 33.74 31.44
N VAL C 340 4.06 33.08 30.91
CA VAL C 340 4.23 32.88 29.49
C VAL C 340 4.52 31.38 29.26
N ALA C 341 4.03 30.86 28.14
CA ALA C 341 4.33 29.49 27.70
C ALA C 341 4.76 29.56 26.25
N VAL C 342 5.90 28.94 25.96
CA VAL C 342 6.44 28.91 24.62
C VAL C 342 6.48 27.49 24.09
N GLY C 343 6.01 27.32 22.86
CA GLY C 343 5.99 26.01 22.20
C GLY C 343 7.16 25.95 21.24
N ALA C 344 6.94 25.45 20.03
CA ALA C 344 8.03 25.46 19.05
C ALA C 344 8.16 26.87 18.47
N GLU C 345 7.04 27.36 17.96
CA GLU C 345 7.04 28.59 17.21
C GLU C 345 5.90 29.52 17.61
N HIS C 346 5.31 29.27 18.78
CA HIS C 346 4.28 30.16 19.27
C HIS C 346 4.45 30.41 20.74
N THR C 347 3.88 31.54 21.15
CA THR C 347 3.91 32.01 22.52
C THR C 347 2.50 32.32 23.01
N LEU C 348 2.20 31.84 24.23
CA LEU C 348 1.00 32.20 24.98
C LEU C 348 1.42 33.05 26.20
N ALA C 349 0.62 34.07 26.50
CA ALA C 349 0.85 34.92 27.69
C ALA C 349 -0.46 35.02 28.47
N LEU C 350 -0.36 34.81 29.79
CA LEU C 350 -1.51 34.86 30.66
C LEU C 350 -1.43 36.15 31.46
N ALA C 351 -2.43 37.03 31.30
CA ALA C 351 -2.44 38.30 32.01
C ALA C 351 -3.03 38.09 33.40
N SER C 352 -2.88 39.09 34.27
CA SER C 352 -3.30 38.95 35.65
C SER C 352 -4.80 38.75 35.82
N ASN C 353 -5.61 39.22 34.86
CA ASN C 353 -7.05 39.03 34.89
C ASN C 353 -7.52 37.75 34.23
N GLY C 354 -6.60 36.91 33.78
CA GLY C 354 -6.97 35.65 33.19
C GLY C 354 -7.08 35.66 31.69
N ASP C 355 -6.95 36.82 31.06
CA ASP C 355 -6.93 36.90 29.60
C ASP C 355 -5.67 36.20 29.04
N VAL C 356 -5.85 35.56 27.88
CA VAL C 356 -4.75 34.92 27.20
C VAL C 356 -4.48 35.62 25.87
N TYR C 357 -3.21 35.94 25.62
CA TYR C 357 -2.75 36.45 24.33
C TYR C 357 -1.88 35.41 23.62
N ALA C 358 -1.92 35.40 22.30
CA ALA C 358 -1.17 34.42 21.49
C ALA C 358 -0.52 35.09 20.29
N TRP C 359 0.65 34.59 19.92
CA TRP C 359 1.32 35.04 18.70
C TRP C 359 2.36 34.05 18.19
N GLY C 360 2.67 34.19 16.90
CA GLY C 360 3.67 33.39 16.23
C GLY C 360 3.02 32.48 15.20
N SER C 361 3.62 31.31 14.97
CA SER C 361 3.14 30.41 13.92
C SER C 361 1.77 29.85 14.30
N ASN C 362 0.96 29.60 13.28
CA ASN C 362 -0.43 29.25 13.50
C ASN C 362 -0.99 28.28 12.46
N SER C 363 -0.12 27.52 11.80
CA SER C 363 -0.56 26.69 10.67
C SER C 363 -1.49 25.55 11.11
N GLU C 364 -1.44 25.17 12.39
CA GLU C 364 -2.30 24.13 12.94
C GLU C 364 -3.38 24.65 13.92
N GLY C 365 -3.59 25.97 13.96
CA GLY C 365 -4.57 26.56 14.85
C GLY C 365 -4.10 26.68 16.27
N GLN C 366 -2.80 26.55 16.50
CA GLN C 366 -2.28 26.51 17.86
C GLN C 366 -2.39 27.83 18.64
N LEU C 367 -2.71 28.94 17.98
CA LEU C 367 -2.94 30.22 18.68
C LEU C 367 -4.36 30.30 19.20
N GLY C 368 -5.25 29.48 18.63
CA GLY C 368 -6.62 29.40 19.09
C GLY C 368 -7.47 30.59 18.68
N LEU C 369 -7.18 31.17 17.53
CA LEU C 369 -7.87 32.39 17.12
C LEU C 369 -8.98 32.14 16.09
N GLY C 370 -9.25 30.88 15.77
CA GLY C 370 -10.27 30.54 14.76
C GLY C 370 -9.83 30.57 13.31
N HIS C 371 -8.53 30.64 13.07
CA HIS C 371 -7.97 30.60 11.72
C HIS C 371 -6.56 30.01 11.82
N THR C 372 -5.87 29.88 10.69
CA THR C 372 -4.53 29.29 10.67
C THR C 372 -3.45 30.20 10.02
N ASN C 373 -3.66 31.51 10.05
CA ASN C 373 -2.67 32.48 9.57
C ASN C 373 -1.71 32.91 10.65
N HIS C 374 -0.48 33.17 10.24
CA HIS C 374 0.55 33.66 11.13
C HIS C 374 0.06 34.93 11.81
N VAL C 375 0.50 35.16 13.04
CA VAL C 375 0.13 36.37 13.80
C VAL C 375 1.40 36.99 14.41
N ARG C 376 1.68 38.23 14.05
CA ARG C 376 2.91 38.87 14.48
C ARG C 376 2.82 39.32 15.92
N GLU C 377 1.82 40.12 16.23
CA GLU C 377 1.72 40.73 17.54
C GLU C 377 0.68 40.04 18.44
N PRO C 378 0.93 40.04 19.76
CA PRO C 378 0.04 39.42 20.73
C PRO C 378 -1.42 39.77 20.48
N THR C 379 -2.26 38.74 20.39
CA THR C 379 -3.68 38.93 20.12
C THR C 379 -4.52 38.15 21.11
N LEU C 380 -5.57 38.80 21.59
CA LEU C 380 -6.43 38.23 22.61
C LEU C 380 -7.14 36.99 22.07
N VAL C 381 -7.03 35.88 22.80
CA VAL C 381 -7.74 34.66 22.46
C VAL C 381 -9.17 34.81 22.98
N THR C 382 -10.07 35.26 22.09
CA THR C 382 -11.48 35.51 22.42
C THR C 382 -12.21 34.32 23.03
N GLY C 383 -11.90 33.12 22.55
CA GLY C 383 -12.54 31.92 23.06
C GLY C 383 -12.27 31.59 24.52
N LEU C 384 -11.30 32.26 25.15
CA LEU C 384 -11.04 32.05 26.58
C LEU C 384 -11.64 33.15 27.47
N GLN C 385 -12.23 34.18 26.88
CA GLN C 385 -12.94 35.20 27.67
C GLN C 385 -13.96 34.55 28.56
N GLY C 386 -13.83 34.80 29.86
CA GLY C 386 -14.77 34.33 30.87
C GLY C 386 -14.63 32.88 31.30
N LYS C 387 -13.43 32.28 31.17
CA LYS C 387 -13.25 30.86 31.51
C LYS C 387 -12.39 30.57 32.77
N ASN C 388 -11.96 31.58 33.50
CA ASN C 388 -11.18 31.39 34.73
C ASN C 388 -9.87 30.69 34.47
N VAL C 389 -9.21 31.01 33.37
CA VAL C 389 -7.95 30.36 33.06
C VAL C 389 -6.89 30.74 34.09
N ARG C 390 -6.20 29.74 34.62
CA ARG C 390 -5.16 29.92 35.63
C ARG C 390 -3.75 29.54 35.18
N GLN C 391 -3.66 28.57 34.27
CA GLN C 391 -2.39 28.06 33.77
C GLN C 391 -2.47 27.83 32.27
N ILE C 392 -1.33 27.91 31.59
CA ILE C 392 -1.22 27.72 30.13
C ILE C 392 -0.02 26.84 29.83
N SER C 393 -0.11 26.09 28.73
CA SER C 393 0.99 25.24 28.25
C SER C 393 0.95 25.22 26.75
N ALA C 394 2.13 25.20 26.15
CA ALA C 394 2.26 25.26 24.69
C ALA C 394 3.22 24.18 24.22
N GLY C 395 2.77 23.40 23.23
CA GLY C 395 3.52 22.26 22.71
C GLY C 395 4.03 22.61 21.33
N ARG C 396 4.44 21.63 20.54
CA ARG C 396 4.98 21.92 19.20
C ARG C 396 3.96 22.59 18.30
N CYS C 397 2.74 22.07 18.26
CA CYS C 397 1.67 22.78 17.59
C CYS C 397 0.29 22.46 18.15
N HIS C 398 0.25 22.37 19.47
CA HIS C 398 -1.00 22.46 20.20
C HIS C 398 -0.73 23.14 21.52
N SER C 399 -1.82 23.52 22.18
CA SER C 399 -1.79 24.39 23.35
C SER C 399 -2.87 23.96 24.33
N ALA C 400 -2.70 24.36 25.58
CA ALA C 400 -3.69 24.12 26.62
C ALA C 400 -3.83 25.29 27.60
N ALA C 401 -5.06 25.46 28.10
CA ALA C 401 -5.36 26.39 29.19
C ALA C 401 -6.34 25.73 30.17
N TRP C 402 -6.09 25.88 31.46
CA TRP C 402 -6.95 25.22 32.45
C TRP C 402 -7.07 26.03 33.73
N THR C 403 -8.06 25.66 34.53
CA THR C 403 -8.49 26.46 35.69
C THR C 403 -7.99 25.95 37.05
N ALA C 404 -7.15 24.93 37.05
CA ALA C 404 -6.62 24.35 38.28
C ALA C 404 -5.52 25.24 38.84
N CYS D 41 -30.16 9.08 20.36
CA CYS D 41 -30.15 7.67 20.88
C CYS D 41 -28.96 7.43 21.80
N ASP D 42 -28.96 6.31 22.51
CA ASP D 42 -27.82 5.89 23.31
C ASP D 42 -27.10 4.74 22.61
N VAL D 43 -25.79 4.85 22.56
CA VAL D 43 -24.97 3.84 21.95
C VAL D 43 -24.02 3.33 23.00
N TYR D 44 -23.96 1.99 23.07
CA TYR D 44 -23.01 1.32 23.94
C TYR D 44 -22.01 0.52 23.15
N LEU D 45 -20.74 0.64 23.55
CA LEU D 45 -19.64 0.01 22.83
C LEU D 45 -18.81 -0.76 23.81
N TRP D 46 -18.22 -1.85 23.33
CA TRP D 46 -17.32 -2.63 24.17
C TRP D 46 -16.40 -3.51 23.35
N GLY D 47 -15.37 -4.03 24.01
CA GLY D 47 -14.35 -4.87 23.41
C GLY D 47 -13.04 -4.13 23.21
N ALA D 48 -12.34 -4.48 22.14
CA ALA D 48 -11.03 -3.93 21.79
C ALA D 48 -11.20 -2.52 21.29
N GLY D 49 -10.27 -1.64 21.66
CA GLY D 49 -10.33 -0.21 21.27
C GLY D 49 -9.00 0.52 21.14
N ARG D 50 -7.92 -0.22 20.94
CA ARG D 50 -6.58 0.38 20.89
C ARG D 50 -6.36 1.20 19.64
N HIS D 51 -7.22 1.07 18.63
CA HIS D 51 -7.12 1.90 17.44
C HIS D 51 -8.10 3.07 17.45
N GLY D 52 -8.80 3.28 18.57
CA GLY D 52 -9.77 4.37 18.71
C GLY D 52 -11.18 4.03 18.20
N GLN D 53 -11.45 2.73 18.02
CA GLN D 53 -12.71 2.31 17.37
C GLN D 53 -13.90 2.45 18.31
N LEU D 54 -13.62 2.61 19.60
CA LEU D 54 -14.66 2.90 20.57
C LEU D 54 -14.65 4.36 21.01
N ALA D 55 -13.82 5.16 20.34
CA ALA D 55 -13.67 6.58 20.65
C ALA D 55 -13.53 6.81 22.18
N GLU D 56 -14.35 7.68 22.78
CA GLU D 56 -14.14 8.06 24.20
C GLU D 56 -14.52 6.98 25.22
N ALA D 57 -15.20 5.93 24.78
CA ALA D 57 -15.44 4.79 25.67
C ALA D 57 -14.16 4.13 26.18
N GLY D 58 -13.04 4.31 25.48
CA GLY D 58 -11.74 3.80 25.93
C GLY D 58 -11.06 2.75 25.05
N ARG D 59 -9.90 2.26 25.51
CA ARG D 59 -9.03 1.36 24.74
C ARG D 59 -9.26 -0.14 24.90
N ASN D 60 -9.71 -0.56 26.07
CA ASN D 60 -10.00 -1.97 26.36
C ASN D 60 -11.18 -2.02 27.31
N VAL D 61 -12.33 -2.44 26.81
CA VAL D 61 -13.59 -2.30 27.53
C VAL D 61 -14.25 -3.68 27.64
N MET D 62 -14.55 -4.14 28.86
CA MET D 62 -15.10 -5.49 29.05
C MET D 62 -16.60 -5.53 29.31
N VAL D 63 -17.21 -4.35 29.47
CA VAL D 63 -18.61 -4.21 29.80
C VAL D 63 -19.13 -3.07 28.94
N PRO D 64 -20.38 -3.16 28.43
CA PRO D 64 -20.95 -2.10 27.61
C PRO D 64 -20.75 -0.70 28.18
N ALA D 65 -20.19 0.20 27.37
CA ALA D 65 -19.85 1.56 27.81
C ALA D 65 -20.53 2.56 26.92
N ALA D 66 -21.22 3.52 27.54
CA ALA D 66 -21.90 4.58 26.79
C ALA D 66 -20.87 5.37 25.97
N ALA D 67 -21.21 5.68 24.72
CA ALA D 67 -20.38 6.53 23.88
C ALA D 67 -21.20 7.75 23.46
N PRO D 68 -21.17 8.83 24.26
CA PRO D 68 -22.01 9.99 23.92
C PRO D 68 -21.73 10.62 22.55
N SER D 69 -20.49 10.57 22.07
CA SER D 69 -20.14 11.12 20.73
C SER D 69 -20.87 10.41 19.59
N PHE D 70 -21.34 9.20 19.84
CA PHE D 70 -22.10 8.41 18.87
C PHE D 70 -23.60 8.70 18.85
N SER D 71 -24.07 9.69 19.59
CA SER D 71 -25.51 9.86 19.82
C SER D 71 -26.38 10.21 18.63
N GLN D 72 -25.78 10.70 17.54
CA GLN D 72 -26.55 11.01 16.34
C GLN D 72 -26.64 9.78 15.42
N ALA D 73 -26.16 8.62 15.87
CA ALA D 73 -26.16 7.42 15.04
C ALA D 73 -27.56 6.87 14.79
N GLN D 74 -27.88 6.60 13.52
CA GLN D 74 -29.03 5.77 13.21
C GLN D 74 -28.60 4.30 13.11
N GLN D 75 -27.41 4.06 12.57
CA GLN D 75 -26.82 2.72 12.49
C GLN D 75 -25.37 2.79 12.91
N VAL D 76 -24.89 1.70 13.49
CA VAL D 76 -23.47 1.58 13.89
C VAL D 76 -23.04 0.25 13.30
N ILE D 77 -21.89 0.25 12.62
CA ILE D 77 -21.36 -0.94 11.98
C ILE D 77 -19.92 -1.19 12.48
N CYS D 78 -19.76 -2.25 13.24
CA CYS D 78 -18.44 -2.64 13.73
C CYS D 78 -17.71 -3.49 12.70
N GLY D 79 -16.45 -3.17 12.44
CA GLY D 79 -15.67 -3.90 11.44
C GLY D 79 -14.39 -4.42 12.05
N GLN D 80 -13.33 -4.41 11.25
CA GLN D 80 -12.03 -4.88 11.69
C GLN D 80 -11.28 -3.79 12.44
N ASN D 81 -11.50 -3.69 13.74
CA ASN D 81 -10.88 -2.67 14.59
C ASN D 81 -11.27 -1.26 14.18
N CYS D 82 -12.43 -1.15 13.52
CA CYS D 82 -12.99 0.14 13.15
C CYS D 82 -14.48 0.13 13.35
N THR D 83 -15.06 1.32 13.34
CA THR D 83 -16.47 1.48 13.50
C THR D 83 -17.00 2.59 12.62
N PHE D 84 -18.09 2.29 11.91
CA PHE D 84 -18.77 3.25 11.06
C PHE D 84 -20.12 3.63 11.64
N VAL D 85 -20.55 4.86 11.36
CA VAL D 85 -21.87 5.33 11.75
C VAL D 85 -22.60 5.86 10.54
N ILE D 86 -23.87 5.54 10.43
CA ILE D 86 -24.72 6.20 9.45
C ILE D 86 -25.71 7.08 10.18
N GLN D 87 -25.72 8.37 9.85
CA GLN D 87 -26.70 9.29 10.41
C GLN D 87 -28.06 9.20 9.69
N ALA D 88 -29.11 9.76 10.31
CA ALA D 88 -30.45 9.78 9.70
C ALA D 88 -30.46 10.46 8.35
N ASN D 89 -29.56 11.42 8.14
CA ASN D 89 -29.51 12.13 6.88
C ASN D 89 -28.68 11.43 5.78
N GLY D 90 -28.06 10.29 6.10
CA GLY D 90 -27.29 9.52 5.13
C GLY D 90 -25.80 9.81 5.14
N THR D 91 -25.37 10.70 6.01
CA THR D 91 -23.94 10.96 6.22
C THR D 91 -23.31 9.76 6.86
N VAL D 92 -22.09 9.45 6.46
CA VAL D 92 -21.36 8.38 7.06
C VAL D 92 -20.12 8.93 7.80
N LEU D 93 -19.88 8.43 9.01
CA LEU D 93 -18.65 8.70 9.77
C LEU D 93 -17.91 7.43 10.15
N ALA D 94 -16.61 7.56 10.42
CA ALA D 94 -15.78 6.42 10.78
C ALA D 94 -14.78 6.76 11.86
N CYS D 95 -14.39 5.72 12.62
CA CYS D 95 -13.22 5.80 13.45
C CYS D 95 -12.58 4.43 13.61
N GLY D 96 -11.36 4.44 14.16
CA GLY D 96 -10.62 3.23 14.43
C GLY D 96 -9.47 3.00 13.48
N GLU D 97 -9.15 1.72 13.25
CA GLU D 97 -7.98 1.36 12.48
C GLU D 97 -8.14 1.84 11.05
N GLY D 98 -7.09 2.49 10.53
CA GLY D 98 -7.10 3.02 9.19
C GLY D 98 -6.32 2.21 8.18
N SER D 99 -5.59 1.18 8.62
CA SER D 99 -4.73 0.39 7.72
C SER D 99 -5.44 0.03 6.42
N TYR D 100 -4.66 0.01 5.34
CA TYR D 100 -5.16 -0.31 4.00
C TYR D 100 -6.32 0.59 3.55
N GLY D 101 -6.33 1.85 3.98
CA GLY D 101 -7.38 2.83 3.62
C GLY D 101 -8.77 2.46 4.10
N ARG D 102 -8.84 1.80 5.26
CA ARG D 102 -10.06 1.18 5.76
C ARG D 102 -11.23 2.16 5.92
N LEU D 103 -10.90 3.37 6.34
CA LEU D 103 -11.91 4.35 6.74
C LEU D 103 -12.29 5.29 5.62
N GLY D 104 -11.72 5.07 4.43
CA GLY D 104 -12.04 5.83 3.26
C GLY D 104 -11.73 7.33 3.32
N GLN D 105 -10.66 7.70 4.04
CA GLN D 105 -10.28 9.08 4.23
C GLN D 105 -9.19 9.53 3.26
N GLY D 106 -8.65 8.62 2.47
CA GLY D 106 -7.54 8.96 1.59
C GLY D 106 -6.15 8.70 2.18
N ASN D 107 -6.10 8.02 3.30
CA ASN D 107 -4.82 7.67 3.93
C ASN D 107 -5.00 6.48 4.88
N SER D 108 -3.93 5.98 5.51
CA SER D 108 -4.07 4.84 6.45
C SER D 108 -3.99 5.18 7.94
N ASP D 109 -4.22 6.44 8.31
CA ASP D 109 -4.10 6.85 9.71
C ASP D 109 -5.26 6.29 10.50
N ASP D 110 -5.01 5.98 11.77
CA ASP D 110 -6.08 5.66 12.69
C ASP D 110 -6.79 6.96 13.12
N LEU D 111 -8.12 6.90 13.27
CA LEU D 111 -8.93 8.02 13.72
C LEU D 111 -9.52 7.72 15.09
N HIS D 112 -9.40 8.67 16.03
CA HIS D 112 -9.87 8.45 17.40
C HIS D 112 -11.21 9.14 17.69
N VAL D 113 -11.71 9.91 16.74
CA VAL D 113 -13.07 10.46 16.84
C VAL D 113 -13.74 10.23 15.52
N LEU D 114 -15.06 10.00 15.57
CA LEU D 114 -15.84 9.85 14.37
C LEU D 114 -15.57 10.99 13.42
N THR D 115 -15.27 10.63 12.18
CA THR D 115 -14.88 11.60 11.19
C THR D 115 -15.68 11.27 9.93
N VAL D 116 -16.27 12.31 9.35
CA VAL D 116 -17.08 12.19 8.14
C VAL D 116 -16.26 11.58 7.00
N ILE D 117 -16.87 10.67 6.24
CA ILE D 117 -16.29 10.20 4.99
C ILE D 117 -16.75 11.17 3.92
N SER D 118 -15.87 12.13 3.61
CA SER D 118 -16.18 13.21 2.67
C SER D 118 -16.61 12.70 1.34
N ALA D 119 -15.93 11.67 0.88
CA ALA D 119 -16.19 11.14 -0.46
C ALA D 119 -17.63 10.65 -0.66
N LEU D 120 -18.39 10.43 0.41
CA LEU D 120 -19.77 10.00 0.24
C LEU D 120 -20.74 11.15 0.44
N GLN D 121 -20.21 12.33 0.78
CA GLN D 121 -21.08 13.51 0.91
C GLN D 121 -21.79 13.82 -0.40
N GLY D 122 -23.09 14.05 -0.34
CA GLY D 122 -23.90 14.20 -1.55
C GLY D 122 -24.79 13.01 -1.80
N PHE D 123 -24.45 11.85 -1.21
CA PHE D 123 -25.30 10.69 -1.29
C PHE D 123 -25.91 10.37 0.06
N VAL D 124 -27.14 9.90 0.05
CA VAL D 124 -27.79 9.39 1.24
C VAL D 124 -27.48 7.89 1.35
N VAL D 125 -26.50 7.53 2.18
CA VAL D 125 -26.19 6.13 2.44
C VAL D 125 -27.25 5.49 3.35
N THR D 126 -27.80 4.36 2.90
CA THR D 126 -28.83 3.62 3.64
C THR D 126 -28.30 2.33 4.31
N GLN D 127 -27.24 1.77 3.75
CA GLN D 127 -26.62 0.57 4.29
C GLN D 127 -25.12 0.60 4.13
N LEU D 128 -24.42 -0.03 5.05
CA LEU D 128 -22.99 -0.17 4.97
C LEU D 128 -22.56 -1.52 5.56
N VAL D 129 -21.64 -2.18 4.88
CA VAL D 129 -21.08 -3.44 5.39
C VAL D 129 -19.57 -3.36 5.34
N THR D 130 -18.92 -4.14 6.17
CA THR D 130 -17.47 -4.10 6.25
C THR D 130 -16.97 -5.44 6.71
N SER D 131 -15.80 -5.78 6.21
CA SER D 131 -15.08 -7.00 6.55
C SER D 131 -14.70 -7.12 8.05
N CYS D 132 -14.72 -8.35 8.57
CA CYS D 132 -14.21 -8.64 9.92
C CYS D 132 -12.81 -9.29 9.94
N GLY D 133 -12.09 -9.23 8.83
CA GLY D 133 -10.78 -9.83 8.76
C GLY D 133 -10.05 -9.60 7.45
N SER D 134 -8.86 -10.21 7.37
CA SER D 134 -7.87 -9.97 6.32
C SER D 134 -7.54 -8.47 6.30
N ASP D 135 -7.20 -7.91 5.15
CA ASP D 135 -6.68 -6.54 5.10
C ASP D 135 -7.77 -5.45 5.09
N GLY D 136 -9.03 -5.84 4.87
CA GLY D 136 -10.14 -4.93 5.15
C GLY D 136 -10.74 -4.26 3.95
N HIS D 137 -12.06 -4.37 3.81
CA HIS D 137 -12.76 -3.63 2.80
C HIS D 137 -14.20 -3.44 3.20
N SER D 138 -14.84 -2.47 2.57
CA SER D 138 -16.20 -2.06 2.92
C SER D 138 -17.01 -1.73 1.69
N MET D 139 -18.33 -1.80 1.84
CA MET D 139 -19.28 -1.36 0.79
C MET D 139 -20.38 -0.51 1.41
N ALA D 140 -20.82 0.49 0.67
CA ALA D 140 -21.89 1.39 1.06
C ALA D 140 -22.96 1.45 -0.02
N LEU D 141 -24.23 1.41 0.37
CA LEU D 141 -25.36 1.47 -0.59
C LEU D 141 -26.06 2.81 -0.46
N THR D 142 -26.39 3.46 -1.57
CA THR D 142 -27.07 4.76 -1.50
C THR D 142 -28.55 4.62 -1.79
N GLU D 143 -29.32 5.65 -1.45
CA GLU D 143 -30.77 5.68 -1.73
CA GLU D 143 -30.76 5.64 -1.74
C GLU D 143 -31.02 5.48 -3.22
N SER D 144 -30.23 6.15 -4.04
CA SER D 144 -30.38 6.12 -5.48
C SER D 144 -29.88 4.82 -6.13
N GLY D 145 -29.50 3.84 -5.32
CA GLY D 145 -29.20 2.48 -5.82
C GLY D 145 -27.73 2.13 -6.09
N GLU D 146 -26.83 3.08 -5.92
CA GLU D 146 -25.41 2.89 -6.24
C GLU D 146 -24.59 2.27 -5.10
N VAL D 147 -23.64 1.39 -5.45
CA VAL D 147 -22.74 0.76 -4.47
C VAL D 147 -21.32 1.35 -4.53
N PHE D 148 -20.81 1.77 -3.38
CA PHE D 148 -19.42 2.26 -3.26
C PHE D 148 -18.58 1.28 -2.50
N SER D 149 -17.35 1.10 -2.91
CA SER D 149 -16.45 0.22 -2.17
C SER D 149 -15.09 0.85 -1.94
N TRP D 150 -14.42 0.44 -0.88
CA TRP D 150 -13.09 0.96 -0.54
C TRP D 150 -12.34 0.06 0.41
N GLY D 151 -11.02 0.27 0.46
CA GLY D 151 -10.12 -0.51 1.31
C GLY D 151 -9.11 -1.29 0.48
N ASP D 152 -8.75 -2.47 0.95
CA ASP D 152 -7.79 -3.31 0.24
C ASP D 152 -8.38 -3.92 -1.03
N GLY D 153 -7.62 -3.85 -2.11
CA GLY D 153 -8.06 -4.34 -3.39
C GLY D 153 -7.63 -5.74 -3.81
N ASP D 154 -6.87 -6.45 -2.99
CA ASP D 154 -6.36 -7.73 -3.45
C ASP D 154 -7.50 -8.63 -3.86
N TYR D 155 -7.27 -9.45 -4.88
CA TYR D 155 -8.18 -10.49 -5.32
C TYR D 155 -9.40 -9.99 -6.08
N GLY D 156 -9.56 -8.67 -6.19
CA GLY D 156 -10.65 -8.07 -6.94
C GLY D 156 -11.93 -7.87 -6.14
N LYS D 157 -11.84 -8.02 -4.82
CA LYS D 157 -13.01 -7.89 -3.93
C LYS D 157 -13.72 -6.53 -3.89
N LEU D 158 -13.10 -5.48 -4.40
CA LEU D 158 -13.75 -4.16 -4.50
C LEU D 158 -14.63 -4.00 -5.76
N GLY D 159 -14.42 -4.86 -6.76
CA GLY D 159 -15.34 -4.95 -7.89
C GLY D 159 -15.06 -3.97 -9.02
N HIS D 160 -13.84 -3.39 -9.08
CA HIS D 160 -13.57 -2.32 -10.07
C HIS D 160 -12.88 -2.79 -11.33
N GLY D 161 -12.64 -4.09 -11.47
CA GLY D 161 -11.98 -4.63 -12.65
C GLY D 161 -10.46 -4.54 -12.62
N ASN D 162 -9.92 -4.35 -11.42
CA ASN D 162 -8.49 -4.37 -11.17
C ASN D 162 -8.31 -4.81 -9.72
N SER D 163 -7.07 -4.90 -9.25
CA SER D 163 -6.76 -5.29 -7.89
CA SER D 163 -6.80 -5.28 -7.87
C SER D 163 -6.22 -4.10 -7.07
N ASP D 164 -6.51 -2.87 -7.52
CA ASP D 164 -6.04 -1.66 -6.84
C ASP D 164 -6.71 -1.39 -5.47
N ARG D 165 -5.90 -0.99 -4.51
CA ARG D 165 -6.46 -0.38 -3.32
C ARG D 165 -7.27 0.85 -3.65
N GLN D 166 -8.30 1.12 -2.86
CA GLN D 166 -9.04 2.38 -2.98
C GLN D 166 -9.08 3.02 -1.61
N ARG D 167 -8.36 4.12 -1.48
CA ARG D 167 -8.28 4.81 -0.19
C ARG D 167 -9.45 5.77 0.05
N ARG D 168 -10.31 5.92 -0.96
CA ARG D 168 -11.58 6.60 -0.84
C ARG D 168 -12.65 5.76 -1.54
N PRO D 169 -13.92 5.83 -1.08
CA PRO D 169 -15.05 5.16 -1.74
C PRO D 169 -15.06 5.45 -3.23
N ARG D 170 -15.14 4.41 -4.03
CA ARG D 170 -15.27 4.51 -5.47
C ARG D 170 -16.52 3.70 -5.85
N GLN D 171 -17.35 4.30 -6.69
CA GLN D 171 -18.55 3.61 -7.18
C GLN D 171 -18.20 2.37 -8.00
N ILE D 172 -18.86 1.26 -7.70
CA ILE D 172 -18.75 0.05 -8.53
C ILE D 172 -19.60 0.23 -9.79
N GLU D 173 -18.95 0.64 -10.87
CA GLU D 173 -19.59 0.94 -12.15
C GLU D 173 -20.38 -0.23 -12.66
N ALA D 174 -19.86 -1.45 -12.47
CA ALA D 174 -20.55 -2.63 -12.95
C ALA D 174 -21.95 -2.82 -12.34
N LEU D 175 -22.22 -2.25 -11.17
CA LEU D 175 -23.53 -2.44 -10.56
C LEU D 175 -24.49 -1.27 -10.85
N GLN D 176 -24.09 -0.32 -11.67
CA GLN D 176 -24.96 0.80 -12.01
C GLN D 176 -26.24 0.28 -12.64
N GLY D 177 -27.38 0.71 -12.10
CA GLY D 177 -28.66 0.31 -12.64
C GLY D 177 -29.08 -1.12 -12.34
N GLU D 178 -28.40 -1.80 -11.41
CA GLU D 178 -28.82 -3.14 -10.97
C GLU D 178 -29.78 -3.15 -9.76
N GLU D 179 -29.95 -2.01 -9.09
CA GLU D 179 -30.81 -1.93 -7.89
C GLU D 179 -30.42 -2.92 -6.80
N VAL D 180 -29.20 -2.75 -6.31
CA VAL D 180 -28.73 -3.49 -5.18
C VAL D 180 -29.54 -3.14 -3.95
N VAL D 181 -29.92 -4.15 -3.19
CA VAL D 181 -30.69 -3.94 -1.96
C VAL D 181 -30.05 -4.51 -0.70
N GLN D 182 -28.97 -5.31 -0.84
CA GLN D 182 -28.33 -5.92 0.33
C GLN D 182 -26.93 -6.39 -0.04
N MET D 183 -25.99 -6.24 0.88
CA MET D 183 -24.59 -6.56 0.60
C MET D 183 -23.94 -7.32 1.75
N SER D 184 -22.83 -8.00 1.44
CA SER D 184 -22.02 -8.65 2.49
C SER D 184 -20.53 -8.62 2.10
N CYS D 185 -19.65 -8.36 3.08
CA CYS D 185 -18.20 -8.43 2.86
C CYS D 185 -17.66 -9.60 3.66
N GLY D 186 -17.12 -10.61 2.97
CA GLY D 186 -16.30 -11.64 3.60
C GLY D 186 -14.87 -11.15 3.81
N PHE D 187 -13.95 -12.03 4.19
CA PHE D 187 -12.57 -11.59 4.42
C PHE D 187 -11.85 -11.21 3.11
N LYS D 188 -12.09 -11.95 2.03
CA LYS D 188 -11.38 -11.71 0.77
C LYS D 188 -12.35 -11.80 -0.40
N HIS D 189 -13.65 -11.75 -0.13
CA HIS D 189 -14.64 -11.70 -1.19
C HIS D 189 -15.85 -10.86 -0.76
N SER D 190 -16.67 -10.56 -1.76
CA SER D 190 -17.83 -9.70 -1.60
C SER D 190 -19.04 -10.26 -2.33
N ALA D 191 -20.23 -9.83 -1.96
CA ALA D 191 -21.45 -10.24 -2.67
C ALA D 191 -22.53 -9.22 -2.50
N VAL D 192 -23.41 -9.15 -3.49
CA VAL D 192 -24.57 -8.28 -3.42
C VAL D 192 -25.77 -8.98 -4.02
N VAL D 193 -26.94 -8.54 -3.57
CA VAL D 193 -28.21 -9.06 -3.97
C VAL D 193 -29.03 -7.86 -4.45
N THR D 194 -29.83 -8.07 -5.48
CA THR D 194 -30.60 -6.99 -6.10
C THR D 194 -32.10 -7.15 -5.89
N SER D 195 -32.85 -6.10 -6.25
CA SER D 195 -34.30 -6.08 -6.06
C SER D 195 -35.01 -7.15 -6.90
N ASP D 196 -34.34 -7.66 -7.92
CA ASP D 196 -34.87 -8.78 -8.71
C ASP D 196 -34.41 -10.13 -8.20
N GLY D 197 -33.68 -10.16 -7.09
CA GLY D 197 -33.18 -11.43 -6.57
C GLY D 197 -31.98 -11.99 -7.30
N LYS D 198 -31.22 -11.15 -8.00
CA LYS D 198 -29.96 -11.61 -8.58
C LYS D 198 -28.94 -11.63 -7.47
N LEU D 199 -27.99 -12.55 -7.54
CA LEU D 199 -26.87 -12.58 -6.62
C LEU D 199 -25.58 -12.44 -7.42
N PHE D 200 -24.70 -11.55 -7.00
CA PHE D 200 -23.42 -11.34 -7.69
C PHE D 200 -22.32 -11.54 -6.67
N THR D 201 -21.25 -12.25 -7.01
CA THR D 201 -20.13 -12.39 -6.10
C THR D 201 -18.86 -11.94 -6.79
N PHE D 202 -17.88 -11.52 -6.00
CA PHE D 202 -16.59 -11.13 -6.54
C PHE D 202 -15.52 -11.23 -5.50
N GLY D 203 -14.27 -11.28 -5.94
CA GLY D 203 -13.13 -11.41 -5.04
C GLY D 203 -12.42 -12.74 -5.18
N ASN D 204 -11.84 -13.22 -4.09
CA ASN D 204 -11.02 -14.41 -4.10
C ASN D 204 -11.86 -15.64 -4.38
N GLY D 205 -11.42 -16.45 -5.32
CA GLY D 205 -12.16 -17.64 -5.75
C GLY D 205 -11.82 -18.97 -5.10
N ASP D 206 -10.75 -19.02 -4.32
CA ASP D 206 -10.31 -20.26 -3.65
C ASP D 206 -11.40 -20.98 -2.86
N TYR D 207 -11.43 -22.31 -3.01
CA TYR D 207 -12.31 -23.21 -2.28
C TYR D 207 -13.80 -23.02 -2.63
N GLY D 208 -14.12 -22.26 -3.68
CA GLY D 208 -15.52 -22.18 -4.17
C GLY D 208 -16.40 -21.09 -3.60
N ARG D 209 -15.82 -20.14 -2.88
CA ARG D 209 -16.61 -19.19 -2.08
C ARG D 209 -17.47 -18.23 -2.90
N LEU D 210 -17.19 -18.09 -4.20
CA LEU D 210 -17.98 -17.24 -5.08
C LEU D 210 -19.21 -17.95 -5.65
N GLY D 211 -19.23 -19.28 -5.57
CA GLY D 211 -20.35 -20.09 -5.97
C GLY D 211 -20.52 -20.20 -7.47
N LEU D 212 -19.41 -20.03 -8.17
CA LEU D 212 -19.43 -19.94 -9.63
C LEU D 212 -18.98 -21.24 -10.33
N GLY D 213 -18.83 -22.31 -9.58
CA GLY D 213 -18.46 -23.59 -10.17
C GLY D 213 -16.97 -23.82 -10.39
N ASN D 214 -16.13 -22.92 -9.90
CA ASN D 214 -14.68 -23.06 -10.12
C ASN D 214 -13.96 -22.25 -9.05
N THR D 215 -12.65 -22.08 -9.15
CA THR D 215 -11.91 -21.39 -8.08
C THR D 215 -11.18 -20.10 -8.53
N SER D 216 -11.59 -19.50 -9.62
CA SER D 216 -10.90 -18.28 -10.09
C SER D 216 -11.38 -17.02 -9.38
N ASN D 217 -10.44 -16.12 -9.12
CA ASN D 217 -10.77 -14.78 -8.63
C ASN D 217 -11.61 -14.00 -9.65
N LYS D 218 -12.46 -13.10 -9.15
CA LYS D 218 -13.24 -12.22 -10.00
C LYS D 218 -13.06 -10.77 -9.56
N LYS D 219 -12.63 -9.91 -10.49
CA LYS D 219 -12.42 -8.47 -10.24
C LYS D 219 -13.65 -7.64 -10.56
N LEU D 220 -14.67 -8.26 -11.17
CA LEU D 220 -15.96 -7.63 -11.47
C LEU D 220 -17.07 -8.50 -10.90
N PRO D 221 -18.19 -7.90 -10.47
CA PRO D 221 -19.27 -8.69 -9.92
C PRO D 221 -19.77 -9.70 -10.95
N GLU D 222 -19.95 -10.94 -10.52
CA GLU D 222 -20.26 -12.04 -11.42
C GLU D 222 -21.56 -12.71 -10.96
N ARG D 223 -22.49 -12.90 -11.88
CA ARG D 223 -23.76 -13.48 -11.53
C ARG D 223 -23.57 -14.94 -11.13
N VAL D 224 -24.19 -15.32 -10.01
CA VAL D 224 -24.21 -16.70 -9.55
C VAL D 224 -25.36 -17.37 -10.32
N THR D 225 -25.05 -17.86 -11.51
CA THR D 225 -26.06 -18.37 -12.41
C THR D 225 -26.61 -19.73 -11.98
N ALA D 226 -25.91 -20.43 -11.09
CA ALA D 226 -26.49 -21.64 -10.49
C ALA D 226 -27.83 -21.34 -9.79
N LEU D 227 -28.04 -20.08 -9.41
CA LEU D 227 -29.23 -19.68 -8.73
C LEU D 227 -30.17 -18.81 -9.58
N GLU D 228 -29.95 -18.79 -10.89
CA GLU D 228 -30.71 -17.92 -11.77
C GLU D 228 -32.21 -18.25 -11.85
N GLY D 229 -32.58 -19.48 -11.46
CA GLY D 229 -33.99 -19.84 -11.37
C GLY D 229 -34.63 -19.40 -10.06
N TYR D 230 -33.88 -18.76 -9.18
CA TYR D 230 -34.42 -18.40 -7.87
C TYR D 230 -34.26 -16.91 -7.61
N GLN D 231 -35.11 -16.40 -6.73
CA GLN D 231 -35.02 -15.02 -6.28
C GLN D 231 -34.34 -15.03 -4.93
N ILE D 232 -33.12 -14.51 -4.92
CA ILE D 232 -32.33 -14.45 -3.73
C ILE D 232 -32.66 -13.18 -2.95
N GLY D 233 -32.90 -13.33 -1.65
CA GLY D 233 -33.22 -12.21 -0.75
C GLY D 233 -32.11 -11.71 0.16
N GLN D 234 -31.16 -12.58 0.51
CA GLN D 234 -30.07 -12.15 1.37
C GLN D 234 -28.82 -12.98 1.15
N VAL D 235 -27.64 -12.39 1.40
CA VAL D 235 -26.39 -13.14 1.32
C VAL D 235 -25.50 -12.78 2.49
N ALA D 236 -24.72 -13.77 2.93
CA ALA D 236 -23.73 -13.53 3.95
C ALA D 236 -22.42 -14.24 3.63
N CYS D 237 -21.34 -13.56 3.97
CA CYS D 237 -19.97 -13.94 3.57
C CYS D 237 -19.05 -14.05 4.76
N GLY D 238 -18.30 -15.13 4.82
CA GLY D 238 -17.45 -15.38 5.97
C GLY D 238 -15.99 -15.23 5.60
N LEU D 239 -15.12 -15.87 6.38
CA LEU D 239 -13.72 -15.97 6.05
C LEU D 239 -13.51 -16.57 4.67
N ASN D 240 -14.17 -17.69 4.39
CA ASN D 240 -14.09 -18.29 3.09
C ASN D 240 -15.30 -19.16 2.70
N HIS D 241 -16.47 -18.83 3.24
CA HIS D 241 -17.69 -19.46 2.76
C HIS D 241 -18.78 -18.42 2.70
N THR D 242 -19.91 -18.82 2.15
CA THR D 242 -20.99 -17.92 1.83
C THR D 242 -22.32 -18.69 1.97
N LEU D 243 -23.35 -17.98 2.40
CA LEU D 243 -24.67 -18.53 2.55
C LEU D 243 -25.65 -17.60 1.86
N ALA D 244 -26.69 -18.17 1.26
CA ALA D 244 -27.71 -17.34 0.60
C ALA D 244 -29.07 -17.85 0.93
N VAL D 245 -30.03 -16.93 1.06
CA VAL D 245 -31.40 -17.25 1.41
C VAL D 245 -32.34 -16.71 0.35
N SER D 246 -33.37 -17.49 0.03
CA SER D 246 -34.34 -17.06 -0.98
C SER D 246 -35.17 -15.89 -0.44
N ALA D 247 -35.72 -15.10 -1.34
CA ALA D 247 -36.49 -13.92 -0.95
C ALA D 247 -37.73 -14.28 -0.12
N ASP D 248 -38.30 -15.46 -0.37
CA ASP D 248 -39.47 -15.88 0.39
C ASP D 248 -39.10 -16.64 1.68
N GLY D 249 -37.80 -16.79 1.95
CA GLY D 249 -37.34 -17.37 3.19
C GLY D 249 -37.39 -18.87 3.28
N SER D 250 -37.77 -19.56 2.19
CA SER D 250 -38.03 -20.99 2.24
C SER D 250 -36.85 -21.85 1.83
N MET D 251 -35.78 -21.24 1.33
CA MET D 251 -34.60 -22.00 0.93
C MET D 251 -33.29 -21.31 1.31
N VAL D 252 -32.29 -22.11 1.66
CA VAL D 252 -30.96 -21.60 2.02
C VAL D 252 -29.91 -22.43 1.32
N TRP D 253 -28.92 -21.77 0.74
CA TRP D 253 -27.82 -22.46 0.09
C TRP D 253 -26.52 -22.08 0.77
N ALA D 254 -25.55 -22.98 0.67
CA ALA D 254 -24.20 -22.74 1.17
C ALA D 254 -23.20 -23.09 0.09
N PHE D 255 -22.08 -22.38 0.11
CA PHE D 255 -20.95 -22.72 -0.74
C PHE D 255 -19.65 -22.11 -0.20
N GLY D 256 -18.55 -22.67 -0.66
CA GLY D 256 -17.23 -22.29 -0.21
C GLY D 256 -16.53 -23.38 0.56
N ASP D 257 -15.58 -22.98 1.38
CA ASP D 257 -14.84 -23.93 2.18
C ASP D 257 -15.74 -24.69 3.14
N GLY D 258 -15.41 -25.96 3.35
CA GLY D 258 -16.21 -26.87 4.18
C GLY D 258 -15.74 -27.12 5.62
N ASP D 259 -14.64 -26.50 6.02
CA ASP D 259 -14.03 -26.79 7.33
C ASP D 259 -14.98 -26.63 8.50
N TYR D 260 -14.85 -27.56 9.45
CA TYR D 260 -15.64 -27.59 10.66
C TYR D 260 -17.12 -27.75 10.40
N GLY D 261 -17.50 -28.19 9.20
CA GLY D 261 -18.92 -28.39 8.86
C GLY D 261 -19.77 -27.12 8.74
N LYS D 262 -19.12 -25.98 8.54
CA LYS D 262 -19.83 -24.69 8.51
C LYS D 262 -20.81 -24.49 7.32
N LEU D 263 -20.74 -25.34 6.30
CA LEU D 263 -21.74 -25.32 5.22
C LEU D 263 -23.05 -26.01 5.62
N GLY D 264 -23.00 -26.86 6.63
CA GLY D 264 -24.19 -27.46 7.21
C GLY D 264 -24.76 -28.60 6.38
N LEU D 265 -23.92 -29.26 5.61
CA LEU D 265 -24.34 -30.32 4.71
C LEU D 265 -23.98 -31.72 5.21
N GLY D 266 -23.36 -31.83 6.39
CA GLY D 266 -23.05 -33.15 6.97
C GLY D 266 -21.63 -33.64 6.75
N ASN D 267 -20.73 -32.76 6.35
CA ASN D 267 -19.32 -33.15 6.25
C ASN D 267 -18.43 -31.90 6.24
N SER D 268 -17.16 -32.04 5.86
CA SER D 268 -16.21 -30.93 5.80
C SER D 268 -15.66 -30.63 4.39
N THR D 269 -16.39 -31.03 3.36
CA THR D 269 -15.94 -30.85 1.99
C THR D 269 -16.36 -29.49 1.42
N ALA D 270 -15.40 -28.80 0.82
CA ALA D 270 -15.67 -27.52 0.15
C ALA D 270 -16.59 -27.77 -1.06
N LYS D 271 -17.43 -26.79 -1.38
CA LYS D 271 -18.36 -26.88 -2.51
C LYS D 271 -18.25 -25.61 -3.32
N SER D 272 -18.03 -25.74 -4.63
CA SER D 272 -17.89 -24.56 -5.44
C SER D 272 -19.19 -24.12 -6.16
N SER D 273 -20.26 -24.90 -6.02
CA SER D 273 -21.61 -24.50 -6.47
C SER D 273 -22.56 -24.49 -5.28
N PRO D 274 -23.57 -23.59 -5.29
CA PRO D 274 -24.47 -23.54 -4.14
C PRO D 274 -25.19 -24.87 -3.87
N GLN D 275 -25.25 -25.26 -2.59
CA GLN D 275 -25.85 -26.52 -2.18
C GLN D 275 -26.93 -26.22 -1.20
N LYS D 276 -28.10 -26.78 -1.43
CA LYS D 276 -29.21 -26.65 -0.50
C LYS D 276 -28.92 -27.20 0.91
N ILE D 277 -29.27 -26.44 1.94
CA ILE D 277 -29.20 -26.92 3.34
C ILE D 277 -30.60 -27.39 3.74
N ASP D 278 -30.85 -28.69 3.66
CA ASP D 278 -32.21 -29.25 3.79
C ASP D 278 -32.88 -28.95 5.13
N VAL D 279 -32.10 -29.00 6.20
CA VAL D 279 -32.58 -28.64 7.54
C VAL D 279 -33.22 -27.25 7.58
N LEU D 280 -32.67 -26.32 6.80
CA LEU D 280 -33.12 -24.93 6.83
C LEU D 280 -34.13 -24.60 5.71
N CYS D 281 -34.52 -25.60 4.93
CA CYS D 281 -35.46 -25.38 3.85
C CYS D 281 -36.87 -25.74 4.35
N GLY D 282 -37.82 -24.82 4.17
CA GLY D 282 -39.21 -25.04 4.56
C GLY D 282 -39.58 -24.65 5.98
N ILE D 283 -38.68 -23.99 6.69
CA ILE D 283 -38.95 -23.55 8.06
C ILE D 283 -39.17 -22.05 8.23
N GLY D 284 -38.91 -21.25 7.19
CA GLY D 284 -39.05 -19.80 7.27
C GLY D 284 -37.83 -19.13 7.86
N ILE D 285 -36.89 -18.76 7.00
CA ILE D 285 -35.64 -18.12 7.44
C ILE D 285 -35.73 -16.60 7.32
N LYS D 286 -35.40 -15.91 8.39
CA LYS D 286 -35.39 -14.46 8.44
C LYS D 286 -34.03 -13.91 8.06
N LYS D 287 -32.97 -14.53 8.55
CA LYS D 287 -31.64 -13.99 8.38
C LYS D 287 -30.58 -15.08 8.55
N VAL D 288 -29.51 -15.02 7.75
CA VAL D 288 -28.34 -15.85 7.98
C VAL D 288 -27.14 -14.96 8.22
N ALA D 289 -26.10 -15.52 8.84
CA ALA D 289 -24.87 -14.79 9.13
C ALA D 289 -23.70 -15.79 9.28
N CYS D 290 -22.50 -15.31 8.97
CA CYS D 290 -21.31 -16.18 8.88
C CYS D 290 -20.22 -15.61 9.71
N GLY D 291 -19.42 -16.48 10.31
CA GLY D 291 -18.21 -16.04 10.98
C GLY D 291 -17.05 -16.74 10.33
N THR D 292 -15.91 -16.74 10.99
CA THR D 292 -14.72 -17.37 10.46
C THR D 292 -14.95 -18.85 10.14
N GLN D 293 -15.48 -19.60 11.09
CA GLN D 293 -15.58 -21.05 10.91
C GLN D 293 -16.96 -21.58 11.28
N PHE D 294 -17.98 -20.72 11.18
CA PHE D 294 -19.29 -21.12 11.60
C PHE D 294 -20.35 -20.25 10.92
N SER D 295 -21.58 -20.67 11.07
CA SER D 295 -22.74 -20.09 10.41
C SER D 295 -23.86 -20.03 11.41
N VAL D 296 -24.73 -19.03 11.26
CA VAL D 296 -25.88 -18.84 12.13
C VAL D 296 -27.12 -18.52 11.29
N ALA D 297 -28.27 -19.09 11.63
CA ALA D 297 -29.52 -18.79 10.95
C ALA D 297 -30.62 -18.49 11.95
N LEU D 298 -31.41 -17.45 11.66
CA LEU D 298 -32.50 -17.03 12.51
C LEU D 298 -33.81 -17.25 11.74
N THR D 299 -34.74 -17.98 12.33
CA THR D 299 -36.03 -18.19 11.70
C THR D 299 -36.93 -17.02 11.97
N LYS D 300 -38.04 -16.99 11.25
CA LYS D 300 -39.01 -15.91 11.39
C LYS D 300 -39.81 -15.99 12.68
N ASP D 301 -39.94 -17.18 13.27
CA ASP D 301 -40.59 -17.31 14.58
C ASP D 301 -39.61 -17.25 15.76
N GLY D 302 -38.35 -16.85 15.49
CA GLY D 302 -37.44 -16.42 16.53
C GLY D 302 -36.43 -17.44 17.02
N HIS D 303 -36.26 -18.54 16.29
CA HIS D 303 -35.33 -19.61 16.70
C HIS D 303 -33.98 -19.42 16.04
N VAL D 304 -32.93 -19.81 16.73
CA VAL D 304 -31.58 -19.71 16.19
C VAL D 304 -30.98 -21.07 15.94
N TYR D 305 -30.43 -21.28 14.75
CA TYR D 305 -29.74 -22.50 14.40
C TYR D 305 -28.28 -22.17 14.12
N THR D 306 -27.37 -23.04 14.55
CA THR D 306 -25.94 -22.85 14.33
C THR D 306 -25.30 -24.14 13.83
N PHE D 307 -24.13 -23.98 13.21
CA PHE D 307 -23.36 -25.08 12.67
C PHE D 307 -21.97 -24.60 12.30
N GLY D 308 -21.00 -25.46 12.51
CA GLY D 308 -19.61 -25.09 12.27
C GLY D 308 -18.78 -25.45 13.48
N GLN D 309 -17.73 -24.67 13.72
CA GLN D 309 -16.78 -25.04 14.76
C GLN D 309 -17.44 -25.07 16.12
N ASP D 310 -17.16 -26.15 16.85
CA ASP D 310 -17.84 -26.48 18.11
C ASP D 310 -17.77 -25.41 19.17
N ARG D 311 -16.64 -24.73 19.28
CA ARG D 311 -16.42 -23.73 20.34
C ARG D 311 -17.17 -22.44 20.08
N LEU D 312 -17.69 -22.28 18.86
CA LEU D 312 -18.25 -21.01 18.41
C LEU D 312 -19.76 -21.03 18.11
N ILE D 313 -20.39 -22.20 18.19
CA ILE D 313 -21.79 -22.36 17.78
C ILE D 313 -22.83 -22.35 18.92
N GLY D 314 -22.38 -22.09 20.14
CA GLY D 314 -23.29 -21.80 21.22
C GLY D 314 -24.08 -22.99 21.75
N LEU D 315 -23.55 -24.19 21.54
CA LEU D 315 -24.24 -25.44 21.88
C LEU D 315 -23.56 -26.13 23.05
N PRO D 316 -24.35 -26.89 23.84
CA PRO D 316 -23.73 -27.70 24.87
C PRO D 316 -22.79 -28.69 24.23
N GLU D 317 -21.75 -29.05 24.96
CA GLU D 317 -20.71 -29.91 24.43
C GLU D 317 -21.22 -31.18 23.76
N GLY D 318 -22.18 -31.85 24.38
CA GLY D 318 -22.71 -33.06 23.77
C GLY D 318 -23.33 -32.82 22.41
N ARG D 319 -24.21 -31.82 22.31
CA ARG D 319 -24.86 -31.49 21.03
C ARG D 319 -23.89 -31.03 19.94
N ALA D 320 -22.79 -30.41 20.37
CA ALA D 320 -21.77 -29.90 19.45
C ALA D 320 -21.05 -31.02 18.66
N ARG D 321 -21.35 -32.29 18.94
CA ARG D 321 -20.89 -33.40 18.09
C ARG D 321 -21.57 -33.50 16.72
N ASN D 322 -22.80 -32.98 16.59
CA ASN D 322 -23.49 -32.92 15.26
C ASN D 322 -23.32 -31.53 14.64
N HIS D 323 -22.13 -30.96 14.82
CA HIS D 323 -21.87 -29.55 14.51
C HIS D 323 -21.86 -29.27 13.01
N ASN D 324 -21.80 -30.33 12.20
CA ASN D 324 -21.77 -30.20 10.75
C ASN D 324 -23.15 -30.20 10.08
N ARG D 325 -24.21 -30.21 10.88
CA ARG D 325 -25.55 -29.88 10.42
C ARG D 325 -26.18 -28.83 11.33
N PRO D 326 -27.08 -27.99 10.78
CA PRO D 326 -27.71 -26.97 11.61
C PRO D 326 -28.56 -27.57 12.74
N GLN D 327 -28.46 -26.98 13.93
CA GLN D 327 -29.22 -27.39 15.12
C GLN D 327 -29.66 -26.15 15.88
N GLN D 328 -30.85 -26.21 16.46
CA GLN D 328 -31.36 -25.13 17.29
C GLN D 328 -30.49 -24.99 18.56
N ILE D 329 -30.22 -23.76 18.97
CA ILE D 329 -29.54 -23.49 20.24
C ILE D 329 -30.55 -23.77 21.36
N PRO D 330 -30.25 -24.72 22.26
CA PRO D 330 -31.20 -25.09 23.34
C PRO D 330 -31.43 -24.02 24.40
N VAL D 331 -30.37 -23.34 24.84
CA VAL D 331 -30.47 -22.31 25.88
CA VAL D 331 -30.53 -22.36 25.91
C VAL D 331 -31.47 -21.24 25.48
N LEU D 332 -31.58 -20.99 24.19
CA LEU D 332 -32.48 -19.95 23.69
C LEU D 332 -33.83 -20.47 23.20
N ALA D 333 -34.12 -21.75 23.40
CA ALA D 333 -35.39 -22.31 22.91
C ALA D 333 -36.61 -21.55 23.45
N GLY D 334 -36.53 -21.11 24.71
CA GLY D 334 -37.62 -20.35 25.33
C GLY D 334 -37.69 -18.85 25.02
N VAL D 335 -36.80 -18.35 24.16
CA VAL D 335 -36.66 -16.92 23.90
C VAL D 335 -36.96 -16.64 22.43
N ILE D 336 -37.68 -15.54 22.15
CA ILE D 336 -37.93 -15.12 20.78
C ILE D 336 -36.83 -14.13 20.41
N ILE D 337 -35.97 -14.55 19.49
CA ILE D 337 -34.84 -13.73 19.02
C ILE D 337 -35.24 -12.95 17.77
N GLU D 338 -35.00 -11.64 17.80
CA GLU D 338 -35.39 -10.71 16.73
C GLU D 338 -34.24 -10.40 15.75
N ASP D 339 -32.99 -10.39 16.25
CA ASP D 339 -31.82 -10.28 15.38
C ASP D 339 -30.59 -10.99 15.96
N VAL D 340 -29.67 -11.35 15.08
CA VAL D 340 -28.35 -11.85 15.48
C VAL D 340 -27.33 -11.02 14.73
N ALA D 341 -26.13 -10.93 15.29
CA ALA D 341 -25.03 -10.20 14.70
C ALA D 341 -23.81 -11.02 14.99
N VAL D 342 -23.04 -11.33 13.93
CA VAL D 342 -21.89 -12.19 14.05
C VAL D 342 -20.63 -11.42 13.70
N GLY D 343 -19.59 -11.56 14.50
CA GLY D 343 -18.31 -10.91 14.24
C GLY D 343 -17.38 -11.95 13.63
N ALA D 344 -16.11 -11.89 13.95
CA ALA D 344 -15.20 -12.93 13.50
C ALA D 344 -15.50 -14.25 14.25
N GLU D 345 -15.42 -14.19 15.58
CA GLU D 345 -15.54 -15.40 16.40
C GLU D 345 -16.48 -15.24 17.60
N HIS D 346 -17.40 -14.28 17.53
CA HIS D 346 -18.45 -14.18 18.52
C HIS D 346 -19.78 -13.81 17.87
N THR D 347 -20.85 -14.09 18.60
CA THR D 347 -22.23 -13.82 18.18
C THR D 347 -22.98 -13.07 19.29
N LEU D 348 -23.78 -12.09 18.90
CA LEU D 348 -24.72 -11.43 19.77
C LEU D 348 -26.13 -11.74 19.25
N ALA D 349 -27.09 -11.86 20.15
CA ALA D 349 -28.49 -12.07 19.79
C ALA D 349 -29.39 -11.12 20.61
N LEU D 350 -30.37 -10.51 19.96
CA LEU D 350 -31.26 -9.56 20.59
C LEU D 350 -32.62 -10.19 20.71
N ALA D 351 -33.16 -10.27 21.93
CA ALA D 351 -34.48 -10.86 22.14
C ALA D 351 -35.56 -9.80 21.97
N SER D 352 -36.79 -10.23 21.74
CA SER D 352 -37.90 -9.30 21.49
C SER D 352 -38.14 -8.33 22.64
N ASN D 353 -37.85 -8.77 23.87
CA ASN D 353 -37.97 -7.91 25.06
C ASN D 353 -36.80 -6.93 25.28
N GLY D 354 -35.79 -6.96 24.42
CA GLY D 354 -34.63 -6.06 24.53
C GLY D 354 -33.38 -6.67 25.15
N ASP D 355 -33.49 -7.88 25.71
CA ASP D 355 -32.33 -8.60 26.24
C ASP D 355 -31.31 -8.95 25.15
N VAL D 356 -30.04 -8.88 25.52
CA VAL D 356 -28.96 -9.25 24.59
C VAL D 356 -28.18 -10.40 25.18
N TYR D 357 -27.96 -11.43 24.36
CA TYR D 357 -27.15 -12.60 24.72
C TYR D 357 -25.85 -12.61 23.89
N ALA D 358 -24.78 -13.16 24.46
CA ALA D 358 -23.47 -13.20 23.81
C ALA D 358 -22.78 -14.53 24.03
N TRP D 359 -22.03 -14.98 23.04
CA TRP D 359 -21.21 -16.17 23.13
C TRP D 359 -20.11 -16.25 22.09
N GLY D 360 -19.13 -17.13 22.36
CA GLY D 360 -17.97 -17.31 21.52
C GLY D 360 -16.66 -16.81 22.13
N SER D 361 -15.76 -16.38 21.26
CA SER D 361 -14.46 -15.86 21.67
C SER D 361 -14.61 -14.55 22.43
N ASN D 362 -13.68 -14.27 23.34
CA ASN D 362 -13.84 -13.17 24.28
C ASN D 362 -12.49 -12.66 24.80
N SER D 363 -11.40 -12.98 24.12
CA SER D 363 -10.08 -12.60 24.63
C SER D 363 -9.92 -11.08 24.67
N GLU D 364 -10.76 -10.34 23.92
CA GLU D 364 -10.74 -8.89 23.95
C GLU D 364 -11.93 -8.27 24.68
N GLY D 365 -12.68 -9.08 25.41
CA GLY D 365 -13.87 -8.60 26.09
C GLY D 365 -15.06 -8.32 25.20
N GLN D 366 -15.05 -8.86 23.98
CA GLN D 366 -16.11 -8.59 22.98
C GLN D 366 -17.51 -9.09 23.34
N LEU D 367 -17.62 -10.00 24.30
CA LEU D 367 -18.94 -10.44 24.75
C LEU D 367 -19.61 -9.49 25.75
N GLY D 368 -18.83 -8.59 26.36
CA GLY D 368 -19.40 -7.59 27.26
C GLY D 368 -19.85 -8.16 28.60
N LEU D 369 -19.17 -9.20 29.04
CA LEU D 369 -19.56 -9.96 30.25
C LEU D 369 -18.66 -9.67 31.47
N GLY D 370 -17.69 -8.77 31.31
CA GLY D 370 -16.85 -8.36 32.43
C GLY D 370 -15.62 -9.22 32.62
N HIS D 371 -15.36 -10.14 31.68
CA HIS D 371 -14.15 -10.96 31.73
C HIS D 371 -13.65 -11.17 30.32
N THR D 372 -12.53 -11.88 30.17
CA THR D 372 -12.01 -12.23 28.85
C THR D 372 -11.89 -13.73 28.65
N ASN D 373 -12.66 -14.51 29.39
CA ASN D 373 -12.78 -15.93 29.18
C ASN D 373 -13.80 -16.29 28.08
N HIS D 374 -13.42 -17.28 27.30
CA HIS D 374 -14.29 -17.86 26.32
C HIS D 374 -15.65 -18.24 26.89
N VAL D 375 -16.72 -18.05 26.14
CA VAL D 375 -18.05 -18.45 26.59
C VAL D 375 -18.71 -19.37 25.57
N ARG D 376 -19.08 -20.57 26.01
CA ARG D 376 -19.65 -21.58 25.13
C ARG D 376 -21.11 -21.28 24.74
N GLU D 377 -21.99 -21.06 25.71
CA GLU D 377 -23.42 -20.93 25.43
C GLU D 377 -23.92 -19.52 25.67
N PRO D 378 -25.03 -19.15 24.98
CA PRO D 378 -25.54 -17.79 25.05
C PRO D 378 -25.73 -17.35 26.50
N THR D 379 -25.20 -16.19 26.83
CA THR D 379 -25.13 -15.68 28.20
C THR D 379 -25.64 -14.26 28.17
N LEU D 380 -26.54 -13.95 29.10
CA LEU D 380 -27.13 -12.63 29.16
C LEU D 380 -26.08 -11.56 29.43
N VAL D 381 -26.19 -10.44 28.71
CA VAL D 381 -25.28 -9.31 28.90
C VAL D 381 -25.98 -8.35 29.85
N THR D 382 -25.69 -8.53 31.14
CA THR D 382 -26.41 -7.84 32.20
C THR D 382 -26.21 -6.33 32.13
N GLY D 383 -25.04 -5.91 31.64
CA GLY D 383 -24.78 -4.48 31.42
C GLY D 383 -25.80 -3.73 30.61
N LEU D 384 -26.56 -4.42 29.76
CA LEU D 384 -27.57 -3.79 28.92
C LEU D 384 -28.99 -3.94 29.45
N GLN D 385 -29.19 -4.76 30.47
CA GLN D 385 -30.54 -4.86 31.07
C GLN D 385 -31.06 -3.45 31.40
N GLY D 386 -32.23 -3.13 30.85
CA GLY D 386 -32.91 -1.87 31.12
C GLY D 386 -32.53 -0.71 30.21
N LYS D 387 -31.71 -0.97 29.19
CA LYS D 387 -31.23 0.12 28.32
C LYS D 387 -32.05 0.31 27.04
N ASN D 388 -33.09 -0.50 26.84
CA ASN D 388 -33.92 -0.39 25.63
C ASN D 388 -33.14 -0.56 24.32
N VAL D 389 -32.18 -1.48 24.30
CA VAL D 389 -31.44 -1.79 23.07
C VAL D 389 -32.43 -2.26 22.01
N ARG D 390 -32.31 -1.69 20.82
CA ARG D 390 -33.13 -2.08 19.68
C ARG D 390 -32.28 -2.63 18.50
N GLN D 391 -30.96 -2.43 18.54
CA GLN D 391 -30.08 -2.89 17.47
C GLN D 391 -28.71 -3.29 18.03
N ILE D 392 -28.07 -4.21 17.30
CA ILE D 392 -26.76 -4.74 17.66
C ILE D 392 -25.83 -4.91 16.46
N SER D 393 -24.53 -4.88 16.71
CA SER D 393 -23.54 -5.11 15.67
C SER D 393 -22.31 -5.76 16.29
N ALA D 394 -21.62 -6.58 15.53
CA ALA D 394 -20.45 -7.34 15.99
C ALA D 394 -19.32 -7.26 14.96
N GLY D 395 -18.13 -6.88 15.43
CA GLY D 395 -16.98 -6.72 14.57
C GLY D 395 -15.98 -7.80 14.84
N ARG D 396 -14.73 -7.57 14.44
CA ARG D 396 -13.69 -8.58 14.63
C ARG D 396 -13.52 -8.91 16.12
N CYS D 397 -13.35 -7.91 16.95
CA CYS D 397 -13.29 -8.12 18.37
C CYS D 397 -13.78 -6.91 19.16
N HIS D 398 -14.82 -6.25 18.66
CA HIS D 398 -15.59 -5.30 19.43
C HIS D 398 -17.04 -5.36 19.00
N SER D 399 -17.90 -4.64 19.72
CA SER D 399 -19.36 -4.82 19.63
C SER D 399 -20.05 -3.54 19.95
N ALA D 400 -21.31 -3.45 19.51
CA ALA D 400 -22.12 -2.28 19.77
C ALA D 400 -23.59 -2.64 19.91
N ALA D 401 -24.27 -1.82 20.70
CA ALA D 401 -25.68 -1.96 20.90
C ALA D 401 -26.22 -0.57 21.11
N TRP D 402 -27.37 -0.27 20.49
CA TRP D 402 -27.89 1.08 20.54
C TRP D 402 -29.41 1.11 20.46
N THR D 403 -29.97 2.27 20.81
CA THR D 403 -31.42 2.39 21.04
C THR D 403 -32.22 2.95 19.90
N ALA D 404 -31.55 3.39 18.84
CA ALA D 404 -32.27 3.89 17.65
C ALA D 404 -33.07 2.77 16.96
MG MG E . 19.15 28.11 -0.59
CL CL F . 10.29 -11.45 -3.21
CL CL G . -1.36 16.33 -19.22
CL CL H . -0.87 6.64 5.15
UNK UNX I . 20.42 30.95 -6.27
UNK UNX J . 6.46 27.15 1.68
UNK UNX K . 25.59 -5.44 9.46
UNK UNX L . -3.09 -0.21 -5.35
UNK UNX M . 29.66 -2.49 1.70
MG MG N . 0.89 -27.14 -6.87
UNK UNX O . 9.14 -8.06 -17.52
UNK UNX P . -22.59 -17.86 -20.09
UNK UNX Q . -7.21 -27.66 -27.84
UNK UNX R . -6.48 -20.95 -35.26
UNK UNX S . -2.79 -20.16 -10.85
UNK UNX T . -11.39 -45.13 -36.24
UNK UNX U . -13.74 -30.73 -11.21
UNK UNX V . -32.37 -20.23 -25.82
UNK UNX W . -14.65 -4.27 -18.56
UNK UNX X . 24.29 29.49 13.81
UNK UNX Y . 11.80 26.25 27.25
UNK UNX Z . 1.66 7.74 42.41
MG MG AA . -11.24 -26.92 3.67
CL CL BA . -40.85 -21.48 4.44
CL CL CA . -7.63 -2.52 18.63
UNK UNX DA . -34.60 -4.40 -13.01
UNK UNX EA . -8.51 4.68 6.37
UNK UNX FA . -29.58 -4.35 -17.39
UNK UNX GA . -1.41 2.34 11.35
UNK UNX HA . -1.62 -7.91 -0.01
UNK UNX IA . -1.77 0.16 5.89
UNK UNX JA . -20.15 -28.08 -5.82
UNK UNX KA . -20.88 -7.01 -13.40
#